data_4N6L
# 
_entry.id   4N6L 
# 
_audit_conform.dict_name       mmcif_pdbx.dic 
_audit_conform.dict_version    5.399 
_audit_conform.dict_location   http://mmcif.pdb.org/dictionaries/ascii/mmcif_pdbx.dic 
# 
loop_
_database_2.database_id 
_database_2.database_code 
_database_2.pdbx_database_accession 
_database_2.pdbx_DOI 
PDB   4N6L         pdb_00004n6l 10.2210/pdb4n6l/pdb 
RCSB  RCSB082816   ?            ?                   
WWPDB D_1000082816 ?            ?                   
# 
loop_
_pdbx_audit_revision_history.ordinal 
_pdbx_audit_revision_history.data_content_type 
_pdbx_audit_revision_history.major_revision 
_pdbx_audit_revision_history.minor_revision 
_pdbx_audit_revision_history.revision_date 
1 'Structure model' 1 0 2015-02-18 
2 'Structure model' 1 1 2015-03-11 
3 'Structure model' 1 2 2023-09-20 
4 'Structure model' 1 3 2024-11-27 
# 
_pdbx_audit_revision_details.ordinal             1 
_pdbx_audit_revision_details.revision_ordinal    1 
_pdbx_audit_revision_details.data_content_type   'Structure model' 
_pdbx_audit_revision_details.provider            repository 
_pdbx_audit_revision_details.type                'Initial release' 
_pdbx_audit_revision_details.description         ? 
_pdbx_audit_revision_details.details             ? 
# 
loop_
_pdbx_audit_revision_group.ordinal 
_pdbx_audit_revision_group.revision_ordinal 
_pdbx_audit_revision_group.data_content_type 
_pdbx_audit_revision_group.group 
1 2 'Structure model' 'Database references'    
2 3 'Structure model' 'Data collection'        
3 3 'Structure model' 'Database references'    
4 3 'Structure model' 'Refinement description' 
5 4 'Structure model' 'Structure summary'      
# 
loop_
_pdbx_audit_revision_category.ordinal 
_pdbx_audit_revision_category.revision_ordinal 
_pdbx_audit_revision_category.data_content_type 
_pdbx_audit_revision_category.category 
1 3 'Structure model' chem_comp_atom                
2 3 'Structure model' chem_comp_bond                
3 3 'Structure model' database_2                    
4 3 'Structure model' pdbx_initial_refinement_model 
5 3 'Structure model' struct_ref_seq_dif            
6 4 'Structure model' pdbx_entry_details            
7 4 'Structure model' pdbx_modification_feature     
# 
loop_
_pdbx_audit_revision_item.ordinal 
_pdbx_audit_revision_item.revision_ordinal 
_pdbx_audit_revision_item.data_content_type 
_pdbx_audit_revision_item.item 
1 3 'Structure model' '_database_2.pdbx_DOI'                
2 3 'Structure model' '_database_2.pdbx_database_accession' 
3 3 'Structure model' '_struct_ref_seq_dif.details'         
# 
_pdbx_database_status.status_code                     REL 
_pdbx_database_status.entry_id                        4N6L 
_pdbx_database_status.recvd_initial_deposition_date   2013-10-14 
_pdbx_database_status.deposit_site                    RCSB 
_pdbx_database_status.process_site                    RCSB 
_pdbx_database_status.status_code_sf                  REL 
_pdbx_database_status.status_code_mr                  ? 
_pdbx_database_status.SG_entry                        ? 
_pdbx_database_status.status_code_cs                  ? 
_pdbx_database_status.methods_development_category    ? 
_pdbx_database_status.pdb_format_compatible           Y 
_pdbx_database_status.status_code_nmr_data            ? 
# 
loop_
_pdbx_database_related.db_name 
_pdbx_database_related.db_id 
_pdbx_database_related.details 
_pdbx_database_related.content_type 
PDB 4N6M . unspecified 
PDB 4N6N . unspecified 
PDB 4N6O . unspecified 
# 
loop_
_audit_author.name 
_audit_author.pdbx_ordinal 
'Dall, E.'         1 
'Brandstetter, H.' 2 
# 
_citation.id                        primary 
_citation.title                     'Structure and mechanism of an aspartimide-dependent Peptide ligase in human legumain.' 
_citation.journal_abbrev            Angew.Chem.Int.Ed.Engl. 
_citation.journal_volume            54 
_citation.page_first                2917 
_citation.page_last                 2921 
_citation.year                      2015 
_citation.journal_id_ASTM           ? 
_citation.country                   GE 
_citation.journal_id_ISSN           1433-7851 
_citation.journal_id_CSD            9999 
_citation.book_publisher            ? 
_citation.pdbx_database_id_PubMed   25630877 
_citation.pdbx_database_id_DOI      10.1002/anie.201409135 
# 
loop_
_citation_author.citation_id 
_citation_author.name 
_citation_author.ordinal 
_citation_author.identifier_ORCID 
primary 'Dall, E.'         1 ? 
primary 'Fegg, J.C.'       2 ? 
primary 'Briza, P.'        3 ? 
primary 'Brandstetter, H.' 4 ? 
# 
loop_
_entity.id 
_entity.type 
_entity.src_method 
_entity.pdbx_description 
_entity.formula_weight 
_entity.pdbx_number_of_molecules 
_entity.pdbx_ec 
_entity.pdbx_mutation 
_entity.pdbx_fragment 
_entity.details 
1 polymer man Cystatin-M 14924.931 1  ? ? 'UNP residues 29-149' ? 
2 water   nat water      18.015    91 ? ? ?                     ? 
# 
_entity_name_com.entity_id   1 
_entity_name_com.name        'Cystatin-6, Cystatin-E' 
# 
_entity_poly.entity_id                      1 
_entity_poly.type                           'polypeptide(L)' 
_entity_poly.nstd_linkage                   no 
_entity_poly.nstd_monomer                   no 
_entity_poly.pdbx_seq_one_letter_code       
;MDRPQERMVGELRDLSPDDPQVQKAAQAAVASYNMGSNSIYYFRDTHIIKAQSQLVAGIKYFLTMEMGSTDCRKTRVTGD
HVDLTTCPLAAGAQQEKLRCDFEVLVVPWQNSSQLLKHNCVQMLEHHHHHH
;
_entity_poly.pdbx_seq_one_letter_code_can   
;MDRPQERMVGELRDLSPDDPQVQKAAQAAVASYNMGSNSIYYFRDTHIIKAQSQLVAGIKYFLTMEMGSTDCRKTRVTGD
HVDLTTCPLAAGAQQEKLRCDFEVLVVPWQNSSQLLKHNCVQMLEHHHHHH
;
_entity_poly.pdbx_strand_id                 A 
_entity_poly.pdbx_target_identifier         ? 
# 
_pdbx_entity_nonpoly.entity_id   2 
_pdbx_entity_nonpoly.name        water 
_pdbx_entity_nonpoly.comp_id     HOH 
# 
loop_
_entity_poly_seq.entity_id 
_entity_poly_seq.num 
_entity_poly_seq.mon_id 
_entity_poly_seq.hetero 
1 1   MET n 
1 2   ASP n 
1 3   ARG n 
1 4   PRO n 
1 5   GLN n 
1 6   GLU n 
1 7   ARG n 
1 8   MET n 
1 9   VAL n 
1 10  GLY n 
1 11  GLU n 
1 12  LEU n 
1 13  ARG n 
1 14  ASP n 
1 15  LEU n 
1 16  SER n 
1 17  PRO n 
1 18  ASP n 
1 19  ASP n 
1 20  PRO n 
1 21  GLN n 
1 22  VAL n 
1 23  GLN n 
1 24  LYS n 
1 25  ALA n 
1 26  ALA n 
1 27  GLN n 
1 28  ALA n 
1 29  ALA n 
1 30  VAL n 
1 31  ALA n 
1 32  SER n 
1 33  TYR n 
1 34  ASN n 
1 35  MET n 
1 36  GLY n 
1 37  SER n 
1 38  ASN n 
1 39  SER n 
1 40  ILE n 
1 41  TYR n 
1 42  TYR n 
1 43  PHE n 
1 44  ARG n 
1 45  ASP n 
1 46  THR n 
1 47  HIS n 
1 48  ILE n 
1 49  ILE n 
1 50  LYS n 
1 51  ALA n 
1 52  GLN n 
1 53  SER n 
1 54  GLN n 
1 55  LEU n 
1 56  VAL n 
1 57  ALA n 
1 58  GLY n 
1 59  ILE n 
1 60  LYS n 
1 61  TYR n 
1 62  PHE n 
1 63  LEU n 
1 64  THR n 
1 65  MET n 
1 66  GLU n 
1 67  MET n 
1 68  GLY n 
1 69  SER n 
1 70  THR n 
1 71  ASP n 
1 72  CYS n 
1 73  ARG n 
1 74  LYS n 
1 75  THR n 
1 76  ARG n 
1 77  VAL n 
1 78  THR n 
1 79  GLY n 
1 80  ASP n 
1 81  HIS n 
1 82  VAL n 
1 83  ASP n 
1 84  LEU n 
1 85  THR n 
1 86  THR n 
1 87  CYS n 
1 88  PRO n 
1 89  LEU n 
1 90  ALA n 
1 91  ALA n 
1 92  GLY n 
1 93  ALA n 
1 94  GLN n 
1 95  GLN n 
1 96  GLU n 
1 97  LYS n 
1 98  LEU n 
1 99  ARG n 
1 100 CYS n 
1 101 ASP n 
1 102 PHE n 
1 103 GLU n 
1 104 VAL n 
1 105 LEU n 
1 106 VAL n 
1 107 VAL n 
1 108 PRO n 
1 109 TRP n 
1 110 GLN n 
1 111 ASN n 
1 112 SER n 
1 113 SER n 
1 114 GLN n 
1 115 LEU n 
1 116 LEU n 
1 117 LYS n 
1 118 HIS n 
1 119 ASN n 
1 120 CYS n 
1 121 VAL n 
1 122 GLN n 
1 123 MET n 
1 124 LEU n 
1 125 GLU n 
1 126 HIS n 
1 127 HIS n 
1 128 HIS n 
1 129 HIS n 
1 130 HIS n 
1 131 HIS n 
# 
_entity_src_gen.entity_id                          1 
_entity_src_gen.pdbx_src_id                        1 
_entity_src_gen.pdbx_alt_source_flag               sample 
_entity_src_gen.pdbx_seq_type                      ? 
_entity_src_gen.pdbx_beg_seq_num                   ? 
_entity_src_gen.pdbx_end_seq_num                   ? 
_entity_src_gen.gene_src_common_name               human 
_entity_src_gen.gene_src_genus                     ? 
_entity_src_gen.pdbx_gene_src_gene                 CST6 
_entity_src_gen.gene_src_species                   ? 
_entity_src_gen.gene_src_strain                    ? 
_entity_src_gen.gene_src_tissue                    ? 
_entity_src_gen.gene_src_tissue_fraction           ? 
_entity_src_gen.gene_src_details                   ? 
_entity_src_gen.pdbx_gene_src_fragment             ? 
_entity_src_gen.pdbx_gene_src_scientific_name      'Homo sapiens' 
_entity_src_gen.pdbx_gene_src_ncbi_taxonomy_id     9606 
_entity_src_gen.pdbx_gene_src_variant              ? 
_entity_src_gen.pdbx_gene_src_cell_line            ? 
_entity_src_gen.pdbx_gene_src_atcc                 ? 
_entity_src_gen.pdbx_gene_src_organ                ? 
_entity_src_gen.pdbx_gene_src_organelle            ? 
_entity_src_gen.pdbx_gene_src_cell                 ? 
_entity_src_gen.pdbx_gene_src_cellular_location    ? 
_entity_src_gen.host_org_common_name               ? 
_entity_src_gen.pdbx_host_org_scientific_name      'Escherichia coli' 
_entity_src_gen.pdbx_host_org_ncbi_taxonomy_id     562 
_entity_src_gen.host_org_genus                     ? 
_entity_src_gen.pdbx_host_org_gene                 ? 
_entity_src_gen.pdbx_host_org_organ                ? 
_entity_src_gen.host_org_species                   ? 
_entity_src_gen.pdbx_host_org_tissue               ? 
_entity_src_gen.pdbx_host_org_tissue_fraction      ? 
_entity_src_gen.pdbx_host_org_strain               ? 
_entity_src_gen.pdbx_host_org_variant              ? 
_entity_src_gen.pdbx_host_org_cell_line            ? 
_entity_src_gen.pdbx_host_org_atcc                 ? 
_entity_src_gen.pdbx_host_org_culture_collection   ? 
_entity_src_gen.pdbx_host_org_cell                 ? 
_entity_src_gen.pdbx_host_org_organelle            ? 
_entity_src_gen.pdbx_host_org_cellular_location    ? 
_entity_src_gen.pdbx_host_org_vector_type          ? 
_entity_src_gen.pdbx_host_org_vector               ? 
_entity_src_gen.host_org_details                   ? 
_entity_src_gen.expression_system_id               ? 
_entity_src_gen.plasmid_name                       ? 
_entity_src_gen.plasmid_details                    ? 
_entity_src_gen.pdbx_description                   ? 
# 
loop_
_chem_comp.id 
_chem_comp.type 
_chem_comp.mon_nstd_flag 
_chem_comp.name 
_chem_comp.pdbx_synonyms 
_chem_comp.formula 
_chem_comp.formula_weight 
ALA 'L-peptide linking' y ALANINE         ? 'C3 H7 N O2'     89.093  
ARG 'L-peptide linking' y ARGININE        ? 'C6 H15 N4 O2 1' 175.209 
ASN 'L-peptide linking' y ASPARAGINE      ? 'C4 H8 N2 O3'    132.118 
ASP 'L-peptide linking' y 'ASPARTIC ACID' ? 'C4 H7 N O4'     133.103 
CYS 'L-peptide linking' y CYSTEINE        ? 'C3 H7 N O2 S'   121.158 
GLN 'L-peptide linking' y GLUTAMINE       ? 'C5 H10 N2 O3'   146.144 
GLU 'L-peptide linking' y 'GLUTAMIC ACID' ? 'C5 H9 N O4'     147.129 
GLY 'peptide linking'   y GLYCINE         ? 'C2 H5 N O2'     75.067  
HIS 'L-peptide linking' y HISTIDINE       ? 'C6 H10 N3 O2 1' 156.162 
HOH non-polymer         . WATER           ? 'H2 O'           18.015  
ILE 'L-peptide linking' y ISOLEUCINE      ? 'C6 H13 N O2'    131.173 
LEU 'L-peptide linking' y LEUCINE         ? 'C6 H13 N O2'    131.173 
LYS 'L-peptide linking' y LYSINE          ? 'C6 H15 N2 O2 1' 147.195 
MET 'L-peptide linking' y METHIONINE      ? 'C5 H11 N O2 S'  149.211 
PHE 'L-peptide linking' y PHENYLALANINE   ? 'C9 H11 N O2'    165.189 
PRO 'L-peptide linking' y PROLINE         ? 'C5 H9 N O2'     115.130 
SER 'L-peptide linking' y SERINE          ? 'C3 H7 N O3'     105.093 
THR 'L-peptide linking' y THREONINE       ? 'C4 H9 N O3'     119.119 
TRP 'L-peptide linking' y TRYPTOPHAN      ? 'C11 H12 N2 O2'  204.225 
TYR 'L-peptide linking' y TYROSINE        ? 'C9 H11 N O3'    181.189 
VAL 'L-peptide linking' y VALINE          ? 'C5 H11 N O2'    117.146 
# 
loop_
_pdbx_poly_seq_scheme.asym_id 
_pdbx_poly_seq_scheme.entity_id 
_pdbx_poly_seq_scheme.seq_id 
_pdbx_poly_seq_scheme.mon_id 
_pdbx_poly_seq_scheme.ndb_seq_num 
_pdbx_poly_seq_scheme.pdb_seq_num 
_pdbx_poly_seq_scheme.auth_seq_num 
_pdbx_poly_seq_scheme.pdb_mon_id 
_pdbx_poly_seq_scheme.auth_mon_id 
_pdbx_poly_seq_scheme.pdb_strand_id 
_pdbx_poly_seq_scheme.pdb_ins_code 
_pdbx_poly_seq_scheme.hetero 
A 1 1   MET 1   2   ?   ?   ?   A . n 
A 1 2   ASP 2   3   ?   ?   ?   A . n 
A 1 3   ARG 3   4   ?   ?   ?   A . n 
A 1 4   PRO 4   5   ?   ?   ?   A . n 
A 1 5   GLN 5   6   6   GLN GLN A . n 
A 1 6   GLU 6   7   7   GLU GLU A . n 
A 1 7   ARG 7   8   8   ARG ARG A . n 
A 1 8   MET 8   9   9   MET MET A . n 
A 1 9   VAL 9   10  10  VAL VAL A . n 
A 1 10  GLY 10  11  11  GLY GLY A . n 
A 1 11  GLU 11  12  12  GLU GLU A . n 
A 1 12  LEU 12  13  13  LEU LEU A . n 
A 1 13  ARG 13  14  14  ARG ARG A . n 
A 1 14  ASP 14  15  15  ASP ASP A . n 
A 1 15  LEU 15  16  16  LEU LEU A . n 
A 1 16  SER 16  17  17  SER SER A . n 
A 1 17  PRO 17  18  18  PRO PRO A . n 
A 1 18  ASP 18  19  19  ASP ASP A . n 
A 1 19  ASP 19  20  20  ASP ASP A . n 
A 1 20  PRO 20  21  21  PRO PRO A . n 
A 1 21  GLN 21  22  22  GLN GLN A . n 
A 1 22  VAL 22  23  23  VAL VAL A . n 
A 1 23  GLN 23  24  24  GLN GLN A . n 
A 1 24  LYS 24  25  25  LYS LYS A . n 
A 1 25  ALA 25  26  26  ALA ALA A . n 
A 1 26  ALA 26  27  27  ALA ALA A . n 
A 1 27  GLN 27  28  28  GLN GLN A . n 
A 1 28  ALA 28  29  29  ALA ALA A . n 
A 1 29  ALA 29  30  30  ALA ALA A . n 
A 1 30  VAL 30  31  31  VAL VAL A . n 
A 1 31  ALA 31  32  32  ALA ALA A . n 
A 1 32  SER 32  33  33  SER SER A . n 
A 1 33  TYR 33  34  34  TYR TYR A . n 
A 1 34  ASN 34  35  35  ASN ASN A . n 
A 1 35  MET 35  36  36  MET MET A . n 
A 1 36  GLY 36  37  37  GLY GLY A . n 
A 1 37  SER 37  38  38  SER SER A . n 
A 1 38  ASN 38  39  39  ASN ASN A . n 
A 1 39  SER 39  40  40  SER SER A . n 
A 1 40  ILE 40  41  41  ILE ILE A . n 
A 1 41  TYR 41  42  42  TYR TYR A . n 
A 1 42  TYR 42  43  43  TYR TYR A . n 
A 1 43  PHE 43  44  44  PHE PHE A . n 
A 1 44  ARG 44  45  45  ARG ARG A . n 
A 1 45  ASP 45  46  46  ASP ASP A . n 
A 1 46  THR 46  47  47  THR THR A . n 
A 1 47  HIS 47  48  48  HIS HIS A . n 
A 1 48  ILE 48  49  49  ILE ILE A . n 
A 1 49  ILE 49  50  50  ILE ILE A . n 
A 1 50  LYS 50  51  51  LYS LYS A . n 
A 1 51  ALA 51  52  52  ALA ALA A . n 
A 1 52  GLN 52  53  53  GLN GLN A . n 
A 1 53  SER 53  54  54  SER SER A . n 
A 1 54  GLN 54  55  55  GLN GLN A . n 
A 1 55  LEU 55  56  56  LEU LEU A . n 
A 1 56  VAL 56  57  57  VAL VAL A . n 
A 1 57  ALA 57  58  58  ALA ALA A . n 
A 1 58  GLY 58  59  59  GLY GLY A . n 
A 1 59  ILE 59  60  60  ILE ILE A . n 
A 1 60  LYS 60  61  61  LYS LYS A . n 
A 1 61  TYR 61  62  62  TYR TYR A . n 
A 1 62  PHE 62  63  63  PHE PHE A . n 
A 1 63  LEU 63  64  64  LEU LEU A . n 
A 1 64  THR 64  65  65  THR THR A . n 
A 1 65  MET 65  66  66  MET MET A . n 
A 1 66  GLU 66  67  67  GLU GLU A . n 
A 1 67  MET 67  68  68  MET MET A . n 
A 1 68  GLY 68  69  69  GLY GLY A . n 
A 1 69  SER 69  70  70  SER SER A . n 
A 1 70  THR 70  71  71  THR THR A . n 
A 1 71  ASP 71  72  72  ASP ASP A . n 
A 1 72  CYS 72  73  73  CYS CYS A . n 
A 1 73  ARG 73  74  74  ARG ARG A . n 
A 1 74  LYS 74  75  75  LYS LYS A . n 
A 1 75  THR 75  76  76  THR THR A . n 
A 1 76  ARG 76  77  ?   ?   ?   A . n 
A 1 77  VAL 77  78  ?   ?   ?   A . n 
A 1 78  THR 78  79  ?   ?   ?   A . n 
A 1 79  GLY 79  80  ?   ?   ?   A . n 
A 1 80  ASP 80  81  ?   ?   ?   A . n 
A 1 81  HIS 81  82  ?   ?   ?   A . n 
A 1 82  VAL 82  83  83  VAL VAL A . n 
A 1 83  ASP 83  84  84  ASP ASP A . n 
A 1 84  LEU 84  85  85  LEU LEU A . n 
A 1 85  THR 85  86  86  THR THR A . n 
A 1 86  THR 86  87  87  THR THR A . n 
A 1 87  CYS 87  88  88  CYS CYS A . n 
A 1 88  PRO 88  89  89  PRO PRO A . n 
A 1 89  LEU 89  90  90  LEU LEU A . n 
A 1 90  ALA 90  91  91  ALA ALA A . n 
A 1 91  ALA 91  92  92  ALA ALA A . n 
A 1 92  GLY 92  93  93  GLY GLY A . n 
A 1 93  ALA 93  94  94  ALA ALA A . n 
A 1 94  GLN 94  95  95  GLN GLN A . n 
A 1 95  GLN 95  96  96  GLN GLN A . n 
A 1 96  GLU 96  97  97  GLU GLU A . n 
A 1 97  LYS 97  98  98  LYS LYS A . n 
A 1 98  LEU 98  99  99  LEU LEU A . n 
A 1 99  ARG 99  100 100 ARG ARG A . n 
A 1 100 CYS 100 101 101 CYS CYS A . n 
A 1 101 ASP 101 102 102 ASP ASP A . n 
A 1 102 PHE 102 103 103 PHE PHE A . n 
A 1 103 GLU 103 104 104 GLU GLU A . n 
A 1 104 VAL 104 105 105 VAL VAL A . n 
A 1 105 LEU 105 106 106 LEU LEU A . n 
A 1 106 VAL 106 107 107 VAL VAL A . n 
A 1 107 VAL 107 108 108 VAL VAL A . n 
A 1 108 PRO 108 109 109 PRO PRO A . n 
A 1 109 TRP 109 110 110 TRP TRP A . n 
A 1 110 GLN 110 111 111 GLN GLN A . n 
A 1 111 ASN 111 112 112 ASN ASN A . n 
A 1 112 SER 112 113 113 SER SER A . n 
A 1 113 SER 113 114 114 SER SER A . n 
A 1 114 GLN 114 115 115 GLN GLN A . n 
A 1 115 LEU 115 116 116 LEU LEU A . n 
A 1 116 LEU 116 117 117 LEU LEU A . n 
A 1 117 LYS 117 118 118 LYS LYS A . n 
A 1 118 HIS 118 119 119 HIS HIS A . n 
A 1 119 ASN 119 120 120 ASN ASN A . n 
A 1 120 CYS 120 121 121 CYS CYS A . n 
A 1 121 VAL 121 122 122 VAL VAL A . n 
A 1 122 GLN 122 123 123 GLN GLN A . n 
A 1 123 MET 123 124 124 MET MET A . n 
A 1 124 LEU 124 125 125 LEU LEU A . n 
A 1 125 GLU 125 126 ?   ?   ?   A . n 
A 1 126 HIS 126 127 ?   ?   ?   A . n 
A 1 127 HIS 127 128 ?   ?   ?   A . n 
A 1 128 HIS 128 129 ?   ?   ?   A . n 
A 1 129 HIS 129 130 ?   ?   ?   A . n 
A 1 130 HIS 130 131 ?   ?   ?   A . n 
A 1 131 HIS 131 132 ?   ?   ?   A . n 
# 
loop_
_pdbx_nonpoly_scheme.asym_id 
_pdbx_nonpoly_scheme.entity_id 
_pdbx_nonpoly_scheme.mon_id 
_pdbx_nonpoly_scheme.ndb_seq_num 
_pdbx_nonpoly_scheme.pdb_seq_num 
_pdbx_nonpoly_scheme.auth_seq_num 
_pdbx_nonpoly_scheme.pdb_mon_id 
_pdbx_nonpoly_scheme.auth_mon_id 
_pdbx_nonpoly_scheme.pdb_strand_id 
_pdbx_nonpoly_scheme.pdb_ins_code 
B 2 HOH 1  201 1  HOH HOH A . 
B 2 HOH 2  202 2  HOH HOH A . 
B 2 HOH 3  203 3  HOH HOH A . 
B 2 HOH 4  204 4  HOH HOH A . 
B 2 HOH 5  205 5  HOH HOH A . 
B 2 HOH 6  206 6  HOH HOH A . 
B 2 HOH 7  207 7  HOH HOH A . 
B 2 HOH 8  208 8  HOH HOH A . 
B 2 HOH 9  209 9  HOH HOH A . 
B 2 HOH 10 210 10 HOH HOH A . 
B 2 HOH 11 211 11 HOH HOH A . 
B 2 HOH 12 212 12 HOH HOH A . 
B 2 HOH 13 213 13 HOH HOH A . 
B 2 HOH 14 214 14 HOH HOH A . 
B 2 HOH 15 215 15 HOH HOH A . 
B 2 HOH 16 216 16 HOH HOH A . 
B 2 HOH 17 217 17 HOH HOH A . 
B 2 HOH 18 218 18 HOH HOH A . 
B 2 HOH 19 219 19 HOH HOH A . 
B 2 HOH 20 220 20 HOH HOH A . 
B 2 HOH 21 221 21 HOH HOH A . 
B 2 HOH 22 222 22 HOH HOH A . 
B 2 HOH 23 223 23 HOH HOH A . 
B 2 HOH 24 224 24 HOH HOH A . 
B 2 HOH 25 225 25 HOH HOH A . 
B 2 HOH 26 226 26 HOH HOH A . 
B 2 HOH 27 227 27 HOH HOH A . 
B 2 HOH 28 228 28 HOH HOH A . 
B 2 HOH 29 229 29 HOH HOH A . 
B 2 HOH 30 230 30 HOH HOH A . 
B 2 HOH 31 231 31 HOH HOH A . 
B 2 HOH 32 232 32 HOH HOH A . 
B 2 HOH 33 233 33 HOH HOH A . 
B 2 HOH 34 234 34 HOH HOH A . 
B 2 HOH 35 235 35 HOH HOH A . 
B 2 HOH 36 236 36 HOH HOH A . 
B 2 HOH 37 237 37 HOH HOH A . 
B 2 HOH 38 238 38 HOH HOH A . 
B 2 HOH 39 239 39 HOH HOH A . 
B 2 HOH 40 240 40 HOH HOH A . 
B 2 HOH 41 241 41 HOH HOH A . 
B 2 HOH 42 242 42 HOH HOH A . 
B 2 HOH 43 243 43 HOH HOH A . 
B 2 HOH 44 244 44 HOH HOH A . 
B 2 HOH 45 245 45 HOH HOH A . 
B 2 HOH 46 246 46 HOH HOH A . 
B 2 HOH 47 247 47 HOH HOH A . 
B 2 HOH 48 248 48 HOH HOH A . 
B 2 HOH 49 249 49 HOH HOH A . 
B 2 HOH 50 250 50 HOH HOH A . 
B 2 HOH 51 251 51 HOH HOH A . 
B 2 HOH 52 252 52 HOH HOH A . 
B 2 HOH 53 253 53 HOH HOH A . 
B 2 HOH 54 254 54 HOH HOH A . 
B 2 HOH 55 255 55 HOH HOH A . 
B 2 HOH 56 256 56 HOH HOH A . 
B 2 HOH 57 257 57 HOH HOH A . 
B 2 HOH 58 258 58 HOH HOH A . 
B 2 HOH 59 259 59 HOH HOH A . 
B 2 HOH 60 260 60 HOH HOH A . 
B 2 HOH 61 261 61 HOH HOH A . 
B 2 HOH 62 262 62 HOH HOH A . 
B 2 HOH 63 263 63 HOH HOH A . 
B 2 HOH 64 264 64 HOH HOH A . 
B 2 HOH 65 265 65 HOH HOH A . 
B 2 HOH 66 266 66 HOH HOH A . 
B 2 HOH 67 267 67 HOH HOH A . 
B 2 HOH 68 268 68 HOH HOH A . 
B 2 HOH 69 269 69 HOH HOH A . 
B 2 HOH 70 270 70 HOH HOH A . 
B 2 HOH 71 271 71 HOH HOH A . 
B 2 HOH 72 272 72 HOH HOH A . 
B 2 HOH 73 273 73 HOH HOH A . 
B 2 HOH 74 274 74 HOH HOH A . 
B 2 HOH 75 275 75 HOH HOH A . 
B 2 HOH 76 276 76 HOH HOH A . 
B 2 HOH 77 277 77 HOH HOH A . 
B 2 HOH 78 278 78 HOH HOH A . 
B 2 HOH 79 279 79 HOH HOH A . 
B 2 HOH 80 280 80 HOH HOH A . 
B 2 HOH 81 281 81 HOH HOH A . 
B 2 HOH 82 282 82 HOH HOH A . 
B 2 HOH 83 283 83 HOH HOH A . 
B 2 HOH 84 284 84 HOH HOH A . 
B 2 HOH 85 285 85 HOH HOH A . 
B 2 HOH 86 286 86 HOH HOH A . 
B 2 HOH 87 287 87 HOH HOH A . 
B 2 HOH 88 288 88 HOH HOH A . 
B 2 HOH 89 289 89 HOH HOH A . 
B 2 HOH 90 290 90 HOH HOH A . 
B 2 HOH 91 291 91 HOH HOH A . 
# 
loop_
_software.name 
_software.classification 
_software.version 
_software.citation_id 
_software.pdbx_ordinal 
MxCuBE  'data collection' .                             ? 1 
PHASER  phasing           .                             ? 2 
PHENIX  refinement        '(phenix.refine: 1.8.1_1168)' ? 3 
iMOSFLM 'data reduction'  .                             ? 4 
SCALA   'data scaling'    .                             ? 5 
# 
_cell.entry_id           4N6L 
_cell.length_a           42.730 
_cell.length_b           68.600 
_cell.length_c           40.280 
_cell.angle_alpha        90.00 
_cell.angle_beta         90.00 
_cell.angle_gamma        90.00 
_cell.Z_PDB              4 
_cell.pdbx_unique_axis   ? 
_cell.length_a_esd       ? 
_cell.length_b_esd       ? 
_cell.length_c_esd       ? 
_cell.angle_alpha_esd    ? 
_cell.angle_beta_esd     ? 
_cell.angle_gamma_esd    ? 
# 
_symmetry.entry_id                         4N6L 
_symmetry.space_group_name_H-M             'P 21 21 2' 
_symmetry.pdbx_full_space_group_name_H-M   ? 
_symmetry.cell_setting                     ? 
_symmetry.Int_Tables_number                18 
_symmetry.space_group_name_Hall            ? 
# 
_exptl.entry_id          4N6L 
_exptl.method            'X-RAY DIFFRACTION' 
_exptl.crystals_number   1 
# 
_exptl_crystal.id                    1 
_exptl_crystal.density_meas          ? 
_exptl_crystal.density_Matthews      1.98 
_exptl_crystal.density_percent_sol   37.81 
_exptl_crystal.description           ? 
_exptl_crystal.F_000                 ? 
_exptl_crystal.preparation           ? 
# 
_exptl_crystal_grow.crystal_id      1 
_exptl_crystal_grow.method          'VAPOR DIFFUSION, SITTING DROP' 
_exptl_crystal_grow.temp            293 
_exptl_crystal_grow.temp_details    ? 
_exptl_crystal_grow.pH              4.6 
_exptl_crystal_grow.pdbx_details    
'30 % PEG 4000, 100 mM sodium acetate pH 4.6, 200 mM ammonium sulfate, VAPOR DIFFUSION, SITTING DROP, temperature 293K' 
_exptl_crystal_grow.pdbx_pH_range   ? 
# 
_diffrn.id                     1 
_diffrn.ambient_temp           100 
_diffrn.ambient_temp_details   ? 
_diffrn.crystal_id             1 
# 
_diffrn_detector.diffrn_id              1 
_diffrn_detector.detector               PIXEL 
_diffrn_detector.type                   'DECTRIS PILATUS 6M' 
_diffrn_detector.pdbx_collection_date   2012-07-24 
_diffrn_detector.details                ? 
# 
_diffrn_radiation.diffrn_id                        1 
_diffrn_radiation.wavelength_id                    1 
_diffrn_radiation.pdbx_monochromatic_or_laue_m_l   M 
_diffrn_radiation.monochromator                    'Si(111)' 
_diffrn_radiation.pdbx_diffrn_protocol             'SINGLE WAVELENGTH' 
_diffrn_radiation.pdbx_scattering_type             x-ray 
# 
_diffrn_radiation_wavelength.id           1 
_diffrn_radiation_wavelength.wavelength   0.9763 
_diffrn_radiation_wavelength.wt           1.0 
# 
_diffrn_source.diffrn_id                   1 
_diffrn_source.source                      SYNCHROTRON 
_diffrn_source.type                        'ESRF BEAMLINE ID29' 
_diffrn_source.pdbx_synchrotron_site       ESRF 
_diffrn_source.pdbx_synchrotron_beamline   ID29 
_diffrn_source.pdbx_wavelength             ? 
_diffrn_source.pdbx_wavelength_list        0.9763 
# 
_reflns.entry_id                     4N6L 
_reflns.observed_criterion_sigma_I   2.0 
_reflns.observed_criterion_sigma_F   2.0 
_reflns.d_resolution_low             68.6 
_reflns.d_resolution_high            1.95 
_reflns.number_obs                   8955 
_reflns.number_all                   ? 
_reflns.percent_possible_obs         98.9 
_reflns.pdbx_Rmerge_I_obs            ? 
_reflns.pdbx_Rsym_value              ? 
_reflns.pdbx_netI_over_sigmaI        ? 
_reflns.B_iso_Wilson_estimate        ? 
_reflns.pdbx_redundancy              ? 
_reflns.R_free_details               ? 
_reflns.limit_h_max                  ? 
_reflns.limit_h_min                  ? 
_reflns.limit_k_max                  ? 
_reflns.limit_k_min                  ? 
_reflns.limit_l_max                  ? 
_reflns.limit_l_min                  ? 
_reflns.observed_criterion_F_max     ? 
_reflns.observed_criterion_F_min     ? 
_reflns.pdbx_chi_squared             ? 
_reflns.pdbx_scaling_rejects         ? 
_reflns.pdbx_ordinal                 1 
_reflns.pdbx_diffrn_id               1 
# 
_reflns_shell.d_res_high             1.95 
_reflns_shell.d_res_low              2.06 
_reflns_shell.percent_possible_all   98.8 
_reflns_shell.Rmerge_I_obs           ? 
_reflns_shell.pdbx_Rsym_value        ? 
_reflns_shell.meanI_over_sigI_obs    ? 
_reflns_shell.pdbx_redundancy        ? 
_reflns_shell.percent_possible_obs   ? 
_reflns_shell.number_unique_all      ? 
_reflns_shell.number_measured_all    ? 
_reflns_shell.number_measured_obs    ? 
_reflns_shell.number_unique_obs      ? 
_reflns_shell.pdbx_chi_squared       ? 
_reflns_shell.pdbx_ordinal           1 
_reflns_shell.pdbx_diffrn_id         1 
# 
_refine.entry_id                                 4N6L 
_refine.ls_number_reflns_obs                     8927 
_refine.ls_number_reflns_all                     8955 
_refine.pdbx_ls_sigma_I                          ? 
_refine.pdbx_ls_sigma_F                          1.38 
_refine.pdbx_data_cutoff_high_absF               ? 
_refine.pdbx_data_cutoff_low_absF                ? 
_refine.pdbx_data_cutoff_high_rms_absF           ? 
_refine.ls_d_res_low                             36.269 
_refine.ls_d_res_high                            1.952 
_refine.ls_percent_reflns_obs                    98.43 
_refine.ls_R_factor_obs                          0.211 
_refine.ls_R_factor_all                          0.2131 
_refine.ls_R_factor_R_work                       0.211 
_refine.ls_R_factor_R_free                       0.2396 
_refine.ls_R_factor_R_free_error                 ? 
_refine.ls_R_factor_R_free_error_details         ? 
_refine.ls_percent_reflns_R_free                 4.84 
_refine.ls_number_reflns_R_free                  432 
_refine.ls_number_parameters                     ? 
_refine.ls_number_restraints                     ? 
_refine.occupancy_min                            ? 
_refine.occupancy_max                            ? 
_refine.correlation_coeff_Fo_to_Fc               ? 
_refine.correlation_coeff_Fo_to_Fc_free          ? 
_refine.B_iso_mean                               ? 
_refine.aniso_B[1][1]                            ? 
_refine.aniso_B[2][2]                            ? 
_refine.aniso_B[3][3]                            ? 
_refine.aniso_B[1][2]                            ? 
_refine.aniso_B[1][3]                            ? 
_refine.aniso_B[2][3]                            ? 
_refine.solvent_model_details                    'FLAT BULK SOLVENT MODEL' 
_refine.solvent_model_param_ksol                 ? 
_refine.solvent_model_param_bsol                 ? 
_refine.pdbx_solvent_vdw_probe_radii             1.11 
_refine.pdbx_solvent_ion_probe_radii             ? 
_refine.pdbx_solvent_shrinkage_radii             0.90 
_refine.pdbx_ls_cross_valid_method               ? 
_refine.details                                  ? 
_refine.pdbx_starting_model                      'PDB ENTRY 3GAX' 
_refine.pdbx_method_to_determine_struct          'MOLECULAR REPLACEMENT' 
_refine.pdbx_isotropic_thermal_model             ? 
_refine.pdbx_stereochemistry_target_values       ML 
_refine.pdbx_stereochem_target_val_spec_case     ? 
_refine.pdbx_R_Free_selection_details            RANDOM 
_refine.pdbx_overall_ESU_R                       ? 
_refine.pdbx_overall_ESU_R_Free                  ? 
_refine.overall_SU_ML                            0.17 
_refine.pdbx_overall_phase_error                 27.59 
_refine.overall_SU_B                             ? 
_refine.overall_SU_R_Cruickshank_DPI             ? 
_refine.ls_redundancy_reflns_obs                 ? 
_refine.B_iso_min                                ? 
_refine.B_iso_max                                ? 
_refine.overall_SU_R_free                        ? 
_refine.ls_wR_factor_R_free                      ? 
_refine.ls_wR_factor_R_work                      ? 
_refine.overall_FOM_free_R_set                   ? 
_refine.overall_FOM_work_R_set                   ? 
_refine.pdbx_diffrn_id                           1 
_refine.pdbx_refine_id                           'X-RAY DIFFRACTION' 
_refine.pdbx_TLS_residual_ADP_flag               ? 
_refine.pdbx_overall_SU_R_free_Cruickshank_DPI   ? 
_refine.pdbx_overall_SU_R_Blow_DPI               ? 
_refine.pdbx_overall_SU_R_free_Blow_DPI          ? 
# 
_refine_hist.pdbx_refine_id                   'X-RAY DIFFRACTION' 
_refine_hist.cycle_id                         LAST 
_refine_hist.pdbx_number_atoms_protein        891 
_refine_hist.pdbx_number_atoms_nucleic_acid   0 
_refine_hist.pdbx_number_atoms_ligand         0 
_refine_hist.number_atoms_solvent             91 
_refine_hist.number_atoms_total               982 
_refine_hist.d_res_high                       1.952 
_refine_hist.d_res_low                        36.269 
# 
loop_
_refine_ls_restr.type 
_refine_ls_restr.dev_ideal 
_refine_ls_restr.dev_ideal_target 
_refine_ls_restr.weight 
_refine_ls_restr.number 
_refine_ls_restr.pdbx_restraint_function 
_refine_ls_restr.pdbx_refine_id 
f_bond_d           0.005  ? ? 915  ? 'X-RAY DIFFRACTION' 
f_angle_d          0.941  ? ? 1234 ? 'X-RAY DIFFRACTION' 
f_dihedral_angle_d 12.548 ? ? 343  ? 'X-RAY DIFFRACTION' 
f_chiral_restr     0.060  ? ? 140  ? 'X-RAY DIFFRACTION' 
f_plane_restr      0.004  ? ? 160  ? 'X-RAY DIFFRACTION' 
# 
loop_
_refine_ls_shell.pdbx_total_number_of_bins_used 
_refine_ls_shell.d_res_high 
_refine_ls_shell.d_res_low 
_refine_ls_shell.number_reflns_R_work 
_refine_ls_shell.R_factor_R_work 
_refine_ls_shell.percent_reflns_obs 
_refine_ls_shell.R_factor_R_free 
_refine_ls_shell.R_factor_R_free_error 
_refine_ls_shell.percent_reflns_R_free 
_refine_ls_shell.number_reflns_R_free 
_refine_ls_shell.number_reflns_all 
_refine_ls_shell.R_factor_all 
_refine_ls_shell.number_reflns_obs 
_refine_ls_shell.redundancy_reflns_obs 
_refine_ls_shell.pdbx_refine_id 
. 1.9520 2.2344  2750 0.2196 98.00 0.2840 . . 150 . . . . 'X-RAY DIFFRACTION' 
. 2.2344 2.8150  2808 0.2428 99.00 0.2576 . . 127 . . . . 'X-RAY DIFFRACTION' 
. 2.8150 36.2756 2937 0.1948 99.00 0.2206 . . 155 . . . . 'X-RAY DIFFRACTION' 
# 
_struct.entry_id                  4N6L 
_struct.title                     'Crystal structure of human cystatin E/M' 
_struct.pdbx_model_details        ? 
_struct.pdbx_CASP_flag            ? 
_struct.pdbx_model_type_details   ? 
# 
_struct_keywords.entry_id        4N6L 
_struct_keywords.pdbx_keywords   'HYDROLASE INHIBITOR' 
_struct_keywords.text            
;cysteine protease inhibitor, legumain, asparaginyl endopeptidase, reactive center loop, papain, cathepsin, cancer, cystatin fold, protease inhibitor, HYDROLASE INHIBITOR
;
# 
loop_
_struct_asym.id 
_struct_asym.pdbx_blank_PDB_chainid_flag 
_struct_asym.pdbx_modified 
_struct_asym.entity_id 
_struct_asym.details 
A N N 1 ? 
B N N 2 ? 
# 
_struct_ref.id                         1 
_struct_ref.db_name                    UNP 
_struct_ref.db_code                    CYTM_HUMAN 
_struct_ref.pdbx_db_accession          Q15828 
_struct_ref.entity_id                  1 
_struct_ref.pdbx_seq_one_letter_code   
;RPQERMVGELRDLSPDDPQVQKAAQAAVASYNMGSNSIYYFRDTHIIKAQSQLVAGIKYFLTMEMGSTDCRKTRVTGDHV
DLTTCPLAAGAQQEKLRCDFEVLVVPWQNSSQLLKHNCVQM
;
_struct_ref.pdbx_align_begin           29 
_struct_ref.pdbx_db_isoform            ? 
# 
_struct_ref_seq.align_id                      1 
_struct_ref_seq.ref_id                        1 
_struct_ref_seq.pdbx_PDB_id_code              4N6L 
_struct_ref_seq.pdbx_strand_id                A 
_struct_ref_seq.seq_align_beg                 3 
_struct_ref_seq.pdbx_seq_align_beg_ins_code   ? 
_struct_ref_seq.seq_align_end                 123 
_struct_ref_seq.pdbx_seq_align_end_ins_code   ? 
_struct_ref_seq.pdbx_db_accession             Q15828 
_struct_ref_seq.db_align_beg                  29 
_struct_ref_seq.pdbx_db_align_beg_ins_code    ? 
_struct_ref_seq.db_align_end                  149 
_struct_ref_seq.pdbx_db_align_end_ins_code    ? 
_struct_ref_seq.pdbx_auth_seq_align_beg       4 
_struct_ref_seq.pdbx_auth_seq_align_end       124 
# 
loop_
_struct_ref_seq_dif.align_id 
_struct_ref_seq_dif.pdbx_pdb_id_code 
_struct_ref_seq_dif.mon_id 
_struct_ref_seq_dif.pdbx_pdb_strand_id 
_struct_ref_seq_dif.seq_num 
_struct_ref_seq_dif.pdbx_pdb_ins_code 
_struct_ref_seq_dif.pdbx_seq_db_name 
_struct_ref_seq_dif.pdbx_seq_db_accession_code 
_struct_ref_seq_dif.db_mon_id 
_struct_ref_seq_dif.pdbx_seq_db_seq_num 
_struct_ref_seq_dif.details 
_struct_ref_seq_dif.pdbx_auth_seq_num 
_struct_ref_seq_dif.pdbx_ordinal 
1 4N6L MET A 1   ? UNP Q15828 ? ? 'expression tag' 2   1  
1 4N6L ASP A 2   ? UNP Q15828 ? ? 'expression tag' 3   2  
1 4N6L LEU A 124 ? UNP Q15828 ? ? 'expression tag' 125 3  
1 4N6L GLU A 125 ? UNP Q15828 ? ? 'expression tag' 126 4  
1 4N6L HIS A 126 ? UNP Q15828 ? ? 'expression tag' 127 5  
1 4N6L HIS A 127 ? UNP Q15828 ? ? 'expression tag' 128 6  
1 4N6L HIS A 128 ? UNP Q15828 ? ? 'expression tag' 129 7  
1 4N6L HIS A 129 ? UNP Q15828 ? ? 'expression tag' 130 8  
1 4N6L HIS A 130 ? UNP Q15828 ? ? 'expression tag' 131 9  
1 4N6L HIS A 131 ? UNP Q15828 ? ? 'expression tag' 132 10 
# 
_pdbx_struct_assembly.id                   1 
_pdbx_struct_assembly.details              author_and_software_defined_assembly 
_pdbx_struct_assembly.method_details       PISA 
_pdbx_struct_assembly.oligomeric_details   monomeric 
_pdbx_struct_assembly.oligomeric_count     1 
# 
_pdbx_struct_assembly_gen.assembly_id       1 
_pdbx_struct_assembly_gen.oper_expression   1 
_pdbx_struct_assembly_gen.asym_id_list      A,B 
# 
_pdbx_struct_oper_list.id                   1 
_pdbx_struct_oper_list.type                 'identity operation' 
_pdbx_struct_oper_list.name                 1_555 
_pdbx_struct_oper_list.symmetry_operation   x,y,z 
_pdbx_struct_oper_list.matrix[1][1]         1.0000000000 
_pdbx_struct_oper_list.matrix[1][2]         0.0000000000 
_pdbx_struct_oper_list.matrix[1][3]         0.0000000000 
_pdbx_struct_oper_list.vector[1]            0.0000000000 
_pdbx_struct_oper_list.matrix[2][1]         0.0000000000 
_pdbx_struct_oper_list.matrix[2][2]         1.0000000000 
_pdbx_struct_oper_list.matrix[2][3]         0.0000000000 
_pdbx_struct_oper_list.vector[2]            0.0000000000 
_pdbx_struct_oper_list.matrix[3][1]         0.0000000000 
_pdbx_struct_oper_list.matrix[3][2]         0.0000000000 
_pdbx_struct_oper_list.matrix[3][3]         1.0000000000 
_pdbx_struct_oper_list.vector[3]            0.0000000000 
# 
_struct_biol.id        1 
_struct_biol.details   ? 
# 
loop_
_struct_conf.conf_type_id 
_struct_conf.id 
_struct_conf.pdbx_PDB_helix_id 
_struct_conf.beg_label_comp_id 
_struct_conf.beg_label_asym_id 
_struct_conf.beg_label_seq_id 
_struct_conf.pdbx_beg_PDB_ins_code 
_struct_conf.end_label_comp_id 
_struct_conf.end_label_asym_id 
_struct_conf.end_label_seq_id 
_struct_conf.pdbx_end_PDB_ins_code 
_struct_conf.beg_auth_comp_id 
_struct_conf.beg_auth_asym_id 
_struct_conf.beg_auth_seq_id 
_struct_conf.end_auth_comp_id 
_struct_conf.end_auth_asym_id 
_struct_conf.end_auth_seq_id 
_struct_conf.pdbx_PDB_helix_class 
_struct_conf.details 
_struct_conf.pdbx_PDB_helix_length 
HELX_P HELX_P1 1 ASP A 19 ? SER A 37 ? ASP A 20 SER A 38 1 ? 19 
HELX_P HELX_P2 2 ASP A 83 ? CYS A 87 ? ASP A 84 CYS A 88 5 ? 5  
HELX_P HELX_P3 3 ALA A 91 ? GLN A 95 ? ALA A 92 GLN A 96 5 ? 5  
# 
_struct_conf_type.id          HELX_P 
_struct_conf_type.criteria    ? 
_struct_conf_type.reference   ? 
# 
loop_
_struct_conn.id 
_struct_conn.conn_type_id 
_struct_conn.pdbx_leaving_atom_flag 
_struct_conn.pdbx_PDB_id 
_struct_conn.ptnr1_label_asym_id 
_struct_conn.ptnr1_label_comp_id 
_struct_conn.ptnr1_label_seq_id 
_struct_conn.ptnr1_label_atom_id 
_struct_conn.pdbx_ptnr1_label_alt_id 
_struct_conn.pdbx_ptnr1_PDB_ins_code 
_struct_conn.pdbx_ptnr1_standard_comp_id 
_struct_conn.ptnr1_symmetry 
_struct_conn.ptnr2_label_asym_id 
_struct_conn.ptnr2_label_comp_id 
_struct_conn.ptnr2_label_seq_id 
_struct_conn.ptnr2_label_atom_id 
_struct_conn.pdbx_ptnr2_label_alt_id 
_struct_conn.pdbx_ptnr2_PDB_ins_code 
_struct_conn.ptnr1_auth_asym_id 
_struct_conn.ptnr1_auth_comp_id 
_struct_conn.ptnr1_auth_seq_id 
_struct_conn.ptnr2_auth_asym_id 
_struct_conn.ptnr2_auth_comp_id 
_struct_conn.ptnr2_auth_seq_id 
_struct_conn.ptnr2_symmetry 
_struct_conn.pdbx_ptnr3_label_atom_id 
_struct_conn.pdbx_ptnr3_label_seq_id 
_struct_conn.pdbx_ptnr3_label_comp_id 
_struct_conn.pdbx_ptnr3_label_asym_id 
_struct_conn.pdbx_ptnr3_label_alt_id 
_struct_conn.pdbx_ptnr3_PDB_ins_code 
_struct_conn.details 
_struct_conn.pdbx_dist_value 
_struct_conn.pdbx_value_order 
_struct_conn.pdbx_role 
disulf1 disulf ? ? A CYS 72  SG ? ? ? 1_555 A CYS 87  SG ? ? A CYS 73  A CYS 88  1_555 ? ? ? ? ? ? ? 2.036 ? ? 
disulf2 disulf ? ? A CYS 100 SG ? ? ? 1_555 A CYS 120 SG ? ? A CYS 101 A CYS 121 1_555 ? ? ? ? ? ? ? 2.033 ? ? 
# 
_struct_conn_type.id          disulf 
_struct_conn_type.criteria    ? 
_struct_conn_type.reference   ? 
# 
loop_
_pdbx_modification_feature.ordinal 
_pdbx_modification_feature.label_comp_id 
_pdbx_modification_feature.label_asym_id 
_pdbx_modification_feature.label_seq_id 
_pdbx_modification_feature.label_alt_id 
_pdbx_modification_feature.modified_residue_label_comp_id 
_pdbx_modification_feature.modified_residue_label_asym_id 
_pdbx_modification_feature.modified_residue_label_seq_id 
_pdbx_modification_feature.modified_residue_label_alt_id 
_pdbx_modification_feature.auth_comp_id 
_pdbx_modification_feature.auth_asym_id 
_pdbx_modification_feature.auth_seq_id 
_pdbx_modification_feature.PDB_ins_code 
_pdbx_modification_feature.symmetry 
_pdbx_modification_feature.modified_residue_auth_comp_id 
_pdbx_modification_feature.modified_residue_auth_asym_id 
_pdbx_modification_feature.modified_residue_auth_seq_id 
_pdbx_modification_feature.modified_residue_PDB_ins_code 
_pdbx_modification_feature.modified_residue_symmetry 
_pdbx_modification_feature.comp_id_linking_atom 
_pdbx_modification_feature.modified_residue_id_linking_atom 
_pdbx_modification_feature.modified_residue_id 
_pdbx_modification_feature.ref_pcm_id 
_pdbx_modification_feature.ref_comp_id 
_pdbx_modification_feature.type 
_pdbx_modification_feature.category 
1 CYS A 72  ? CYS A 87  ? CYS A 73  ? 1_555 CYS A 88  ? 1_555 SG SG . . . None 'Disulfide bridge' 
2 CYS A 100 ? CYS A 120 ? CYS A 101 ? 1_555 CYS A 121 ? 1_555 SG SG . . . None 'Disulfide bridge' 
# 
_struct_sheet.id               A 
_struct_sheet.type             ? 
_struct_sheet.number_strands   5 
_struct_sheet.details          ? 
# 
loop_
_struct_sheet_order.sheet_id 
_struct_sheet_order.range_id_1 
_struct_sheet_order.range_id_2 
_struct_sheet_order.offset 
_struct_sheet_order.sense 
A 1 2 ? anti-parallel 
A 2 3 ? anti-parallel 
A 3 4 ? anti-parallel 
A 4 5 ? anti-parallel 
# 
loop_
_struct_sheet_range.sheet_id 
_struct_sheet_range.id 
_struct_sheet_range.beg_label_comp_id 
_struct_sheet_range.beg_label_asym_id 
_struct_sheet_range.beg_label_seq_id 
_struct_sheet_range.pdbx_beg_PDB_ins_code 
_struct_sheet_range.end_label_comp_id 
_struct_sheet_range.end_label_asym_id 
_struct_sheet_range.end_label_seq_id 
_struct_sheet_range.pdbx_end_PDB_ins_code 
_struct_sheet_range.beg_auth_comp_id 
_struct_sheet_range.beg_auth_asym_id 
_struct_sheet_range.beg_auth_seq_id 
_struct_sheet_range.end_auth_comp_id 
_struct_sheet_range.end_auth_asym_id 
_struct_sheet_range.end_auth_seq_id 
A 1 LEU A 12  ? ASP A 14  ? LEU A 13  ASP A 15  
A 2 TYR A 41  ? LEU A 55  ? TYR A 42  LEU A 56  
A 3 ILE A 59  ? ARG A 73  ? ILE A 60  ARG A 74  
A 4 LYS A 97  ? VAL A 106 ? LYS A 98  VAL A 107 
A 5 GLN A 114 ? MET A 123 ? GLN A 115 MET A 124 
# 
loop_
_pdbx_struct_sheet_hbond.sheet_id 
_pdbx_struct_sheet_hbond.range_id_1 
_pdbx_struct_sheet_hbond.range_id_2 
_pdbx_struct_sheet_hbond.range_1_label_atom_id 
_pdbx_struct_sheet_hbond.range_1_label_comp_id 
_pdbx_struct_sheet_hbond.range_1_label_asym_id 
_pdbx_struct_sheet_hbond.range_1_label_seq_id 
_pdbx_struct_sheet_hbond.range_1_PDB_ins_code 
_pdbx_struct_sheet_hbond.range_1_auth_atom_id 
_pdbx_struct_sheet_hbond.range_1_auth_comp_id 
_pdbx_struct_sheet_hbond.range_1_auth_asym_id 
_pdbx_struct_sheet_hbond.range_1_auth_seq_id 
_pdbx_struct_sheet_hbond.range_2_label_atom_id 
_pdbx_struct_sheet_hbond.range_2_label_comp_id 
_pdbx_struct_sheet_hbond.range_2_label_asym_id 
_pdbx_struct_sheet_hbond.range_2_label_seq_id 
_pdbx_struct_sheet_hbond.range_2_PDB_ins_code 
_pdbx_struct_sheet_hbond.range_2_auth_atom_id 
_pdbx_struct_sheet_hbond.range_2_auth_comp_id 
_pdbx_struct_sheet_hbond.range_2_auth_asym_id 
_pdbx_struct_sheet_hbond.range_2_auth_seq_id 
A 1 2 N ARG A 13  ? N ARG A 14  O SER A 53  ? O SER A 54  
A 2 3 N THR A 46  ? N THR A 47  O GLU A 66  ? O GLU A 67  
A 3 4 N LEU A 63  ? N LEU A 64  O PHE A 102 ? O PHE A 103 
A 4 5 N LEU A 105 ? N LEU A 106 O GLN A 114 ? O GLN A 115 
# 
_pdbx_entry_details.entry_id                   4N6L 
_pdbx_entry_details.compound_details           ? 
_pdbx_entry_details.source_details             ? 
_pdbx_entry_details.nonpolymer_details         ? 
_pdbx_entry_details.sequence_details           ? 
_pdbx_entry_details.has_ligand_of_interest     ? 
_pdbx_entry_details.has_protein_modification   Y 
# 
_pdbx_validate_torsion.id              1 
_pdbx_validate_torsion.PDB_model_num   1 
_pdbx_validate_torsion.auth_comp_id    VAL 
_pdbx_validate_torsion.auth_asym_id    A 
_pdbx_validate_torsion.auth_seq_id     57 
_pdbx_validate_torsion.PDB_ins_code    ? 
_pdbx_validate_torsion.label_alt_id    ? 
_pdbx_validate_torsion.phi             -121.18 
_pdbx_validate_torsion.psi             -144.28 
# 
loop_
_pdbx_unobs_or_zero_occ_residues.id 
_pdbx_unobs_or_zero_occ_residues.PDB_model_num 
_pdbx_unobs_or_zero_occ_residues.polymer_flag 
_pdbx_unobs_or_zero_occ_residues.occupancy_flag 
_pdbx_unobs_or_zero_occ_residues.auth_asym_id 
_pdbx_unobs_or_zero_occ_residues.auth_comp_id 
_pdbx_unobs_or_zero_occ_residues.auth_seq_id 
_pdbx_unobs_or_zero_occ_residues.PDB_ins_code 
_pdbx_unobs_or_zero_occ_residues.label_asym_id 
_pdbx_unobs_or_zero_occ_residues.label_comp_id 
_pdbx_unobs_or_zero_occ_residues.label_seq_id 
1  1 Y 1 A MET 2   ? A MET 1   
2  1 Y 1 A ASP 3   ? A ASP 2   
3  1 Y 1 A ARG 4   ? A ARG 3   
4  1 Y 1 A PRO 5   ? A PRO 4   
5  1 Y 1 A ARG 77  ? A ARG 76  
6  1 Y 1 A VAL 78  ? A VAL 77  
7  1 Y 1 A THR 79  ? A THR 78  
8  1 Y 1 A GLY 80  ? A GLY 79  
9  1 Y 1 A ASP 81  ? A ASP 80  
10 1 Y 1 A HIS 82  ? A HIS 81  
11 1 Y 1 A GLU 126 ? A GLU 125 
12 1 Y 1 A HIS 127 ? A HIS 126 
13 1 Y 1 A HIS 128 ? A HIS 127 
14 1 Y 1 A HIS 129 ? A HIS 128 
15 1 Y 1 A HIS 130 ? A HIS 129 
16 1 Y 1 A HIS 131 ? A HIS 130 
17 1 Y 1 A HIS 132 ? A HIS 131 
# 
loop_
_chem_comp_atom.comp_id 
_chem_comp_atom.atom_id 
_chem_comp_atom.type_symbol 
_chem_comp_atom.pdbx_aromatic_flag 
_chem_comp_atom.pdbx_stereo_config 
_chem_comp_atom.pdbx_ordinal 
ALA N    N N N 1   
ALA CA   C N S 2   
ALA C    C N N 3   
ALA O    O N N 4   
ALA CB   C N N 5   
ALA OXT  O N N 6   
ALA H    H N N 7   
ALA H2   H N N 8   
ALA HA   H N N 9   
ALA HB1  H N N 10  
ALA HB2  H N N 11  
ALA HB3  H N N 12  
ALA HXT  H N N 13  
ARG N    N N N 14  
ARG CA   C N S 15  
ARG C    C N N 16  
ARG O    O N N 17  
ARG CB   C N N 18  
ARG CG   C N N 19  
ARG CD   C N N 20  
ARG NE   N N N 21  
ARG CZ   C N N 22  
ARG NH1  N N N 23  
ARG NH2  N N N 24  
ARG OXT  O N N 25  
ARG H    H N N 26  
ARG H2   H N N 27  
ARG HA   H N N 28  
ARG HB2  H N N 29  
ARG HB3  H N N 30  
ARG HG2  H N N 31  
ARG HG3  H N N 32  
ARG HD2  H N N 33  
ARG HD3  H N N 34  
ARG HE   H N N 35  
ARG HH11 H N N 36  
ARG HH12 H N N 37  
ARG HH21 H N N 38  
ARG HH22 H N N 39  
ARG HXT  H N N 40  
ASN N    N N N 41  
ASN CA   C N S 42  
ASN C    C N N 43  
ASN O    O N N 44  
ASN CB   C N N 45  
ASN CG   C N N 46  
ASN OD1  O N N 47  
ASN ND2  N N N 48  
ASN OXT  O N N 49  
ASN H    H N N 50  
ASN H2   H N N 51  
ASN HA   H N N 52  
ASN HB2  H N N 53  
ASN HB3  H N N 54  
ASN HD21 H N N 55  
ASN HD22 H N N 56  
ASN HXT  H N N 57  
ASP N    N N N 58  
ASP CA   C N S 59  
ASP C    C N N 60  
ASP O    O N N 61  
ASP CB   C N N 62  
ASP CG   C N N 63  
ASP OD1  O N N 64  
ASP OD2  O N N 65  
ASP OXT  O N N 66  
ASP H    H N N 67  
ASP H2   H N N 68  
ASP HA   H N N 69  
ASP HB2  H N N 70  
ASP HB3  H N N 71  
ASP HD2  H N N 72  
ASP HXT  H N N 73  
CYS N    N N N 74  
CYS CA   C N R 75  
CYS C    C N N 76  
CYS O    O N N 77  
CYS CB   C N N 78  
CYS SG   S N N 79  
CYS OXT  O N N 80  
CYS H    H N N 81  
CYS H2   H N N 82  
CYS HA   H N N 83  
CYS HB2  H N N 84  
CYS HB3  H N N 85  
CYS HG   H N N 86  
CYS HXT  H N N 87  
GLN N    N N N 88  
GLN CA   C N S 89  
GLN C    C N N 90  
GLN O    O N N 91  
GLN CB   C N N 92  
GLN CG   C N N 93  
GLN CD   C N N 94  
GLN OE1  O N N 95  
GLN NE2  N N N 96  
GLN OXT  O N N 97  
GLN H    H N N 98  
GLN H2   H N N 99  
GLN HA   H N N 100 
GLN HB2  H N N 101 
GLN HB3  H N N 102 
GLN HG2  H N N 103 
GLN HG3  H N N 104 
GLN HE21 H N N 105 
GLN HE22 H N N 106 
GLN HXT  H N N 107 
GLU N    N N N 108 
GLU CA   C N S 109 
GLU C    C N N 110 
GLU O    O N N 111 
GLU CB   C N N 112 
GLU CG   C N N 113 
GLU CD   C N N 114 
GLU OE1  O N N 115 
GLU OE2  O N N 116 
GLU OXT  O N N 117 
GLU H    H N N 118 
GLU H2   H N N 119 
GLU HA   H N N 120 
GLU HB2  H N N 121 
GLU HB3  H N N 122 
GLU HG2  H N N 123 
GLU HG3  H N N 124 
GLU HE2  H N N 125 
GLU HXT  H N N 126 
GLY N    N N N 127 
GLY CA   C N N 128 
GLY C    C N N 129 
GLY O    O N N 130 
GLY OXT  O N N 131 
GLY H    H N N 132 
GLY H2   H N N 133 
GLY HA2  H N N 134 
GLY HA3  H N N 135 
GLY HXT  H N N 136 
HIS N    N N N 137 
HIS CA   C N S 138 
HIS C    C N N 139 
HIS O    O N N 140 
HIS CB   C N N 141 
HIS CG   C Y N 142 
HIS ND1  N Y N 143 
HIS CD2  C Y N 144 
HIS CE1  C Y N 145 
HIS NE2  N Y N 146 
HIS OXT  O N N 147 
HIS H    H N N 148 
HIS H2   H N N 149 
HIS HA   H N N 150 
HIS HB2  H N N 151 
HIS HB3  H N N 152 
HIS HD1  H N N 153 
HIS HD2  H N N 154 
HIS HE1  H N N 155 
HIS HE2  H N N 156 
HIS HXT  H N N 157 
HOH O    O N N 158 
HOH H1   H N N 159 
HOH H2   H N N 160 
ILE N    N N N 161 
ILE CA   C N S 162 
ILE C    C N N 163 
ILE O    O N N 164 
ILE CB   C N S 165 
ILE CG1  C N N 166 
ILE CG2  C N N 167 
ILE CD1  C N N 168 
ILE OXT  O N N 169 
ILE H    H N N 170 
ILE H2   H N N 171 
ILE HA   H N N 172 
ILE HB   H N N 173 
ILE HG12 H N N 174 
ILE HG13 H N N 175 
ILE HG21 H N N 176 
ILE HG22 H N N 177 
ILE HG23 H N N 178 
ILE HD11 H N N 179 
ILE HD12 H N N 180 
ILE HD13 H N N 181 
ILE HXT  H N N 182 
LEU N    N N N 183 
LEU CA   C N S 184 
LEU C    C N N 185 
LEU O    O N N 186 
LEU CB   C N N 187 
LEU CG   C N N 188 
LEU CD1  C N N 189 
LEU CD2  C N N 190 
LEU OXT  O N N 191 
LEU H    H N N 192 
LEU H2   H N N 193 
LEU HA   H N N 194 
LEU HB2  H N N 195 
LEU HB3  H N N 196 
LEU HG   H N N 197 
LEU HD11 H N N 198 
LEU HD12 H N N 199 
LEU HD13 H N N 200 
LEU HD21 H N N 201 
LEU HD22 H N N 202 
LEU HD23 H N N 203 
LEU HXT  H N N 204 
LYS N    N N N 205 
LYS CA   C N S 206 
LYS C    C N N 207 
LYS O    O N N 208 
LYS CB   C N N 209 
LYS CG   C N N 210 
LYS CD   C N N 211 
LYS CE   C N N 212 
LYS NZ   N N N 213 
LYS OXT  O N N 214 
LYS H    H N N 215 
LYS H2   H N N 216 
LYS HA   H N N 217 
LYS HB2  H N N 218 
LYS HB3  H N N 219 
LYS HG2  H N N 220 
LYS HG3  H N N 221 
LYS HD2  H N N 222 
LYS HD3  H N N 223 
LYS HE2  H N N 224 
LYS HE3  H N N 225 
LYS HZ1  H N N 226 
LYS HZ2  H N N 227 
LYS HZ3  H N N 228 
LYS HXT  H N N 229 
MET N    N N N 230 
MET CA   C N S 231 
MET C    C N N 232 
MET O    O N N 233 
MET CB   C N N 234 
MET CG   C N N 235 
MET SD   S N N 236 
MET CE   C N N 237 
MET OXT  O N N 238 
MET H    H N N 239 
MET H2   H N N 240 
MET HA   H N N 241 
MET HB2  H N N 242 
MET HB3  H N N 243 
MET HG2  H N N 244 
MET HG3  H N N 245 
MET HE1  H N N 246 
MET HE2  H N N 247 
MET HE3  H N N 248 
MET HXT  H N N 249 
PHE N    N N N 250 
PHE CA   C N S 251 
PHE C    C N N 252 
PHE O    O N N 253 
PHE CB   C N N 254 
PHE CG   C Y N 255 
PHE CD1  C Y N 256 
PHE CD2  C Y N 257 
PHE CE1  C Y N 258 
PHE CE2  C Y N 259 
PHE CZ   C Y N 260 
PHE OXT  O N N 261 
PHE H    H N N 262 
PHE H2   H N N 263 
PHE HA   H N N 264 
PHE HB2  H N N 265 
PHE HB3  H N N 266 
PHE HD1  H N N 267 
PHE HD2  H N N 268 
PHE HE1  H N N 269 
PHE HE2  H N N 270 
PHE HZ   H N N 271 
PHE HXT  H N N 272 
PRO N    N N N 273 
PRO CA   C N S 274 
PRO C    C N N 275 
PRO O    O N N 276 
PRO CB   C N N 277 
PRO CG   C N N 278 
PRO CD   C N N 279 
PRO OXT  O N N 280 
PRO H    H N N 281 
PRO HA   H N N 282 
PRO HB2  H N N 283 
PRO HB3  H N N 284 
PRO HG2  H N N 285 
PRO HG3  H N N 286 
PRO HD2  H N N 287 
PRO HD3  H N N 288 
PRO HXT  H N N 289 
SER N    N N N 290 
SER CA   C N S 291 
SER C    C N N 292 
SER O    O N N 293 
SER CB   C N N 294 
SER OG   O N N 295 
SER OXT  O N N 296 
SER H    H N N 297 
SER H2   H N N 298 
SER HA   H N N 299 
SER HB2  H N N 300 
SER HB3  H N N 301 
SER HG   H N N 302 
SER HXT  H N N 303 
THR N    N N N 304 
THR CA   C N S 305 
THR C    C N N 306 
THR O    O N N 307 
THR CB   C N R 308 
THR OG1  O N N 309 
THR CG2  C N N 310 
THR OXT  O N N 311 
THR H    H N N 312 
THR H2   H N N 313 
THR HA   H N N 314 
THR HB   H N N 315 
THR HG1  H N N 316 
THR HG21 H N N 317 
THR HG22 H N N 318 
THR HG23 H N N 319 
THR HXT  H N N 320 
TRP N    N N N 321 
TRP CA   C N S 322 
TRP C    C N N 323 
TRP O    O N N 324 
TRP CB   C N N 325 
TRP CG   C Y N 326 
TRP CD1  C Y N 327 
TRP CD2  C Y N 328 
TRP NE1  N Y N 329 
TRP CE2  C Y N 330 
TRP CE3  C Y N 331 
TRP CZ2  C Y N 332 
TRP CZ3  C Y N 333 
TRP CH2  C Y N 334 
TRP OXT  O N N 335 
TRP H    H N N 336 
TRP H2   H N N 337 
TRP HA   H N N 338 
TRP HB2  H N N 339 
TRP HB3  H N N 340 
TRP HD1  H N N 341 
TRP HE1  H N N 342 
TRP HE3  H N N 343 
TRP HZ2  H N N 344 
TRP HZ3  H N N 345 
TRP HH2  H N N 346 
TRP HXT  H N N 347 
TYR N    N N N 348 
TYR CA   C N S 349 
TYR C    C N N 350 
TYR O    O N N 351 
TYR CB   C N N 352 
TYR CG   C Y N 353 
TYR CD1  C Y N 354 
TYR CD2  C Y N 355 
TYR CE1  C Y N 356 
TYR CE2  C Y N 357 
TYR CZ   C Y N 358 
TYR OH   O N N 359 
TYR OXT  O N N 360 
TYR H    H N N 361 
TYR H2   H N N 362 
TYR HA   H N N 363 
TYR HB2  H N N 364 
TYR HB3  H N N 365 
TYR HD1  H N N 366 
TYR HD2  H N N 367 
TYR HE1  H N N 368 
TYR HE2  H N N 369 
TYR HH   H N N 370 
TYR HXT  H N N 371 
VAL N    N N N 372 
VAL CA   C N S 373 
VAL C    C N N 374 
VAL O    O N N 375 
VAL CB   C N N 376 
VAL CG1  C N N 377 
VAL CG2  C N N 378 
VAL OXT  O N N 379 
VAL H    H N N 380 
VAL H2   H N N 381 
VAL HA   H N N 382 
VAL HB   H N N 383 
VAL HG11 H N N 384 
VAL HG12 H N N 385 
VAL HG13 H N N 386 
VAL HG21 H N N 387 
VAL HG22 H N N 388 
VAL HG23 H N N 389 
VAL HXT  H N N 390 
# 
loop_
_chem_comp_bond.comp_id 
_chem_comp_bond.atom_id_1 
_chem_comp_bond.atom_id_2 
_chem_comp_bond.value_order 
_chem_comp_bond.pdbx_aromatic_flag 
_chem_comp_bond.pdbx_stereo_config 
_chem_comp_bond.pdbx_ordinal 
ALA N   CA   sing N N 1   
ALA N   H    sing N N 2   
ALA N   H2   sing N N 3   
ALA CA  C    sing N N 4   
ALA CA  CB   sing N N 5   
ALA CA  HA   sing N N 6   
ALA C   O    doub N N 7   
ALA C   OXT  sing N N 8   
ALA CB  HB1  sing N N 9   
ALA CB  HB2  sing N N 10  
ALA CB  HB3  sing N N 11  
ALA OXT HXT  sing N N 12  
ARG N   CA   sing N N 13  
ARG N   H    sing N N 14  
ARG N   H2   sing N N 15  
ARG CA  C    sing N N 16  
ARG CA  CB   sing N N 17  
ARG CA  HA   sing N N 18  
ARG C   O    doub N N 19  
ARG C   OXT  sing N N 20  
ARG CB  CG   sing N N 21  
ARG CB  HB2  sing N N 22  
ARG CB  HB3  sing N N 23  
ARG CG  CD   sing N N 24  
ARG CG  HG2  sing N N 25  
ARG CG  HG3  sing N N 26  
ARG CD  NE   sing N N 27  
ARG CD  HD2  sing N N 28  
ARG CD  HD3  sing N N 29  
ARG NE  CZ   sing N N 30  
ARG NE  HE   sing N N 31  
ARG CZ  NH1  sing N N 32  
ARG CZ  NH2  doub N N 33  
ARG NH1 HH11 sing N N 34  
ARG NH1 HH12 sing N N 35  
ARG NH2 HH21 sing N N 36  
ARG NH2 HH22 sing N N 37  
ARG OXT HXT  sing N N 38  
ASN N   CA   sing N N 39  
ASN N   H    sing N N 40  
ASN N   H2   sing N N 41  
ASN CA  C    sing N N 42  
ASN CA  CB   sing N N 43  
ASN CA  HA   sing N N 44  
ASN C   O    doub N N 45  
ASN C   OXT  sing N N 46  
ASN CB  CG   sing N N 47  
ASN CB  HB2  sing N N 48  
ASN CB  HB3  sing N N 49  
ASN CG  OD1  doub N N 50  
ASN CG  ND2  sing N N 51  
ASN ND2 HD21 sing N N 52  
ASN ND2 HD22 sing N N 53  
ASN OXT HXT  sing N N 54  
ASP N   CA   sing N N 55  
ASP N   H    sing N N 56  
ASP N   H2   sing N N 57  
ASP CA  C    sing N N 58  
ASP CA  CB   sing N N 59  
ASP CA  HA   sing N N 60  
ASP C   O    doub N N 61  
ASP C   OXT  sing N N 62  
ASP CB  CG   sing N N 63  
ASP CB  HB2  sing N N 64  
ASP CB  HB3  sing N N 65  
ASP CG  OD1  doub N N 66  
ASP CG  OD2  sing N N 67  
ASP OD2 HD2  sing N N 68  
ASP OXT HXT  sing N N 69  
CYS N   CA   sing N N 70  
CYS N   H    sing N N 71  
CYS N   H2   sing N N 72  
CYS CA  C    sing N N 73  
CYS CA  CB   sing N N 74  
CYS CA  HA   sing N N 75  
CYS C   O    doub N N 76  
CYS C   OXT  sing N N 77  
CYS CB  SG   sing N N 78  
CYS CB  HB2  sing N N 79  
CYS CB  HB3  sing N N 80  
CYS SG  HG   sing N N 81  
CYS OXT HXT  sing N N 82  
GLN N   CA   sing N N 83  
GLN N   H    sing N N 84  
GLN N   H2   sing N N 85  
GLN CA  C    sing N N 86  
GLN CA  CB   sing N N 87  
GLN CA  HA   sing N N 88  
GLN C   O    doub N N 89  
GLN C   OXT  sing N N 90  
GLN CB  CG   sing N N 91  
GLN CB  HB2  sing N N 92  
GLN CB  HB3  sing N N 93  
GLN CG  CD   sing N N 94  
GLN CG  HG2  sing N N 95  
GLN CG  HG3  sing N N 96  
GLN CD  OE1  doub N N 97  
GLN CD  NE2  sing N N 98  
GLN NE2 HE21 sing N N 99  
GLN NE2 HE22 sing N N 100 
GLN OXT HXT  sing N N 101 
GLU N   CA   sing N N 102 
GLU N   H    sing N N 103 
GLU N   H2   sing N N 104 
GLU CA  C    sing N N 105 
GLU CA  CB   sing N N 106 
GLU CA  HA   sing N N 107 
GLU C   O    doub N N 108 
GLU C   OXT  sing N N 109 
GLU CB  CG   sing N N 110 
GLU CB  HB2  sing N N 111 
GLU CB  HB3  sing N N 112 
GLU CG  CD   sing N N 113 
GLU CG  HG2  sing N N 114 
GLU CG  HG3  sing N N 115 
GLU CD  OE1  doub N N 116 
GLU CD  OE2  sing N N 117 
GLU OE2 HE2  sing N N 118 
GLU OXT HXT  sing N N 119 
GLY N   CA   sing N N 120 
GLY N   H    sing N N 121 
GLY N   H2   sing N N 122 
GLY CA  C    sing N N 123 
GLY CA  HA2  sing N N 124 
GLY CA  HA3  sing N N 125 
GLY C   O    doub N N 126 
GLY C   OXT  sing N N 127 
GLY OXT HXT  sing N N 128 
HIS N   CA   sing N N 129 
HIS N   H    sing N N 130 
HIS N   H2   sing N N 131 
HIS CA  C    sing N N 132 
HIS CA  CB   sing N N 133 
HIS CA  HA   sing N N 134 
HIS C   O    doub N N 135 
HIS C   OXT  sing N N 136 
HIS CB  CG   sing N N 137 
HIS CB  HB2  sing N N 138 
HIS CB  HB3  sing N N 139 
HIS CG  ND1  sing Y N 140 
HIS CG  CD2  doub Y N 141 
HIS ND1 CE1  doub Y N 142 
HIS ND1 HD1  sing N N 143 
HIS CD2 NE2  sing Y N 144 
HIS CD2 HD2  sing N N 145 
HIS CE1 NE2  sing Y N 146 
HIS CE1 HE1  sing N N 147 
HIS NE2 HE2  sing N N 148 
HIS OXT HXT  sing N N 149 
HOH O   H1   sing N N 150 
HOH O   H2   sing N N 151 
ILE N   CA   sing N N 152 
ILE N   H    sing N N 153 
ILE N   H2   sing N N 154 
ILE CA  C    sing N N 155 
ILE CA  CB   sing N N 156 
ILE CA  HA   sing N N 157 
ILE C   O    doub N N 158 
ILE C   OXT  sing N N 159 
ILE CB  CG1  sing N N 160 
ILE CB  CG2  sing N N 161 
ILE CB  HB   sing N N 162 
ILE CG1 CD1  sing N N 163 
ILE CG1 HG12 sing N N 164 
ILE CG1 HG13 sing N N 165 
ILE CG2 HG21 sing N N 166 
ILE CG2 HG22 sing N N 167 
ILE CG2 HG23 sing N N 168 
ILE CD1 HD11 sing N N 169 
ILE CD1 HD12 sing N N 170 
ILE CD1 HD13 sing N N 171 
ILE OXT HXT  sing N N 172 
LEU N   CA   sing N N 173 
LEU N   H    sing N N 174 
LEU N   H2   sing N N 175 
LEU CA  C    sing N N 176 
LEU CA  CB   sing N N 177 
LEU CA  HA   sing N N 178 
LEU C   O    doub N N 179 
LEU C   OXT  sing N N 180 
LEU CB  CG   sing N N 181 
LEU CB  HB2  sing N N 182 
LEU CB  HB3  sing N N 183 
LEU CG  CD1  sing N N 184 
LEU CG  CD2  sing N N 185 
LEU CG  HG   sing N N 186 
LEU CD1 HD11 sing N N 187 
LEU CD1 HD12 sing N N 188 
LEU CD1 HD13 sing N N 189 
LEU CD2 HD21 sing N N 190 
LEU CD2 HD22 sing N N 191 
LEU CD2 HD23 sing N N 192 
LEU OXT HXT  sing N N 193 
LYS N   CA   sing N N 194 
LYS N   H    sing N N 195 
LYS N   H2   sing N N 196 
LYS CA  C    sing N N 197 
LYS CA  CB   sing N N 198 
LYS CA  HA   sing N N 199 
LYS C   O    doub N N 200 
LYS C   OXT  sing N N 201 
LYS CB  CG   sing N N 202 
LYS CB  HB2  sing N N 203 
LYS CB  HB3  sing N N 204 
LYS CG  CD   sing N N 205 
LYS CG  HG2  sing N N 206 
LYS CG  HG3  sing N N 207 
LYS CD  CE   sing N N 208 
LYS CD  HD2  sing N N 209 
LYS CD  HD3  sing N N 210 
LYS CE  NZ   sing N N 211 
LYS CE  HE2  sing N N 212 
LYS CE  HE3  sing N N 213 
LYS NZ  HZ1  sing N N 214 
LYS NZ  HZ2  sing N N 215 
LYS NZ  HZ3  sing N N 216 
LYS OXT HXT  sing N N 217 
MET N   CA   sing N N 218 
MET N   H    sing N N 219 
MET N   H2   sing N N 220 
MET CA  C    sing N N 221 
MET CA  CB   sing N N 222 
MET CA  HA   sing N N 223 
MET C   O    doub N N 224 
MET C   OXT  sing N N 225 
MET CB  CG   sing N N 226 
MET CB  HB2  sing N N 227 
MET CB  HB3  sing N N 228 
MET CG  SD   sing N N 229 
MET CG  HG2  sing N N 230 
MET CG  HG3  sing N N 231 
MET SD  CE   sing N N 232 
MET CE  HE1  sing N N 233 
MET CE  HE2  sing N N 234 
MET CE  HE3  sing N N 235 
MET OXT HXT  sing N N 236 
PHE N   CA   sing N N 237 
PHE N   H    sing N N 238 
PHE N   H2   sing N N 239 
PHE CA  C    sing N N 240 
PHE CA  CB   sing N N 241 
PHE CA  HA   sing N N 242 
PHE C   O    doub N N 243 
PHE C   OXT  sing N N 244 
PHE CB  CG   sing N N 245 
PHE CB  HB2  sing N N 246 
PHE CB  HB3  sing N N 247 
PHE CG  CD1  doub Y N 248 
PHE CG  CD2  sing Y N 249 
PHE CD1 CE1  sing Y N 250 
PHE CD1 HD1  sing N N 251 
PHE CD2 CE2  doub Y N 252 
PHE CD2 HD2  sing N N 253 
PHE CE1 CZ   doub Y N 254 
PHE CE1 HE1  sing N N 255 
PHE CE2 CZ   sing Y N 256 
PHE CE2 HE2  sing N N 257 
PHE CZ  HZ   sing N N 258 
PHE OXT HXT  sing N N 259 
PRO N   CA   sing N N 260 
PRO N   CD   sing N N 261 
PRO N   H    sing N N 262 
PRO CA  C    sing N N 263 
PRO CA  CB   sing N N 264 
PRO CA  HA   sing N N 265 
PRO C   O    doub N N 266 
PRO C   OXT  sing N N 267 
PRO CB  CG   sing N N 268 
PRO CB  HB2  sing N N 269 
PRO CB  HB3  sing N N 270 
PRO CG  CD   sing N N 271 
PRO CG  HG2  sing N N 272 
PRO CG  HG3  sing N N 273 
PRO CD  HD2  sing N N 274 
PRO CD  HD3  sing N N 275 
PRO OXT HXT  sing N N 276 
SER N   CA   sing N N 277 
SER N   H    sing N N 278 
SER N   H2   sing N N 279 
SER CA  C    sing N N 280 
SER CA  CB   sing N N 281 
SER CA  HA   sing N N 282 
SER C   O    doub N N 283 
SER C   OXT  sing N N 284 
SER CB  OG   sing N N 285 
SER CB  HB2  sing N N 286 
SER CB  HB3  sing N N 287 
SER OG  HG   sing N N 288 
SER OXT HXT  sing N N 289 
THR N   CA   sing N N 290 
THR N   H    sing N N 291 
THR N   H2   sing N N 292 
THR CA  C    sing N N 293 
THR CA  CB   sing N N 294 
THR CA  HA   sing N N 295 
THR C   O    doub N N 296 
THR C   OXT  sing N N 297 
THR CB  OG1  sing N N 298 
THR CB  CG2  sing N N 299 
THR CB  HB   sing N N 300 
THR OG1 HG1  sing N N 301 
THR CG2 HG21 sing N N 302 
THR CG2 HG22 sing N N 303 
THR CG2 HG23 sing N N 304 
THR OXT HXT  sing N N 305 
TRP N   CA   sing N N 306 
TRP N   H    sing N N 307 
TRP N   H2   sing N N 308 
TRP CA  C    sing N N 309 
TRP CA  CB   sing N N 310 
TRP CA  HA   sing N N 311 
TRP C   O    doub N N 312 
TRP C   OXT  sing N N 313 
TRP CB  CG   sing N N 314 
TRP CB  HB2  sing N N 315 
TRP CB  HB3  sing N N 316 
TRP CG  CD1  doub Y N 317 
TRP CG  CD2  sing Y N 318 
TRP CD1 NE1  sing Y N 319 
TRP CD1 HD1  sing N N 320 
TRP CD2 CE2  doub Y N 321 
TRP CD2 CE3  sing Y N 322 
TRP NE1 CE2  sing Y N 323 
TRP NE1 HE1  sing N N 324 
TRP CE2 CZ2  sing Y N 325 
TRP CE3 CZ3  doub Y N 326 
TRP CE3 HE3  sing N N 327 
TRP CZ2 CH2  doub Y N 328 
TRP CZ2 HZ2  sing N N 329 
TRP CZ3 CH2  sing Y N 330 
TRP CZ3 HZ3  sing N N 331 
TRP CH2 HH2  sing N N 332 
TRP OXT HXT  sing N N 333 
TYR N   CA   sing N N 334 
TYR N   H    sing N N 335 
TYR N   H2   sing N N 336 
TYR CA  C    sing N N 337 
TYR CA  CB   sing N N 338 
TYR CA  HA   sing N N 339 
TYR C   O    doub N N 340 
TYR C   OXT  sing N N 341 
TYR CB  CG   sing N N 342 
TYR CB  HB2  sing N N 343 
TYR CB  HB3  sing N N 344 
TYR CG  CD1  doub Y N 345 
TYR CG  CD2  sing Y N 346 
TYR CD1 CE1  sing Y N 347 
TYR CD1 HD1  sing N N 348 
TYR CD2 CE2  doub Y N 349 
TYR CD2 HD2  sing N N 350 
TYR CE1 CZ   doub Y N 351 
TYR CE1 HE1  sing N N 352 
TYR CE2 CZ   sing Y N 353 
TYR CE2 HE2  sing N N 354 
TYR CZ  OH   sing N N 355 
TYR OH  HH   sing N N 356 
TYR OXT HXT  sing N N 357 
VAL N   CA   sing N N 358 
VAL N   H    sing N N 359 
VAL N   H2   sing N N 360 
VAL CA  C    sing N N 361 
VAL CA  CB   sing N N 362 
VAL CA  HA   sing N N 363 
VAL C   O    doub N N 364 
VAL C   OXT  sing N N 365 
VAL CB  CG1  sing N N 366 
VAL CB  CG2  sing N N 367 
VAL CB  HB   sing N N 368 
VAL CG1 HG11 sing N N 369 
VAL CG1 HG12 sing N N 370 
VAL CG1 HG13 sing N N 371 
VAL CG2 HG21 sing N N 372 
VAL CG2 HG22 sing N N 373 
VAL CG2 HG23 sing N N 374 
VAL OXT HXT  sing N N 375 
# 
_pdbx_initial_refinement_model.id               1 
_pdbx_initial_refinement_model.entity_id_list   ? 
_pdbx_initial_refinement_model.type             'experimental model' 
_pdbx_initial_refinement_model.source_name      PDB 
_pdbx_initial_refinement_model.accession_code   3GAX 
_pdbx_initial_refinement_model.details          'PDB ENTRY 3GAX' 
# 
_atom_sites.entry_id                    4N6L 
_atom_sites.fract_transf_matrix[1][1]   0.00798654 
_atom_sites.fract_transf_matrix[1][2]   0.01083145 
_atom_sites.fract_transf_matrix[1][3]   -0.01914668 
_atom_sites.fract_transf_matrix[2][1]   0.01366611 
_atom_sites.fract_transf_matrix[2][2]   -0.00335963 
_atom_sites.fract_transf_matrix[2][3]   0.00379989 
_atom_sites.fract_transf_matrix[3][1]   -0.00168595 
_atom_sites.fract_transf_matrix[3][2]   -0.02125019 
_atom_sites.fract_transf_matrix[3][3]   -0.01272468 
_atom_sites.fract_transf_vector[1]      0.991437 
_atom_sites.fract_transf_vector[2]      0.185580 
_atom_sites.fract_transf_vector[3]      0.403819 
# 
loop_
_atom_type.symbol 
C 
N 
O 
S 
# 
loop_
_atom_site.group_PDB 
_atom_site.id 
_atom_site.type_symbol 
_atom_site.label_atom_id 
_atom_site.label_alt_id 
_atom_site.label_comp_id 
_atom_site.label_asym_id 
_atom_site.label_entity_id 
_atom_site.label_seq_id 
_atom_site.pdbx_PDB_ins_code 
_atom_site.Cartn_x 
_atom_site.Cartn_y 
_atom_site.Cartn_z 
_atom_site.occupancy 
_atom_site.B_iso_or_equiv 
_atom_site.pdbx_formal_charge 
_atom_site.auth_seq_id 
_atom_site.auth_comp_id 
_atom_site.auth_asym_id 
_atom_site.auth_atom_id 
_atom_site.pdbx_PDB_model_num 
ATOM   1   N N   . GLN A 1 5   ? -2.757  -17.706 -26.961 1.00 43.87 ? 6   GLN A N   1 
ATOM   2   C CA  . GLN A 1 5   ? -2.382  -16.298 -27.030 1.00 54.64 ? 6   GLN A CA  1 
ATOM   3   C C   . GLN A 1 5   ? -1.039  -16.063 -26.321 1.00 45.37 ? 6   GLN A C   1 
ATOM   4   O O   . GLN A 1 5   ? -0.582  -16.899 -25.533 1.00 45.66 ? 6   GLN A O   1 
ATOM   5   C CB  . GLN A 1 5   ? -3.516  -15.418 -26.462 1.00 51.53 ? 6   GLN A CB  1 
ATOM   6   C CG  . GLN A 1 5   ? -3.167  -13.947 -26.177 1.00 43.13 ? 6   GLN A CG  1 
ATOM   7   C CD  . GLN A 1 5   ? -3.755  -12.959 -27.175 1.00 42.55 ? 6   GLN A CD  1 
ATOM   8   O OE1 . GLN A 1 5   ? -4.946  -13.001 -27.481 1.00 46.75 ? 6   GLN A OE1 1 
ATOM   9   N NE2 . GLN A 1 5   ? -2.921  -12.048 -27.666 1.00 42.30 ? 6   GLN A NE2 1 
ATOM   10  N N   . GLU A 1 6   ? -0.394  -14.946 -26.647 1.00 38.50 ? 7   GLU A N   1 
ATOM   11  C CA  . GLU A 1 6   ? 0.859   -14.551 -26.025 1.00 30.21 ? 7   GLU A CA  1 
ATOM   12  C C   . GLU A 1 6   ? 0.645   -13.972 -24.620 1.00 29.48 ? 7   GLU A C   1 
ATOM   13  O O   . GLU A 1 6   ? 1.423   -14.243 -23.706 1.00 28.40 ? 7   GLU A O   1 
ATOM   14  C CB  . GLU A 1 6   ? 1.578   -13.544 -26.931 1.00 32.85 ? 7   GLU A CB  1 
ATOM   15  C CG  . GLU A 1 6   ? 1.679   -14.033 -28.381 1.00 37.29 ? 7   GLU A CG  1 
ATOM   16  C CD  . GLU A 1 6   ? 1.923   -12.929 -29.399 1.00 40.11 ? 7   GLU A CD  1 
ATOM   17  O OE1 . GLU A 1 6   ? 2.139   -13.273 -30.582 1.00 44.19 ? 7   GLU A OE1 1 
ATOM   18  O OE2 . GLU A 1 6   ? 1.888   -11.734 -29.036 1.00 32.26 ? 7   GLU A OE2 1 
ATOM   19  N N   . ARG A 1 7   ? -0.415  -13.187 -24.443 1.00 26.31 ? 8   ARG A N   1 
ATOM   20  C CA  . ARG A 1 7   ? -0.644  -12.523 -23.160 1.00 33.66 ? 8   ARG A CA  1 
ATOM   21  C C   . ARG A 1 7   ? -1.308  -13.414 -22.115 1.00 32.53 ? 8   ARG A C   1 
ATOM   22  O O   . ARG A 1 7   ? -2.125  -14.279 -22.444 1.00 31.60 ? 8   ARG A O   1 
ATOM   23  C CB  . ARG A 1 7   ? -1.427  -11.218 -23.349 1.00 31.75 ? 8   ARG A CB  1 
ATOM   24  C CG  . ARG A 1 7   ? -0.591  -10.125 -23.986 1.00 34.10 ? 8   ARG A CG  1 
ATOM   25  C CD  . ARG A 1 7   ? -1.182  -8.747  -23.766 1.00 41.75 ? 8   ARG A CD  1 
ATOM   26  N NE  . ARG A 1 7   ? -2.357  -8.517  -24.597 1.00 57.25 ? 8   ARG A NE  1 
ATOM   27  C CZ  . ARG A 1 7   ? -2.306  -8.048  -25.840 1.00 59.31 ? 8   ARG A CZ  1 
ATOM   28  N NH1 . ARG A 1 7   ? -1.134  -7.763  -26.391 1.00 61.07 ? 8   ARG A NH1 1 
ATOM   29  N NH2 . ARG A 1 7   ? -3.421  -7.865  -26.536 1.00 56.47 ? 8   ARG A NH2 1 
ATOM   30  N N   . MET A 1 8   ? -0.920  -13.209 -20.859 1.00 28.76 ? 9   MET A N   1 
ATOM   31  C CA  . MET A 1 8   ? -1.534  -13.891 -19.726 1.00 27.64 ? 9   MET A CA  1 
ATOM   32  C C   . MET A 1 8   ? -2.354  -12.887 -18.920 1.00 31.43 ? 9   MET A C   1 
ATOM   33  O O   . MET A 1 8   ? -1.800  -12.037 -18.213 1.00 25.25 ? 9   MET A O   1 
ATOM   34  C CB  . MET A 1 8   ? -0.459  -14.524 -18.842 1.00 30.18 ? 9   MET A CB  1 
ATOM   35  C CG  . MET A 1 8   ? -0.980  -15.507 -17.803 1.00 32.00 ? 9   MET A CG  1 
ATOM   36  S SD  . MET A 1 8   ? 0.329   -16.671 -17.366 1.00 64.14 ? 9   MET A SD  1 
ATOM   37  C CE  . MET A 1 8   ? 0.888   -17.161 -19.004 1.00 42.31 ? 9   MET A CE  1 
ATOM   38  N N   . VAL A 1 9   ? -3.674  -12.965 -19.053 1.00 27.30 ? 10  VAL A N   1 
ATOM   39  C CA  . VAL A 1 9   ? -4.575  -12.110 -18.290 1.00 31.39 ? 10  VAL A CA  1 
ATOM   40  C C   . VAL A 1 9   ? -5.594  -12.984 -17.573 1.00 38.83 ? 10  VAL A C   1 
ATOM   41  O O   . VAL A 1 9   ? -6.434  -13.626 -18.209 1.00 41.50 ? 10  VAL A O   1 
ATOM   42  C CB  . VAL A 1 9   ? -5.290  -11.074 -19.183 1.00 41.59 ? 10  VAL A CB  1 
ATOM   43  C CG1 . VAL A 1 9   ? -6.268  -10.262 -18.362 1.00 30.01 ? 10  VAL A CG1 1 
ATOM   44  C CG2 . VAL A 1 9   ? -4.280  -10.152 -19.847 1.00 34.76 ? 10  VAL A CG2 1 
ATOM   45  N N   . GLY A 1 10  ? -5.500  -13.019 -16.247 1.00 29.93 ? 11  GLY A N   1 
ATOM   46  C CA  . GLY A 1 10  ? -6.367  -13.852 -15.439 1.00 25.72 ? 11  GLY A CA  1 
ATOM   47  C C   . GLY A 1 10  ? -7.616  -13.142 -14.964 1.00 22.34 ? 11  GLY A C   1 
ATOM   48  O O   . GLY A 1 10  ? -7.857  -11.976 -15.284 1.00 24.54 ? 11  GLY A O   1 
ATOM   49  N N   . GLU A 1 11  ? -8.413  -13.867 -14.192 1.00 23.74 ? 12  GLU A N   1 
ATOM   50  C CA  . GLU A 1 11  ? -9.642  -13.350 -13.620 1.00 27.08 ? 12  GLU A CA  1 
ATOM   51  C C   . GLU A 1 11  ? -9.333  -12.368 -12.489 1.00 19.28 ? 12  GLU A C   1 
ATOM   52  O O   . GLU A 1 11  ? -8.390  -12.568 -11.719 1.00 24.01 ? 12  GLU A O   1 
ATOM   53  C CB  . GLU A 1 11  ? -10.474 -14.536 -13.119 1.00 27.69 ? 12  GLU A CB  1 
ATOM   54  C CG  . GLU A 1 11  ? -11.679 -14.215 -12.262 1.00 28.55 ? 12  GLU A CG  1 
ATOM   55  C CD  . GLU A 1 11  ? -12.175 -15.438 -11.513 1.00 34.46 ? 12  GLU A CD  1 
ATOM   56  O OE1 . GLU A 1 11  ? -13.342 -15.432 -11.071 1.00 40.29 ? 12  GLU A OE1 1 
ATOM   57  O OE2 . GLU A 1 11  ? -11.392 -16.403 -11.361 1.00 39.24 ? 12  GLU A OE2 1 
ATOM   58  N N   . LEU A 1 12  ? -10.114 -11.295 -12.420 1.00 22.08 ? 13  LEU A N   1 
ATOM   59  C CA  . LEU A 1 12  ? -10.051 -10.342 -11.315 1.00 19.98 ? 13  LEU A CA  1 
ATOM   60  C C   . LEU A 1 12  ? -10.877 -10.905 -10.158 1.00 25.42 ? 13  LEU A C   1 
ATOM   61  O O   . LEU A 1 12  ? -12.043 -11.249 -10.345 1.00 24.46 ? 13  LEU A O   1 
ATOM   62  C CB  . LEU A 1 12  ? -10.605 -8.988  -11.780 1.00 21.94 ? 13  LEU A CB  1 
ATOM   63  C CG  . LEU A 1 12  ? -10.551 -7.751  -10.880 1.00 25.40 ? 13  LEU A CG  1 
ATOM   64  C CD1 . LEU A 1 12  ? -9.117  -7.370  -10.564 1.00 22.76 ? 13  LEU A CD1 1 
ATOM   65  C CD2 . LEU A 1 12  ? -11.277 -6.576  -11.521 1.00 32.34 ? 13  LEU A CD2 1 
ATOM   66  N N   . ARG A 1 13  ? -10.289 -11.019 -8.968  1.00 17.84 ? 14  ARG A N   1 
ATOM   67  C CA  . ARG A 1 13  ? -11.006 -11.637 -7.849  1.00 20.88 ? 14  ARG A CA  1 
ATOM   68  C C   . ARG A 1 13  ? -10.853 -10.906 -6.513  1.00 27.65 ? 14  ARG A C   1 
ATOM   69  O O   . ARG A 1 13  ? -9.794  -10.355 -6.207  1.00 22.71 ? 14  ARG A O   1 
ATOM   70  C CB  . ARG A 1 13  ? -10.604 -13.109 -7.701  1.00 29.85 ? 14  ARG A CB  1 
ATOM   71  C CG  . ARG A 1 13  ? -9.106  -13.347 -7.657  1.00 33.20 ? 14  ARG A CG  1 
ATOM   72  C CD  . ARG A 1 13  ? -8.778  -14.704 -7.042  1.00 37.35 ? 14  ARG A CD  1 
ATOM   73  N NE  . ARG A 1 13  ? -9.326  -15.820 -7.809  1.00 36.99 ? 14  ARG A NE  1 
ATOM   74  C CZ  . ARG A 1 13  ? -8.609  -16.603 -8.611  1.00 39.99 ? 14  ARG A CZ  1 
ATOM   75  N NH1 . ARG A 1 13  ? -7.307  -16.403 -8.757  1.00 38.51 ? 14  ARG A NH1 1 
ATOM   76  N NH2 . ARG A 1 13  ? -9.191  -17.594 -9.269  1.00 45.12 ? 14  ARG A NH2 1 
ATOM   77  N N   . ASP A 1 14  ? -11.922 -10.908 -5.723  1.00 23.47 ? 15  ASP A N   1 
ATOM   78  C CA  . ASP A 1 14  ? -11.875 -10.348 -4.377  1.00 24.23 ? 15  ASP A CA  1 
ATOM   79  C C   . ASP A 1 14  ? -11.045 -11.241 -3.467  1.00 25.54 ? 15  ASP A C   1 
ATOM   80  O O   . ASP A 1 14  ? -11.139 -12.464 -3.535  1.00 25.37 ? 15  ASP A O   1 
ATOM   81  C CB  . ASP A 1 14  ? -13.287 -10.220 -3.806  1.00 26.14 ? 15  ASP A CB  1 
ATOM   82  C CG  . ASP A 1 14  ? -14.139 -9.235  -4.575  1.00 33.24 ? 15  ASP A CG  1 
ATOM   83  O OD1 . ASP A 1 14  ? -13.633 -8.142  -4.910  1.00 28.55 ? 15  ASP A OD1 1 
ATOM   84  O OD2 . ASP A 1 14  ? -15.321 -9.552  -4.839  1.00 33.54 ? 15  ASP A OD2 1 
ATOM   85  N N   . LEU A 1 15  ? -10.220 -10.626 -2.627  1.00 22.83 ? 16  LEU A N   1 
ATOM   86  C CA  . LEU A 1 15  ? -9.474  -11.365 -1.616  1.00 23.83 ? 16  LEU A CA  1 
ATOM   87  C C   . LEU A 1 15  ? -9.864  -10.856 -0.234  1.00 26.25 ? 16  LEU A C   1 
ATOM   88  O O   . LEU A 1 15  ? -10.436 -9.769  -0.109  1.00 26.45 ? 16  LEU A O   1 
ATOM   89  C CB  . LEU A 1 15  ? -7.968  -11.186 -1.820  1.00 25.58 ? 16  LEU A CB  1 
ATOM   90  C CG  . LEU A 1 15  ? -7.345  -11.702 -3.114  1.00 28.69 ? 16  LEU A CG  1 
ATOM   91  C CD1 . LEU A 1 15  ? -5.829  -11.551 -3.078  1.00 28.27 ? 16  LEU A CD1 1 
ATOM   92  C CD2 . LEU A 1 15  ? -7.739  -13.154 -3.377  1.00 28.65 ? 16  LEU A CD2 1 
ATOM   93  N N   . SER A 1 16  ? -9.573  -11.641 0.800   1.00 26.26 ? 17  SER A N   1 
ATOM   94  C CA  . SER A 1 16  ? -9.690  -11.153 2.175   1.00 25.24 ? 17  SER A CA  1 
ATOM   95  C C   . SER A 1 16  ? -8.601  -10.124 2.452   1.00 23.61 ? 17  SER A C   1 
ATOM   96  O O   . SER A 1 16  ? -7.458  -10.310 2.040   1.00 27.52 ? 17  SER A O   1 
ATOM   97  C CB  . SER A 1 16  ? -9.550  -12.305 3.168   1.00 26.28 ? 17  SER A CB  1 
ATOM   98  O OG  . SER A 1 16  ? -9.271  -11.815 4.469   1.00 28.27 ? 17  SER A OG  1 
ATOM   99  N N   . PRO A 1 17  ? -8.949  -9.028  3.150   1.00 27.87 ? 18  PRO A N   1 
ATOM   100 C CA  . PRO A 1 17  ? -7.960  -8.019  3.543   1.00 24.75 ? 18  PRO A CA  1 
ATOM   101 C C   . PRO A 1 17  ? -6.894  -8.585  4.480   1.00 26.08 ? 18  PRO A C   1 
ATOM   102 O O   . PRO A 1 17  ? -5.843  -7.964  4.647   1.00 24.56 ? 18  PRO A O   1 
ATOM   103 C CB  . PRO A 1 17  ? -8.803  -6.976  4.288   1.00 24.54 ? 18  PRO A CB  1 
ATOM   104 C CG  . PRO A 1 17  ? -10.171 -7.118  3.719   1.00 28.81 ? 18  PRO A CG  1 
ATOM   105 C CD  . PRO A 1 17  ? -10.328 -8.593  3.437   1.00 26.67 ? 18  PRO A CD  1 
ATOM   106 N N   . ASP A 1 18  ? -7.162  -9.747  5.075   1.00 22.96 ? 19  ASP A N   1 
ATOM   107 C CA  . ASP A 1 18  ? -6.214  -10.380 5.989   1.00 27.40 ? 19  ASP A CA  1 
ATOM   108 C C   . ASP A 1 18  ? -5.382  -11.489 5.336   1.00 26.97 ? 19  ASP A C   1 
ATOM   109 O O   . ASP A 1 18  ? -4.579  -12.144 6.010   1.00 25.07 ? 19  ASP A O   1 
ATOM   110 C CB  . ASP A 1 18  ? -6.937  -10.927 7.225   1.00 29.07 ? 19  ASP A CB  1 
ATOM   111 C CG  . ASP A 1 18  ? -7.499  -9.831  8.109   1.00 35.31 ? 19  ASP A CG  1 
ATOM   112 O OD1 . ASP A 1 18  ? -6.873  -8.753  8.204   1.00 38.34 ? 19  ASP A OD1 1 
ATOM   113 O OD2 . ASP A 1 18  ? -8.570  -10.049 8.714   1.00 45.93 ? 19  ASP A OD2 1 
ATOM   114 N N   . ASP A 1 19  ? -5.592  -11.708 4.038   1.00 22.72 ? 20  ASP A N   1 
ATOM   115 C CA  . ASP A 1 19  ? -4.753  -12.623 3.263   1.00 21.69 ? 20  ASP A CA  1 
ATOM   116 C C   . ASP A 1 19  ? -3.312  -12.156 3.414   1.00 21.80 ? 20  ASP A C   1 
ATOM   117 O O   . ASP A 1 19  ? -2.999  -11.003 3.118   1.00 24.83 ? 20  ASP A O   1 
ATOM   118 C CB  . ASP A 1 19  ? -5.179  -12.614 1.783   1.00 20.76 ? 20  ASP A CB  1 
ATOM   119 C CG  . ASP A 1 19  ? -4.410  -13.622 0.925   1.00 30.06 ? 20  ASP A CG  1 
ATOM   120 O OD1 . ASP A 1 19  ? -5.064  -14.433 0.238   1.00 33.47 ? 20  ASP A OD1 1 
ATOM   121 O OD2 . ASP A 1 19  ? -3.163  -13.589 0.900   1.00 27.56 ? 20  ASP A OD2 1 
ATOM   122 N N   . PRO A 1 20  ? -2.435  -13.042 3.912   1.00 23.53 ? 21  PRO A N   1 
ATOM   123 C CA  . PRO A 1 20  ? -1.022  -12.700 4.101   1.00 22.68 ? 21  PRO A CA  1 
ATOM   124 C C   . PRO A 1 20  ? -0.345  -12.158 2.841   1.00 23.10 ? 21  PRO A C   1 
ATOM   125 O O   . PRO A 1 20  ? 0.574   -11.347 2.964   1.00 18.93 ? 21  PRO A O   1 
ATOM   126 C CB  . PRO A 1 20  ? -0.384  -14.031 4.527   1.00 22.22 ? 21  PRO A CB  1 
ATOM   127 C CG  . PRO A 1 20  ? -1.446  -15.089 4.317   1.00 24.51 ? 21  PRO A CG  1 
ATOM   128 C CD  . PRO A 1 20  ? -2.747  -14.376 4.451   1.00 23.04 ? 21  PRO A CD  1 
ATOM   129 N N   . GLN A 1 21  ? -0.788  -12.580 1.658   1.00 19.00 ? 22  GLN A N   1 
ATOM   130 C CA  . GLN A 1 21  ? -0.247  -12.021 0.414   1.00 19.85 ? 22  GLN A CA  1 
ATOM   131 C C   . GLN A 1 21  ? -0.753  -10.597 0.138   1.00 19.85 ? 22  GLN A C   1 
ATOM   132 O O   . GLN A 1 21  ? -0.025  -9.772  -0.424  1.00 23.35 ? 22  GLN A O   1 
ATOM   133 C CB  . GLN A 1 21  ? -0.518  -12.949 -0.774  1.00 24.77 ? 22  GLN A CB  1 
ATOM   134 C CG  . GLN A 1 21  ? 0.542   -14.039 -0.961  1.00 23.89 ? 22  GLN A CG  1 
ATOM   135 C CD  . GLN A 1 21  ? 0.216   -14.984 -2.105  1.00 42.62 ? 22  GLN A CD  1 
ATOM   136 O OE1 . GLN A 1 21  ? -0.949  -15.158 -2.466  1.00 30.83 ? 22  GLN A OE1 1 
ATOM   137 N NE2 . GLN A 1 21  ? 1.247   -15.592 -2.687  1.00 42.14 ? 22  GLN A NE2 1 
ATOM   138 N N   . VAL A 1 22  ? -1.994  -10.305 0.529   1.00 16.76 ? 23  VAL A N   1 
ATOM   139 C CA  . VAL A 1 22  ? -2.492  -8.924  0.489   1.00 19.14 ? 23  VAL A CA  1 
ATOM   140 C C   . VAL A 1 22  ? -1.679  -8.043  1.433   1.00 24.41 ? 23  VAL A C   1 
ATOM   141 O O   . VAL A 1 22  ? -1.288  -6.919  1.085   1.00 20.53 ? 23  VAL A O   1 
ATOM   142 C CB  . VAL A 1 22  ? -3.984  -8.836  0.888   1.00 19.80 ? 23  VAL A CB  1 
ATOM   143 C CG1 . VAL A 1 22  ? -4.370  -7.402  1.256   1.00 15.17 ? 23  VAL A CG1 1 
ATOM   144 C CG2 . VAL A 1 22  ? -4.868  -9.357  -0.235  1.00 20.99 ? 23  VAL A CG2 1 
ATOM   145 N N   . GLN A 1 23  ? -1.432  -8.560  2.633   1.00 17.81 ? 24  GLN A N   1 
ATOM   146 C CA  . GLN A 1 23  ? -0.707  -7.810  3.657   1.00 19.96 ? 24  GLN A CA  1 
ATOM   147 C C   . GLN A 1 23  ? 0.709   -7.456  3.217   1.00 22.96 ? 24  GLN A C   1 
ATOM   148 O O   . GLN A 1 23  ? 1.164   -6.331  3.437   1.00 18.69 ? 24  GLN A O   1 
ATOM   149 C CB  . GLN A 1 23  ? -0.688  -8.578  4.984   1.00 25.11 ? 24  GLN A CB  1 
ATOM   150 C CG  . GLN A 1 23  ? -2.026  -8.579  5.724   1.00 25.76 ? 24  GLN A CG  1 
ATOM   151 C CD  . GLN A 1 23  ? -2.008  -9.461  6.957   1.00 36.39 ? 24  GLN A CD  1 
ATOM   152 O OE1 . GLN A 1 23  ? -1.079  -10.246 7.156   1.00 37.92 ? 24  GLN A OE1 1 
ATOM   153 N NE2 . GLN A 1 23  ? -3.034  -9.338  7.790   1.00 35.38 ? 24  GLN A NE2 1 
ATOM   154 N N   . LYS A 1 24  ? 1.398   -8.405  2.587   1.00 19.10 ? 25  LYS A N   1 
ATOM   155 C CA  . LYS A 1 24  ? 2.737   -8.143  2.063   1.00 18.47 ? 25  LYS A CA  1 
ATOM   156 C C   . LYS A 1 24  ? 2.696   -7.115  0.939   1.00 24.31 ? 25  LYS A C   1 
ATOM   157 O O   . LYS A 1 24  ? 3.532   -6.215  0.878   1.00 22.35 ? 25  LYS A O   1 
ATOM   158 C CB  . LYS A 1 24  ? 3.392   -9.432  1.562   1.00 23.60 ? 25  LYS A CB  1 
ATOM   159 C CG  . LYS A 1 24  ? 3.699   -10.444 2.649   1.00 30.69 ? 25  LYS A CG  1 
ATOM   160 C CD  . LYS A 1 24  ? 4.823   -11.358 2.206   1.00 38.16 ? 25  LYS A CD  1 
ATOM   161 C CE  . LYS A 1 24  ? 6.050   -10.552 1.807   1.00 42.09 ? 25  LYS A CE  1 
ATOM   162 N NZ  . LYS A 1 24  ? 6.974   -10.322 2.956   1.00 47.27 ? 25  LYS A NZ  1 
ATOM   163 N N   . ALA A 1 25  ? 1.717   -7.254  0.052   1.00 20.07 ? 26  ALA A N   1 
ATOM   164 C CA  . ALA A 1 25  ? 1.507   -6.288  -1.021  1.00 17.45 ? 26  ALA A CA  1 
ATOM   165 C C   . ALA A 1 25  ? 1.235   -4.903  -0.443  1.00 20.16 ? 26  ALA A C   1 
ATOM   166 O O   . ALA A 1 25  ? 1.684   -3.895  -0.982  1.00 21.84 ? 26  ALA A O   1 
ATOM   167 C CB  . ALA A 1 25  ? 0.352   -6.731  -1.900  1.00 16.63 ? 26  ALA A CB  1 
ATOM   168 N N   . ALA A 1 26  ? 0.495   -4.865  0.660   1.00 17.39 ? 27  ALA A N   1 
ATOM   169 C CA  . ALA A 1 26  ? 0.168   -3.611  1.327   1.00 20.24 ? 27  ALA A CA  1 
ATOM   170 C C   . ALA A 1 26  ? 1.400   -2.922  1.922   1.00 22.20 ? 27  ALA A C   1 
ATOM   171 O O   . ALA A 1 26  ? 1.551   -1.701  1.806   1.00 18.38 ? 27  ALA A O   1 
ATOM   172 C CB  . ALA A 1 26  ? -0.889  -3.842  2.387   1.00 17.69 ? 27  ALA A CB  1 
ATOM   173 N N   . GLN A 1 27  ? 2.281   -3.695  2.554   1.00 19.03 ? 28  GLN A N   1 
ATOM   174 C CA  . GLN A 1 27  ? 3.528   -3.134  3.078   1.00 17.55 ? 28  GLN A CA  1 
ATOM   175 C C   . GLN A 1 27  ? 4.470   -2.691  1.953   1.00 19.72 ? 28  GLN A C   1 
ATOM   176 O O   . GLN A 1 27  ? 5.249   -1.752  2.111   1.00 15.69 ? 28  GLN A O   1 
ATOM   177 C CB  . GLN A 1 27  ? 4.220   -4.120  4.025   1.00 26.25 ? 28  GLN A CB  1 
ATOM   178 C CG  . GLN A 1 27  ? 3.387   -4.489  5.259   1.00 25.72 ? 28  GLN A CG  1 
ATOM   179 C CD  . GLN A 1 27  ? 3.260   -3.356  6.284   1.00 36.68 ? 28  GLN A CD  1 
ATOM   180 O OE1 . GLN A 1 27  ? 3.803   -2.260  6.111   1.00 32.48 ? 28  GLN A OE1 1 
ATOM   181 N NE2 . GLN A 1 27  ? 2.539   -3.628  7.363   1.00 42.94 ? 28  GLN A NE2 1 
ATOM   182 N N   . ALA A 1 28  ? 4.394   -3.363  0.810   1.00 18.84 ? 29  ALA A N   1 
ATOM   183 C CA  . ALA A 1 28  ? 5.164   -2.942  -0.355  1.00 18.09 ? 29  ALA A CA  1 
ATOM   184 C C   . ALA A 1 28  ? 4.683   -1.577  -0.843  1.00 18.03 ? 29  ALA A C   1 
ATOM   185 O O   . ALA A 1 28  ? 5.481   -0.716  -1.210  1.00 17.87 ? 29  ALA A O   1 
ATOM   186 C CB  . ALA A 1 28  ? 5.045   -3.968  -1.458  1.00 26.16 ? 29  ALA A CB  1 
ATOM   187 N N   . ALA A 1 29  ? 3.366   -1.397  -0.852  1.00 15.89 ? 30  ALA A N   1 
ATOM   188 C CA  . ALA A 1 29  ? 2.759   -0.143  -1.275  1.00 18.89 ? 30  ALA A CA  1 
ATOM   189 C C   . ALA A 1 29  ? 3.145   1.004   -0.347  1.00 18.86 ? 30  ALA A C   1 
ATOM   190 O O   . ALA A 1 29  ? 3.529   2.080   -0.806  1.00 17.75 ? 30  ALA A O   1 
ATOM   191 C CB  . ALA A 1 29  ? 1.248   -0.288  -1.338  1.00 16.08 ? 30  ALA A CB  1 
ATOM   192 N N   . VAL A 1 30  ? 3.026   0.777   0.959   1.00 16.46 ? 31  VAL A N   1 
ATOM   193 C CA  . VAL A 1 30  ? 3.383   1.792   1.946   1.00 15.77 ? 31  VAL A CA  1 
ATOM   194 C C   . VAL A 1 30  ? 4.833   2.243   1.785   1.00 16.38 ? 31  VAL A C   1 
ATOM   195 O O   . VAL A 1 30  ? 5.116   3.440   1.733   1.00 17.31 ? 31  VAL A O   1 
ATOM   196 C CB  . VAL A 1 30  ? 3.170   1.287   3.387   1.00 15.99 ? 31  VAL A CB  1 
ATOM   197 C CG1 . VAL A 1 30  ? 3.665   2.311   4.384   1.00 18.66 ? 31  VAL A CG1 1 
ATOM   198 C CG2 . VAL A 1 30  ? 1.706   0.973   3.638   1.00 14.20 ? 31  VAL A CG2 1 
ATOM   199 N N   . ALA A 1 31  ? 5.743   1.277   1.693   1.00 14.03 ? 32  ALA A N   1 
ATOM   200 C CA  . ALA A 1 31  ? 7.173   1.565   1.603   1.00 18.50 ? 32  ALA A CA  1 
ATOM   201 C C   . ALA A 1 31  ? 7.494   2.401   0.371   1.00 20.55 ? 32  ALA A C   1 
ATOM   202 O O   . ALA A 1 31  ? 8.259   3.374   0.440   1.00 17.15 ? 32  ALA A O   1 
ATOM   203 C CB  . ALA A 1 31  ? 7.974   0.259   1.597   1.00 19.43 ? 32  ALA A CB  1 
ATOM   204 N N   . SER A 1 32  ? 6.904   2.015   -0.756  1.00 18.02 ? 33  SER A N   1 
ATOM   205 C CA  . SER A 1 32  ? 7.078   2.745   -2.006  1.00 17.71 ? 33  SER A CA  1 
ATOM   206 C C   . SER A 1 32  ? 6.458   4.140   -1.937  1.00 20.86 ? 33  SER A C   1 
ATOM   207 O O   . SER A 1 32  ? 7.061   5.116   -2.401  1.00 18.38 ? 33  SER A O   1 
ATOM   208 C CB  . SER A 1 32  ? 6.473   1.956   -3.170  1.00 24.96 ? 33  SER A CB  1 
ATOM   209 O OG  . SER A 1 32  ? 6.590   2.682   -4.385  1.00 21.64 ? 33  SER A OG  1 
ATOM   210 N N   . TYR A 1 33  ? 5.258   4.235   -1.363  1.00 17.03 ? 34  TYR A N   1 
ATOM   211 C CA  . TYR A 1 33  ? 4.574   5.523   -1.251  1.00 20.38 ? 34  TYR A CA  1 
ATOM   212 C C   . TYR A 1 33  ? 5.398   6.498   -0.423  1.00 22.52 ? 34  TYR A C   1 
ATOM   213 O O   . TYR A 1 33  ? 5.549   7.669   -0.788  1.00 21.68 ? 34  TYR A O   1 
ATOM   214 C CB  . TYR A 1 33  ? 3.171   5.376   -0.637  1.00 20.05 ? 34  TYR A CB  1 
ATOM   215 C CG  . TYR A 1 33  ? 2.433   6.701   -0.561  1.00 24.73 ? 34  TYR A CG  1 
ATOM   216 C CD1 . TYR A 1 33  ? 1.713   7.177   -1.648  1.00 25.96 ? 34  TYR A CD1 1 
ATOM   217 C CD2 . TYR A 1 33  ? 2.480   7.488   0.590   1.00 23.47 ? 34  TYR A CD2 1 
ATOM   218 C CE1 . TYR A 1 33  ? 1.054   8.391   -1.593  1.00 26.15 ? 34  TYR A CE1 1 
ATOM   219 C CE2 . TYR A 1 33  ? 1.822   8.705   0.654   1.00 23.73 ? 34  TYR A CE2 1 
ATOM   220 C CZ  . TYR A 1 33  ? 1.111   9.146   -0.441  1.00 23.70 ? 34  TYR A CZ  1 
ATOM   221 O OH  . TYR A 1 33  ? 0.454   10.351  -0.388  1.00 36.04 ? 34  TYR A OH  1 
ATOM   222 N N   . ASN A 1 34  ? 5.934   6.010   0.691   1.00 20.89 ? 35  ASN A N   1 
ATOM   223 C CA  . ASN A 1 34  ? 6.750   6.846   1.563   1.00 21.82 ? 35  ASN A CA  1 
ATOM   224 C C   . ASN A 1 34  ? 8.042   7.321   0.890   1.00 25.60 ? 35  ASN A C   1 
ATOM   225 O O   . ASN A 1 34  ? 8.509   8.433   1.155   1.00 20.07 ? 35  ASN A O   1 
ATOM   226 C CB  . ASN A 1 34  ? 7.067   6.106   2.863   1.00 17.17 ? 35  ASN A CB  1 
ATOM   227 C CG  . ASN A 1 34  ? 5.907   6.111   3.836   1.00 18.62 ? 35  ASN A CG  1 
ATOM   228 O OD1 . ASN A 1 34  ? 5.203   7.112   3.980   1.00 17.62 ? 35  ASN A OD1 1 
ATOM   229 N ND2 . ASN A 1 34  ? 5.705   4.991   4.521   1.00 19.56 ? 35  ASN A ND2 1 
ATOM   230 N N   . MET A 1 35  ? 8.613   6.474   0.033   1.00 19.82 ? 36  MET A N   1 
ATOM   231 C CA  . MET A 1 35  ? 9.810   6.832   -0.728  1.00 24.27 ? 36  MET A CA  1 
ATOM   232 C C   . MET A 1 35  ? 9.530   7.959   -1.718  1.00 23.71 ? 36  MET A C   1 
ATOM   233 O O   . MET A 1 35  ? 10.370  8.836   -1.929  1.00 25.01 ? 36  MET A O   1 
ATOM   234 C CB  . MET A 1 35  ? 10.359  5.615   -1.490  1.00 24.74 ? 36  MET A CB  1 
ATOM   235 C CG  . MET A 1 35  ? 11.093  4.594   -0.631  1.00 28.77 ? 36  MET A CG  1 
ATOM   236 S SD  . MET A 1 35  ? 11.601  3.125   -1.557  1.00 35.45 ? 36  MET A SD  1 
ATOM   237 C CE  . MET A 1 35  ? 13.162  3.637   -2.259  1.00 24.32 ? 36  MET A CE  1 
ATOM   238 N N   . GLY A 1 36  ? 8.344   7.936   -2.322  1.00 21.13 ? 37  GLY A N   1 
ATOM   239 C CA  . GLY A 1 36  ? 8.013   8.880   -3.378  1.00 24.08 ? 37  GLY A CA  1 
ATOM   240 C C   . GLY A 1 36  ? 7.281   10.139  -2.953  1.00 29.48 ? 37  GLY A C   1 
ATOM   241 O O   . GLY A 1 36  ? 7.273   11.133  -3.688  1.00 21.65 ? 37  GLY A O   1 
ATOM   242 N N   . SER A 1 37  ? 6.666   10.105  -1.773  1.00 23.37 ? 38  SER A N   1 
ATOM   243 C CA  . SER A 1 37  ? 5.861   11.231  -1.297  1.00 16.65 ? 38  SER A CA  1 
ATOM   244 C C   . SER A 1 37  ? 6.711   12.406  -0.804  1.00 23.76 ? 38  SER A C   1 
ATOM   245 O O   . SER A 1 37  ? 7.844   12.221  -0.352  1.00 26.68 ? 38  SER A O   1 
ATOM   246 C CB  . SER A 1 37  ? 4.890   10.774  -0.202  1.00 19.88 ? 38  SER A CB  1 
ATOM   247 O OG  . SER A 1 37  ? 5.291   11.257  1.072   1.00 23.13 ? 38  SER A OG  1 
ATOM   248 N N   . ASN A 1 38  ? 6.161   13.615  -0.902  1.00 26.56 ? 39  ASN A N   1 
ATOM   249 C CA  . ASN A 1 38  ? 6.861   14.829  -0.478  1.00 26.25 ? 39  ASN A CA  1 
ATOM   250 C C   . ASN A 1 38  ? 6.781   15.058  1.023   1.00 29.91 ? 39  ASN A C   1 
ATOM   251 O O   . ASN A 1 38  ? 7.466   15.927  1.570   1.00 32.51 ? 39  ASN A O   1 
ATOM   252 C CB  . ASN A 1 38  ? 6.280   16.056  -1.183  1.00 34.95 ? 39  ASN A CB  1 
ATOM   253 C CG  . ASN A 1 38  ? 6.566   16.070  -2.672  1.00 42.70 ? 39  ASN A CG  1 
ATOM   254 O OD1 . ASN A 1 38  ? 7.262   15.199  -3.200  1.00 44.10 ? 39  ASN A OD1 1 
ATOM   255 N ND2 . ASN A 1 38  ? 6.017   17.065  -3.361  1.00 41.75 ? 39  ASN A ND2 1 
ATOM   256 N N   . SER A 1 39  ? 5.926   14.285  1.680   1.00 29.53 ? 40  SER A N   1 
ATOM   257 C CA  . SER A 1 39  ? 5.705   14.429  3.110   1.00 25.26 ? 40  SER A CA  1 
ATOM   258 C C   . SER A 1 39  ? 6.992   14.320  3.923   1.00 19.29 ? 40  SER A C   1 
ATOM   259 O O   . SER A 1 39  ? 7.918   13.584  3.569   1.00 24.20 ? 40  SER A O   1 
ATOM   260 C CB  . SER A 1 39  ? 4.686   13.397  3.600   1.00 24.42 ? 40  SER A CB  1 
ATOM   261 O OG  . SER A 1 39  ? 4.558   13.447  5.010   1.00 28.82 ? 40  SER A OG  1 
ATOM   262 N N   . ILE A 1 40  ? 7.031   15.075  5.012   1.00 21.60 ? 41  ILE A N   1 
ATOM   263 C CA  . ILE A 1 40  ? 8.135   15.055  5.958   1.00 21.43 ? 41  ILE A CA  1 
ATOM   264 C C   . ILE A 1 40  ? 8.170   13.723  6.708   1.00 20.17 ? 41  ILE A C   1 
ATOM   265 O O   . ILE A 1 40  ? 9.242   13.193  7.019   1.00 21.05 ? 41  ILE A O   1 
ATOM   266 C CB  . ILE A 1 40  ? 7.990   16.228  6.960   1.00 20.77 ? 41  ILE A CB  1 
ATOM   267 C CG1 . ILE A 1 40  ? 8.234   17.562  6.246   1.00 22.14 ? 41  ILE A CG1 1 
ATOM   268 C CG2 . ILE A 1 40  ? 8.935   16.071  8.142   1.00 26.67 ? 41  ILE A CG2 1 
ATOM   269 C CD1 . ILE A 1 40  ? 7.994   18.790  7.112   1.00 26.26 ? 41  ILE A CD1 1 
ATOM   270 N N   . TYR A 1 41  ? 6.989   13.170  6.962   1.00 18.22 ? 42  TYR A N   1 
ATOM   271 C CA  . TYR A 1 41  ? 6.871   11.987  7.810   1.00 18.94 ? 42  TYR A CA  1 
ATOM   272 C C   . TYR A 1 41  ? 6.511   10.719  7.041   1.00 20.07 ? 42  TYR A C   1 
ATOM   273 O O   . TYR A 1 41  ? 5.935   10.778  5.949   1.00 17.61 ? 42  TYR A O   1 
ATOM   274 C CB  . TYR A 1 41  ? 5.849   12.252  8.919   1.00 19.54 ? 42  TYR A CB  1 
ATOM   275 C CG  . TYR A 1 41  ? 6.155   13.507  9.708   1.00 20.95 ? 42  TYR A CG  1 
ATOM   276 C CD1 . TYR A 1 41  ? 7.032   13.476  10.783  1.00 23.47 ? 42  TYR A CD1 1 
ATOM   277 C CD2 . TYR A 1 41  ? 5.573   14.725  9.370   1.00 21.96 ? 42  TYR A CD2 1 
ATOM   278 C CE1 . TYR A 1 41  ? 7.324   14.623  11.501  1.00 26.83 ? 42  TYR A CE1 1 
ATOM   279 C CE2 . TYR A 1 41  ? 5.855   15.872  10.084  1.00 25.73 ? 42  TYR A CE2 1 
ATOM   280 C CZ  . TYR A 1 41  ? 6.730   15.812  11.148  1.00 29.12 ? 42  TYR A CZ  1 
ATOM   281 O OH  . TYR A 1 41  ? 7.019   16.952  11.862  1.00 32.16 ? 42  TYR A OH  1 
ATOM   282 N N   . TYR A 1 42  ? 6.885   9.573   7.609   1.00 13.85 ? 43  TYR A N   1 
ATOM   283 C CA  . TYR A 1 42  ? 6.428   8.286   7.105   1.00 18.18 ? 43  TYR A CA  1 
ATOM   284 C C   . TYR A 1 42  ? 4.939   8.185   7.351   1.00 18.88 ? 43  TYR A C   1 
ATOM   285 O O   . TYR A 1 42  ? 4.445   8.603   8.404   1.00 20.97 ? 43  TYR A O   1 
ATOM   286 C CB  . TYR A 1 42  ? 7.119   7.135   7.840   1.00 10.61 ? 43  TYR A CB  1 
ATOM   287 C CG  . TYR A 1 42  ? 8.575   6.948   7.485   1.00 23.51 ? 43  TYR A CG  1 
ATOM   288 C CD1 . TYR A 1 42  ? 8.943   6.300   6.313   1.00 20.23 ? 43  TYR A CD1 1 
ATOM   289 C CD2 . TYR A 1 42  ? 9.579   7.413   8.326   1.00 21.56 ? 43  TYR A CD2 1 
ATOM   290 C CE1 . TYR A 1 42  ? 10.274  6.125   5.985   1.00 23.35 ? 43  TYR A CE1 1 
ATOM   291 C CE2 . TYR A 1 42  ? 10.908  7.243   8.011   1.00 22.43 ? 43  TYR A CE2 1 
ATOM   292 C CZ  . TYR A 1 42  ? 11.250  6.598   6.842   1.00 25.09 ? 43  TYR A CZ  1 
ATOM   293 O OH  . TYR A 1 42  ? 12.578  6.436   6.537   1.00 22.14 ? 43  TYR A OH  1 
ATOM   294 N N   . PHE A 1 43  ? 4.218   7.645   6.379   1.00 13.42 ? 44  PHE A N   1 
ATOM   295 C CA  . PHE A 1 43  ? 2.842   7.252   6.604   1.00 12.34 ? 44  PHE A CA  1 
ATOM   296 C C   . PHE A 1 43  ? 2.836   5.771   6.933   1.00 17.23 ? 44  PHE A C   1 
ATOM   297 O O   . PHE A 1 43  ? 3.815   5.064   6.673   1.00 17.26 ? 44  PHE A O   1 
ATOM   298 C CB  . PHE A 1 43  ? 1.977   7.547   5.381   1.00 17.87 ? 44  PHE A CB  1 
ATOM   299 C CG  . PHE A 1 43  ? 1.529   8.977   5.292   1.00 20.44 ? 44  PHE A CG  1 
ATOM   300 C CD1 . PHE A 1 43  ? 0.318   9.369   5.845   1.00 18.62 ? 44  PHE A CD1 1 
ATOM   301 C CD2 . PHE A 1 43  ? 2.318   9.927   4.661   1.00 24.25 ? 44  PHE A CD2 1 
ATOM   302 C CE1 . PHE A 1 43  ? -0.104  10.686  5.771   1.00 19.87 ? 44  PHE A CE1 1 
ATOM   303 C CE2 . PHE A 1 43  ? 1.905   11.250  4.582   1.00 29.06 ? 44  PHE A CE2 1 
ATOM   304 C CZ  . PHE A 1 43  ? 0.691   11.629  5.142   1.00 27.08 ? 44  PHE A CZ  1 
ATOM   305 N N   . ARG A 1 44  ? 1.735   5.315   7.518   1.00 16.56 ? 45  ARG A N   1 
ATOM   306 C CA  . ARG A 1 44  ? 1.602   3.938   7.973   1.00 14.94 ? 45  ARG A CA  1 
ATOM   307 C C   . ARG A 1 44  ? 0.180   3.483   7.701   1.00 16.58 ? 45  ARG A C   1 
ATOM   308 O O   . ARG A 1 44  ? -0.770  4.247   7.894   1.00 15.81 ? 45  ARG A O   1 
ATOM   309 C CB  . ARG A 1 44  ? 1.915   3.866   9.471   1.00 17.13 ? 45  ARG A CB  1 
ATOM   310 C CG  . ARG A 1 44  ? 1.719   2.506   10.097  1.00 19.40 ? 45  ARG A CG  1 
ATOM   311 C CD  . ARG A 1 44  ? 2.046   2.532   11.582  1.00 19.23 ? 45  ARG A CD  1 
ATOM   312 N NE  . ARG A 1 44  ? 1.858   1.214   12.180  1.00 15.76 ? 45  ARG A NE  1 
ATOM   313 C CZ  . ARG A 1 44  ? 2.008   0.947   13.471  1.00 22.80 ? 45  ARG A CZ  1 
ATOM   314 N NH1 . ARG A 1 44  ? 2.345   1.911   14.319  1.00 16.00 ? 45  ARG A NH1 1 
ATOM   315 N NH2 . ARG A 1 44  ? 1.814   -0.283  13.918  1.00 23.96 ? 45  ARG A NH2 1 
ATOM   316 N N   . ASP A 1 45  ? 0.034   2.252   7.227   1.00 13.09 ? 46  ASP A N   1 
ATOM   317 C CA  . ASP A 1 45  ? -1.280  1.684   6.966   1.00 16.61 ? 46  ASP A CA  1 
ATOM   318 C C   . ASP A 1 45  ? -2.070  1.586   8.264   1.00 19.05 ? 46  ASP A C   1 
ATOM   319 O O   . ASP A 1 45  ? -1.524  1.200   9.297   1.00 21.87 ? 46  ASP A O   1 
ATOM   320 C CB  . ASP A 1 45  ? -1.128  0.293   6.346   1.00 23.16 ? 46  ASP A CB  1 
ATOM   321 C CG  . ASP A 1 45  ? -0.291  -0.635  7.205   1.00 24.75 ? 46  ASP A CG  1 
ATOM   322 O OD1 . ASP A 1 45  ? 0.912   -0.341  7.395   1.00 26.08 ? 46  ASP A OD1 1 
ATOM   323 O OD2 . ASP A 1 45  ? -0.830  -1.651  7.696   1.00 31.16 ? 46  ASP A OD2 1 
ATOM   324 N N   . THR A 1 46  ? -3.349  1.949   8.219   1.00 14.13 ? 47  THR A N   1 
ATOM   325 C CA  . THR A 1 46  ? -4.204  1.805   9.394   1.00 17.56 ? 47  THR A CA  1 
ATOM   326 C C   . THR A 1 46  ? -5.299  0.773   9.165   1.00 18.96 ? 47  THR A C   1 
ATOM   327 O O   . THR A 1 46  ? -5.708  0.082   10.097  1.00 19.15 ? 47  THR A O   1 
ATOM   328 C CB  . THR A 1 46  ? -4.821  3.144   9.832   1.00 14.42 ? 47  THR A CB  1 
ATOM   329 O OG1 . THR A 1 46  ? -5.461  3.768   8.712   1.00 19.38 ? 47  THR A OG1 1 
ATOM   330 C CG2 . THR A 1 46  ? -3.741  4.072   10.366  1.00 22.03 ? 47  THR A CG2 1 
ATOM   331 N N   . HIS A 1 47  ? -5.761  0.664   7.921   1.00 18.93 ? 48  HIS A N   1 
ATOM   332 C CA  A HIS A 1 47  ? -6.852  -0.249  7.569   0.52 18.28 ? 48  HIS A CA  1 
ATOM   333 C CA  B HIS A 1 47  ? -6.815  -0.277  7.579   0.48 18.18 ? 48  HIS A CA  1 
ATOM   334 C C   . HIS A 1 47  ? -6.776  -0.635  6.096   1.00 22.27 ? 48  HIS A C   1 
ATOM   335 O O   . HIS A 1 47  ? -6.616  0.234   5.239   1.00 21.78 ? 48  HIS A O   1 
ATOM   336 C CB  A HIS A 1 47  ? -8.224  0.406   7.798   0.52 18.34 ? 48  HIS A CB  1 
ATOM   337 C CB  B HIS A 1 47  ? -8.176  0.321   7.940   0.48 18.36 ? 48  HIS A CB  1 
ATOM   338 C CG  A HIS A 1 47  ? -8.450  0.911   9.190   0.52 21.28 ? 48  HIS A CG  1 
ATOM   339 C CG  B HIS A 1 47  ? -9.303  -0.661  7.886   0.48 19.33 ? 48  HIS A CG  1 
ATOM   340 N ND1 A HIS A 1 47  ? -8.649  0.075   10.267  0.52 20.75 ? 48  HIS A ND1 1 
ATOM   341 N ND1 B HIS A 1 47  ? -10.437 -0.454  7.131   0.48 18.55 ? 48  HIS A ND1 1 
ATOM   342 C CD2 A HIS A 1 47  ? -8.533  2.174   9.675   0.52 21.19 ? 48  HIS A CD2 1 
ATOM   343 C CD2 B HIS A 1 47  ? -9.475  -1.857  8.501   0.48 21.00 ? 48  HIS A CD2 1 
ATOM   344 C CE1 A HIS A 1 47  ? -8.828  0.799   11.356  0.52 20.08 ? 48  HIS A CE1 1 
ATOM   345 C CE1 B HIS A 1 47  ? -11.256 -1.480  7.277   0.48 18.62 ? 48  HIS A CE1 1 
ATOM   346 N NE2 A HIS A 1 47  ? -8.765  2.074   11.025  0.52 19.78 ? 48  HIS A NE2 1 
ATOM   347 N NE2 B HIS A 1 47  ? -10.695 -2.344  8.105   0.48 23.01 ? 48  HIS A NE2 1 
ATOM   348 N N   . ILE A 1 48  ? -6.902  -1.924  5.796   1.00 17.19 ? 49  ILE A N   1 
ATOM   349 C CA  . ILE A 1 48  ? -7.097  -2.350  4.415   1.00 15.79 ? 49  ILE A CA  1 
ATOM   350 C C   . ILE A 1 48  ? -8.608  -2.507  4.247   1.00 21.63 ? 49  ILE A C   1 
ATOM   351 O O   . ILE A 1 48  ? -9.227  -3.361  4.884   1.00 22.82 ? 49  ILE A O   1 
ATOM   352 C CB  . ILE A 1 48  ? -6.358  -3.668  4.080   1.00 18.44 ? 49  ILE A CB  1 
ATOM   353 C CG1 . ILE A 1 48  ? -4.847  -3.501  4.250   1.00 21.97 ? 49  ILE A CG1 1 
ATOM   354 C CG2 . ILE A 1 48  ? -6.672  -4.123  2.657   1.00 19.24 ? 49  ILE A CG2 1 
ATOM   355 C CD1 . ILE A 1 48  ? -4.042  -4.751  3.897   1.00 22.65 ? 49  ILE A CD1 1 
ATOM   356 N N   . ILE A 1 49  ? -9.200  -1.657  3.415   1.00 14.63 ? 50  ILE A N   1 
ATOM   357 C CA  . ILE A 1 49  ? -10.651 -1.616  3.245   1.00 20.79 ? 50  ILE A CA  1 
ATOM   358 C C   . ILE A 1 49  ? -11.115 -2.626  2.203   1.00 25.15 ? 50  ILE A C   1 
ATOM   359 O O   . ILE A 1 49  ? -12.189 -3.231  2.328   1.00 21.58 ? 50  ILE A O   1 
ATOM   360 C CB  . ILE A 1 49  ? -11.098 -0.190  2.859   1.00 21.99 ? 50  ILE A CB  1 
ATOM   361 C CG1 . ILE A 1 49  ? -10.891 0.746   4.047   1.00 19.93 ? 50  ILE A CG1 1 
ATOM   362 C CG2 . ILE A 1 49  ? -12.557 -0.152  2.404   1.00 23.05 ? 50  ILE A CG2 1 
ATOM   363 C CD1 . ILE A 1 49  ? -10.808 2.182   3.667   1.00 26.76 ? 50  ILE A CD1 1 
ATOM   364 N N   . LYS A 1 50  ? -10.285 -2.826  1.188   1.00 18.08 ? 51  LYS A N   1 
ATOM   365 C CA  . LYS A 1 50  ? -10.657 -3.687  0.080   1.00 19.16 ? 51  LYS A CA  1 
ATOM   366 C C   . LYS A 1 50  ? -9.419  -4.197  -0.640  1.00 19.22 ? 51  LYS A C   1 
ATOM   367 O O   . LYS A 1 50  ? -8.417  -3.486  -0.758  1.00 18.50 ? 51  LYS A O   1 
ATOM   368 C CB  . LYS A 1 50  ? -11.564 -2.923  -0.886  1.00 19.21 ? 51  LYS A CB  1 
ATOM   369 C CG  . LYS A 1 50  ? -12.189 -3.776  -1.972  1.00 30.71 ? 51  LYS A CG  1 
ATOM   370 C CD  . LYS A 1 50  ? -13.192 -2.971  -2.788  1.00 31.10 ? 51  LYS A CD  1 
ATOM   371 C CE  . LYS A 1 50  ? -13.903 -3.862  -3.799  1.00 36.83 ? 51  LYS A CE  1 
ATOM   372 N NZ  . LYS A 1 50  ? -14.851 -3.102  -4.657  1.00 35.65 ? 51  LYS A NZ  1 
ATOM   373 N N   . ALA A 1 51  ? -9.482  -5.436  -1.112  1.00 18.58 ? 52  ALA A N   1 
ATOM   374 C CA  . ALA A 1 51  ? -8.350  -6.032  -1.800  1.00 17.81 ? 52  ALA A CA  1 
ATOM   375 C C   . ALA A 1 51  ? -8.825  -6.927  -2.933  1.00 22.83 ? 52  ALA A C   1 
ATOM   376 O O   . ALA A 1 51  ? -9.718  -7.752  -2.745  1.00 15.28 ? 52  ALA A O   1 
ATOM   377 C CB  . ALA A 1 51  ? -7.501  -6.823  -0.818  1.00 17.92 ? 52  ALA A CB  1 
ATOM   378 N N   . GLN A 1 52  ? -8.235  -6.754  -4.111  1.00 18.70 ? 53  GLN A N   1 
ATOM   379 C CA  . GLN A 1 52  ? -8.484  -7.662  -5.221  1.00 19.97 ? 53  GLN A CA  1 
ATOM   380 C C   . GLN A 1 52  ? -7.158  -8.066  -5.839  1.00 18.04 ? 53  GLN A C   1 
ATOM   381 O O   . GLN A 1 52  ? -6.156  -7.360  -5.676  1.00 17.82 ? 53  GLN A O   1 
ATOM   382 C CB  . GLN A 1 52  ? -9.362  -6.989  -6.275  1.00 22.16 ? 53  GLN A CB  1 
ATOM   383 C CG  . GLN A 1 52  ? -10.752 -6.612  -5.787  1.00 24.16 ? 53  GLN A CG  1 
ATOM   384 C CD  . GLN A 1 52  ? -11.452 -5.658  -6.735  1.00 32.75 ? 53  GLN A CD  1 
ATOM   385 O OE1 . GLN A 1 52  ? -10.804 -4.916  -7.471  1.00 25.32 ? 53  GLN A OE1 1 
ATOM   386 N NE2 . GLN A 1 52  ? -12.780 -5.671  -6.722  1.00 37.04 ? 53  GLN A NE2 1 
ATOM   387 N N   . SER A 1 53  ? -7.147  -9.195  -6.540  1.00 15.47 ? 54  SER A N   1 
ATOM   388 C CA  . SER A 1 53  ? -5.952  -9.645  -7.243  1.00 13.89 ? 54  SER A CA  1 
ATOM   389 C C   . SER A 1 53  ? -6.285  -10.019 -8.676  1.00 14.62 ? 54  SER A C   1 
ATOM   390 O O   . SER A 1 53  ? -7.426  -10.368 -8.987  1.00 17.14 ? 54  SER A O   1 
ATOM   391 C CB  . SER A 1 53  ? -5.302  -10.835 -6.529  1.00 15.75 ? 54  SER A CB  1 
ATOM   392 O OG  . SER A 1 53  ? -6.110  -12.005 -6.591  1.00 17.24 ? 54  SER A OG  1 
ATOM   393 N N   . GLN A 1 54  ? -5.289  -9.929  -9.551  1.00 15.59 ? 55  GLN A N   1 
ATOM   394 C CA  . GLN A 1 54  ? -5.440  -10.404 -10.916 1.00 16.18 ? 55  GLN A CA  1 
ATOM   395 C C   . GLN A 1 54  ? -4.171  -11.102 -11.377 1.00 19.46 ? 55  GLN A C   1 
ATOM   396 O O   . GLN A 1 54  ? -3.080  -10.520 -11.348 1.00 15.11 ? 55  GLN A O   1 
ATOM   397 C CB  . GLN A 1 54  ? -5.771  -9.251  -11.861 1.00 17.16 ? 55  GLN A CB  1 
ATOM   398 C CG  . GLN A 1 54  ? -5.978  -9.697  -13.311 1.00 21.71 ? 55  GLN A CG  1 
ATOM   399 C CD  . GLN A 1 54  ? -6.433  -8.568  -14.212 1.00 21.43 ? 55  GLN A CD  1 
ATOM   400 O OE1 . GLN A 1 54  ? -6.007  -7.424  -14.057 1.00 16.92 ? 55  GLN A OE1 1 
ATOM   401 N NE2 . GLN A 1 54  ? -7.306  -8.884  -15.161 1.00 24.24 ? 55  GLN A NE2 1 
ATOM   402 N N   . LEU A 1 55  ? -4.315  -12.356 -11.793 1.00 15.51 ? 56  LEU A N   1 
ATOM   403 C CA  . LEU A 1 55  ? -3.188  -13.125 -12.313 1.00 13.76 ? 56  LEU A CA  1 
ATOM   404 C C   . LEU A 1 55  ? -2.762  -12.582 -13.682 1.00 19.64 ? 56  LEU A C   1 
ATOM   405 O O   . LEU A 1 55  ? -3.556  -12.556 -14.620 1.00 19.72 ? 56  LEU A O   1 
ATOM   406 C CB  . LEU A 1 55  ? -3.567  -14.607 -12.418 1.00 20.63 ? 56  LEU A CB  1 
ATOM   407 C CG  . LEU A 1 55  ? -2.472  -15.659 -12.233 1.00 29.23 ? 56  LEU A CG  1 
ATOM   408 C CD1 . LEU A 1 55  ? -1.880  -15.570 -10.838 1.00 27.39 ? 56  LEU A CD1 1 
ATOM   409 C CD2 . LEU A 1 55  ? -2.998  -17.072 -12.496 1.00 31.84 ? 56  LEU A CD2 1 
ATOM   410 N N   . VAL A 1 56  ? -1.515  -12.127 -13.784 1.00 16.30 ? 57  VAL A N   1 
ATOM   411 C CA  . VAL A 1 56  ? -0.941  -11.727 -15.067 1.00 19.29 ? 57  VAL A CA  1 
ATOM   412 C C   . VAL A 1 56  ? 0.307   -12.577 -15.336 1.00 19.17 ? 57  VAL A C   1 
ATOM   413 O O   . VAL A 1 56  ? 0.333   -13.761 -15.002 1.00 13.04 ? 57  VAL A O   1 
ATOM   414 C CB  . VAL A 1 56  ? -0.650  -10.196 -15.122 1.00 17.09 ? 57  VAL A CB  1 
ATOM   415 C CG1 . VAL A 1 56  ? -1.950  -9.410  -15.065 1.00 20.07 ? 57  VAL A CG1 1 
ATOM   416 C CG2 . VAL A 1 56  ? 0.281   -9.749  -13.980 1.00 13.24 ? 57  VAL A CG2 1 
ATOM   417 N N   . ALA A 1 57  ? 1.330   -11.999 -15.953 1.00 17.07 ? 58  ALA A N   1 
ATOM   418 C CA  . ALA A 1 57  ? 2.645   -12.628 -15.928 1.00 19.10 ? 58  ALA A CA  1 
ATOM   419 C C   . ALA A 1 57  ? 3.296   -12.113 -14.659 1.00 19.24 ? 58  ALA A C   1 
ATOM   420 O O   . ALA A 1 57  ? 4.172   -11.243 -14.696 1.00 18.91 ? 58  ALA A O   1 
ATOM   421 C CB  . ALA A 1 57  ? 3.452   -12.244 -17.138 1.00 22.52 ? 58  ALA A CB  1 
ATOM   422 N N   . GLY A 1 58  ? 2.852   -12.658 -13.533 1.00 19.19 ? 59  GLY A N   1 
ATOM   423 C CA  . GLY A 1 58  ? 3.075   -12.045 -12.235 1.00 17.37 ? 59  GLY A CA  1 
ATOM   424 C C   . GLY A 1 58  ? 1.708   -11.887 -11.593 1.00 21.02 ? 59  GLY A C   1 
ATOM   425 O O   . GLY A 1 58  ? 0.742   -12.519 -12.033 1.00 18.26 ? 59  GLY A O   1 
ATOM   426 N N   . ILE A 1 59  ? 1.606   -11.058 -10.559 1.00 13.47 ? 60  ILE A N   1 
ATOM   427 C CA  . ILE A 1 59  ? 0.313   -10.834 -9.911  1.00 13.76 ? 60  ILE A CA  1 
ATOM   428 C C   . ILE A 1 59  ? 0.083   -9.363  -9.594  1.00 15.00 ? 60  ILE A C   1 
ATOM   429 O O   . ILE A 1 59  ? 0.944   -8.709  -9.002  1.00 19.03 ? 60  ILE A O   1 
ATOM   430 C CB  . ILE A 1 59  ? 0.166   -11.642 -8.592  1.00 18.19 ? 60  ILE A CB  1 
ATOM   431 C CG1 . ILE A 1 59  ? 0.487   -13.122 -8.808  1.00 22.33 ? 60  ILE A CG1 1 
ATOM   432 C CG2 . ILE A 1 59  ? -1.238  -11.477 -8.018  1.00 21.57 ? 60  ILE A CG2 1 
ATOM   433 C CD1 . ILE A 1 59  ? 1.162   -13.786 -7.614  1.00 26.87 ? 60  ILE A CD1 1 
ATOM   434 N N   . LYS A 1 60  ? -1.075  -8.840  -9.988  1.00 11.57 ? 61  LYS A N   1 
ATOM   435 C CA  . LYS A 1 60  ? -1.470  -7.494  -9.581  1.00 15.18 ? 61  LYS A CA  1 
ATOM   436 C C   . LYS A 1 60  ? -2.343  -7.560  -8.337  1.00 15.16 ? 61  LYS A C   1 
ATOM   437 O O   . LYS A 1 60  ? -3.219  -8.421  -8.237  1.00 14.79 ? 61  LYS A O   1 
ATOM   438 C CB  . LYS A 1 60  ? -2.237  -6.784  -10.700 1.00 19.11 ? 61  LYS A CB  1 
ATOM   439 C CG  . LYS A 1 60  ? -1.396  -6.345  -11.884 1.00 15.56 ? 61  LYS A CG  1 
ATOM   440 C CD  . LYS A 1 60  ? -2.289  -5.853  -13.018 1.00 13.72 ? 61  LYS A CD  1 
ATOM   441 C CE  . LYS A 1 60  ? -1.459  -5.353  -14.186 1.00 16.58 ? 61  LYS A CE  1 
ATOM   442 N NZ  . LYS A 1 60  ? -2.312  -4.932  -15.328 1.00 18.18 ? 61  LYS A NZ  1 
ATOM   443 N N   . TYR A 1 61  ? -2.088  -6.667  -7.384  1.00 14.41 ? 62  TYR A N   1 
ATOM   444 C CA  . TYR A 1 61  ? -2.987  -6.473  -6.250  1.00 15.31 ? 62  TYR A CA  1 
ATOM   445 C C   . TYR A 1 61  ? -3.565  -5.073  -6.314  1.00 19.25 ? 62  TYR A C   1 
ATOM   446 O O   . TYR A 1 61  ? -2.826  -4.090  -6.441  1.00 17.40 ? 62  TYR A O   1 
ATOM   447 C CB  . TYR A 1 61  ? -2.263  -6.686  -4.915  1.00 15.28 ? 62  TYR A CB  1 
ATOM   448 C CG  . TYR A 1 61  ? -1.915  -8.127  -4.664  1.00 16.82 ? 62  TYR A CG  1 
ATOM   449 C CD1 . TYR A 1 61  ? -2.851  -9.003  -4.129  1.00 16.93 ? 62  TYR A CD1 1 
ATOM   450 C CD2 . TYR A 1 61  ? -0.660  -8.622  -4.995  1.00 18.33 ? 62  TYR A CD2 1 
ATOM   451 C CE1 . TYR A 1 61  ? -2.538  -10.331 -3.907  1.00 15.99 ? 62  TYR A CE1 1 
ATOM   452 C CE2 . TYR A 1 61  ? -0.339  -9.943  -4.780  1.00 18.87 ? 62  TYR A CE2 1 
ATOM   453 C CZ  . TYR A 1 61  ? -1.281  -10.792 -4.238  1.00 19.70 ? 62  TYR A CZ  1 
ATOM   454 O OH  . TYR A 1 61  ? -0.956  -12.109 -4.026  1.00 23.40 ? 62  TYR A OH  1 
ATOM   455 N N   . PHE A 1 62  ? -4.889  -4.985  -6.251  1.00 11.03 ? 63  PHE A N   1 
ATOM   456 C CA  . PHE A 1 62  ? -5.553  -3.691  -6.238  1.00 16.55 ? 63  PHE A CA  1 
ATOM   457 C C   . PHE A 1 62  ? -6.074  -3.467  -4.830  1.00 18.34 ? 63  PHE A C   1 
ATOM   458 O O   . PHE A 1 62  ? -6.973  -4.170  -4.375  1.00 10.26 ? 63  PHE A O   1 
ATOM   459 C CB  . PHE A 1 62  ? -6.673  -3.650  -7.283  1.00 17.18 ? 63  PHE A CB  1 
ATOM   460 C CG  . PHE A 1 62  ? -6.191  -3.881  -8.692  1.00 19.38 ? 63  PHE A CG  1 
ATOM   461 C CD1 . PHE A 1 62  ? -5.775  -2.815  -9.484  1.00 19.24 ? 63  PHE A CD1 1 
ATOM   462 C CD2 . PHE A 1 62  ? -6.148  -5.164  -9.223  1.00 22.42 ? 63  PHE A CD2 1 
ATOM   463 C CE1 . PHE A 1 62  ? -5.324  -3.025  -10.778 1.00 20.99 ? 63  PHE A CE1 1 
ATOM   464 C CE2 . PHE A 1 62  ? -5.699  -5.385  -10.520 1.00 19.19 ? 63  PHE A CE2 1 
ATOM   465 C CZ  . PHE A 1 62  ? -5.287  -4.308  -11.299 1.00 22.61 ? 63  PHE A CZ  1 
ATOM   466 N N   . LEU A 1 63  ? -5.468  -2.510  -4.135  1.00 19.56 ? 64  LEU A N   1 
ATOM   467 C CA  . LEU A 1 63  ? -5.729  -2.297  -2.718  1.00 16.90 ? 64  LEU A CA  1 
ATOM   468 C C   . LEU A 1 63  ? -6.382  -0.943  -2.474  1.00 24.64 ? 64  LEU A C   1 
ATOM   469 O O   . LEU A 1 63  ? -5.971  0.067   -3.047  1.00 19.29 ? 64  LEU A O   1 
ATOM   470 C CB  . LEU A 1 63  ? -4.416  -2.360  -1.925  1.00 14.16 ? 64  LEU A CB  1 
ATOM   471 C CG  . LEU A 1 63  ? -3.487  -3.553  -2.144  1.00 18.83 ? 64  LEU A CG  1 
ATOM   472 C CD1 . LEU A 1 63  ? -2.215  -3.388  -1.336  1.00 18.07 ? 64  LEU A CD1 1 
ATOM   473 C CD2 . LEU A 1 63  ? -4.183  -4.846  -1.783  1.00 15.50 ? 64  LEU A CD2 1 
ATOM   474 N N   . THR A 1 64  ? -7.405  -0.930  -1.624  1.00 13.91 ? 65  THR A N   1 
ATOM   475 C CA  . THR A 1 64  ? -7.952  0.321   -1.119  1.00 17.03 ? 65  THR A CA  1 
ATOM   476 C C   . THR A 1 64  ? -7.649  0.340   0.366   1.00 18.28 ? 65  THR A C   1 
ATOM   477 O O   . THR A 1 64  ? -8.067  -0.563  1.096   1.00 14.65 ? 65  THR A O   1 
ATOM   478 C CB  . THR A 1 64  ? -9.472  0.411   -1.323  1.00 20.45 ? 65  THR A CB  1 
ATOM   479 O OG1 . THR A 1 64  ? -9.780  0.269   -2.716  1.00 24.00 ? 65  THR A OG1 1 
ATOM   480 C CG2 . THR A 1 64  ? -9.991  1.753   -0.829  1.00 25.30 ? 65  THR A CG2 1 
ATOM   481 N N   . MET A 1 65  ? -6.905  1.344   0.816   1.00 12.57 ? 66  MET A N   1 
ATOM   482 C CA  . MET A 1 65  ? -6.510  1.384   2.219   1.00 17.57 ? 66  MET A CA  1 
ATOM   483 C C   . MET A 1 65  ? -6.434  2.784   2.812   1.00 19.02 ? 66  MET A C   1 
ATOM   484 O O   . MET A 1 65  ? -6.392  3.792   2.099   1.00 17.20 ? 66  MET A O   1 
ATOM   485 C CB  . MET A 1 65  ? -5.202  0.606   2.450   1.00 21.65 ? 66  MET A CB  1 
ATOM   486 C CG  . MET A 1 65  ? -4.107  0.851   1.430   1.00 26.13 ? 66  MET A CG  1 
ATOM   487 S SD  . MET A 1 65  ? -2.810  -0.414  1.490   1.00 28.19 ? 66  MET A SD  1 
ATOM   488 C CE  . MET A 1 65  ? -1.774  0.255   2.790   1.00 30.56 ? 66  MET A CE  1 
ATOM   489 N N   . GLU A 1 66  ? -6.437  2.839   4.134   1.00 18.10 ? 67  GLU A N   1 
ATOM   490 C CA  . GLU A 1 66  ? -6.294  4.110   4.811   1.00 16.97 ? 67  GLU A CA  1 
ATOM   491 C C   . GLU A 1 66  ? -4.938  4.184   5.480   1.00 16.36 ? 67  GLU A C   1 
ATOM   492 O O   . GLU A 1 66  ? -4.418  3.182   5.971   1.00 15.01 ? 67  GLU A O   1 
ATOM   493 C CB  . GLU A 1 66  ? -7.438  4.331   5.801   1.00 20.24 ? 67  GLU A CB  1 
ATOM   494 C CG  . GLU A 1 66  ? -8.763  4.605   5.095   1.00 23.65 ? 67  GLU A CG  1 
ATOM   495 C CD  . GLU A 1 66  ? -9.917  4.825   6.047   1.00 35.48 ? 67  GLU A CD  1 
ATOM   496 O OE1 . GLU A 1 66  ? -9.687  4.841   7.277   1.00 31.27 ? 67  GLU A OE1 1 
ATOM   497 O OE2 . GLU A 1 66  ? -11.058 4.982   5.558   1.00 40.48 ? 67  GLU A OE2 1 
ATOM   498 N N   . MET A 1 67  ? -4.349  5.374   5.452   1.00 15.11 ? 68  MET A N   1 
ATOM   499 C CA  . MET A 1 67  ? -3.027  5.578   6.014   1.00 16.99 ? 68  MET A CA  1 
ATOM   500 C C   . MET A 1 67  ? -3.059  6.755   6.970   1.00 17.12 ? 68  MET A C   1 
ATOM   501 O O   . MET A 1 67  ? -3.881  7.664   6.824   1.00 19.46 ? 68  MET A O   1 
ATOM   502 C CB  . MET A 1 67  ? -2.009  5.835   4.899   1.00 15.88 ? 68  MET A CB  1 
ATOM   503 C CG  . MET A 1 67  ? -1.910  4.714   3.876   1.00 17.85 ? 68  MET A CG  1 
ATOM   504 S SD  . MET A 1 67  ? -0.346  4.800   2.992   1.00 26.65 ? 68  MET A SD  1 
ATOM   505 C CE  . MET A 1 67  ? 0.775   4.365   4.315   1.00 23.99 ? 68  MET A CE  1 
ATOM   506 N N   . GLY A 1 68  ? -2.171  6.737   7.954   1.00 18.65 ? 69  GLY A N   1 
ATOM   507 C CA  . GLY A 1 68  ? -2.090  7.830   8.902   1.00 17.32 ? 69  GLY A CA  1 
ATOM   508 C C   . GLY A 1 68  ? -0.665  8.329   8.992   1.00 19.53 ? 69  GLY A C   1 
ATOM   509 O O   . GLY A 1 68  ? 0.274   7.537   8.910   1.00 17.20 ? 69  GLY A O   1 
ATOM   510 N N   . SER A 1 69  ? -0.492  9.638   9.146   1.00 19.50 ? 70  SER A N   1 
ATOM   511 C CA  . SER A 1 69  ? 0.851   10.182  9.306   1.00 19.24 ? 70  SER A CA  1 
ATOM   512 C C   . SER A 1 69  ? 1.399   9.758   10.660  1.00 19.15 ? 70  SER A C   1 
ATOM   513 O O   . SER A 1 69  ? 0.651   9.629   11.637  1.00 19.04 ? 70  SER A O   1 
ATOM   514 C CB  . SER A 1 69  ? 0.868   11.703  9.158   1.00 20.92 ? 70  SER A CB  1 
ATOM   515 O OG  . SER A 1 69  ? 0.128   12.342  10.179  1.00 16.75 ? 70  SER A OG  1 
ATOM   516 N N   . THR A 1 70  ? 2.702   9.500   10.704  1.00 15.61 ? 71  THR A N   1 
ATOM   517 C CA  . THR A 1 70  ? 3.358   9.098   11.942  1.00 15.95 ? 71  THR A CA  1 
ATOM   518 C C   . THR A 1 70  ? 4.276   10.207  12.426  1.00 22.04 ? 71  THR A C   1 
ATOM   519 O O   . THR A 1 70  ? 4.502   11.192  11.715  1.00 12.86 ? 71  THR A O   1 
ATOM   520 C CB  . THR A 1 70  ? 4.205   7.836   11.748  1.00 20.80 ? 71  THR A CB  1 
ATOM   521 O OG1 . THR A 1 70  ? 5.333   8.144   10.918  1.00 15.25 ? 71  THR A OG1 1 
ATOM   522 C CG2 . THR A 1 70  ? 3.381   6.723   11.113  1.00 13.95 ? 71  THR A CG2 1 
ATOM   523 N N   . ASP A 1 71  ? 4.809   10.032  13.632  1.00 18.79 ? 72  ASP A N   1 
ATOM   524 C CA  . ASP A 1 71  ? 5.734   10.990  14.224  1.00 18.99 ? 72  ASP A CA  1 
ATOM   525 C C   . ASP A 1 71  ? 7.152   10.785  13.703  1.00 23.16 ? 72  ASP A C   1 
ATOM   526 O O   . ASP A 1 71  ? 8.043   11.590  13.971  1.00 23.95 ? 72  ASP A O   1 
ATOM   527 C CB  . ASP A 1 71  ? 5.727   10.863  15.749  1.00 28.84 ? 72  ASP A CB  1 
ATOM   528 C CG  . ASP A 1 71  ? 4.458   11.396  16.369  1.00 27.68 ? 72  ASP A CG  1 
ATOM   529 O OD1 . ASP A 1 71  ? 4.293   12.632  16.407  1.00 41.02 ? 72  ASP A OD1 1 
ATOM   530 O OD2 . ASP A 1 71  ? 3.631   10.582  16.831  1.00 31.01 ? 72  ASP A OD2 1 
ATOM   531 N N   . CYS A 1 72  ? 7.355   9.704   12.955  1.00 20.53 ? 73  CYS A N   1 
ATOM   532 C CA  . CYS A 1 72  ? 8.673   9.377   12.420  1.00 15.78 ? 73  CYS A CA  1 
ATOM   533 C C   . CYS A 1 72  ? 9.007   10.199  11.181  1.00 22.59 ? 73  CYS A C   1 
ATOM   534 O O   . CYS A 1 72  ? 8.342   10.094  10.146  1.00 19.36 ? 73  CYS A O   1 
ATOM   535 C CB  . CYS A 1 72  ? 8.764   7.882   12.096  1.00 17.95 ? 73  CYS A CB  1 
ATOM   536 S SG  . CYS A 1 72  ? 8.779   6.809   13.548  1.00 21.81 ? 73  CYS A SG  1 
ATOM   537 N N   . ARG A 1 73  ? 10.044  11.022  11.278  1.00 24.61 ? 74  ARG A N   1 
ATOM   538 C CA  . ARG A 1 73  ? 10.446  11.816  10.125  1.00 25.54 ? 74  ARG A CA  1 
ATOM   539 C C   . ARG A 1 73  ? 11.556  11.125  9.334   1.00 30.11 ? 74  ARG A C   1 
ATOM   540 O O   . ARG A 1 73  ? 12.392  10.416  9.904   1.00 26.08 ? 74  ARG A O   1 
ATOM   541 C CB  . ARG A 1 73  ? 10.825  13.247  10.526  1.00 32.45 ? 74  ARG A CB  1 
ATOM   542 C CG  . ARG A 1 73  ? 12.166  13.395  11.203  1.00 40.96 ? 74  ARG A CG  1 
ATOM   543 C CD  . ARG A 1 73  ? 12.559  14.868  11.316  1.00 48.73 ? 74  ARG A CD  1 
ATOM   544 N NE  . ARG A 1 73  ? 11.539  15.653  12.004  1.00 49.47 ? 74  ARG A NE  1 
ATOM   545 C CZ  . ARG A 1 73  ? 11.490  15.816  13.323  1.00 52.61 ? 74  ARG A CZ  1 
ATOM   546 N NH1 . ARG A 1 73  ? 12.406  15.250  14.098  1.00 55.07 ? 74  ARG A NH1 1 
ATOM   547 N NH2 . ARG A 1 73  ? 10.525  16.544  13.868  1.00 46.85 ? 74  ARG A NH2 1 
ATOM   548 N N   . LYS A 1 74  ? 11.540  11.331  8.019   1.00 25.45 ? 75  LYS A N   1 
ATOM   549 C CA  . LYS A 1 74  ? 12.429  10.622  7.099   1.00 31.51 ? 75  LYS A CA  1 
ATOM   550 C C   . LYS A 1 74  ? 13.888  11.068  7.210   1.00 37.47 ? 75  LYS A C   1 
ATOM   551 O O   . LYS A 1 74  ? 14.802  10.258  7.058   1.00 42.76 ? 75  LYS A O   1 
ATOM   552 C CB  . LYS A 1 74  ? 11.955  10.801  5.654   1.00 26.07 ? 75  LYS A CB  1 
ATOM   553 C CG  . LYS A 1 74  ? 10.524  10.350  5.372   1.00 28.42 ? 75  LYS A CG  1 
ATOM   554 C CD  . LYS A 1 74  ? 10.204  10.523  3.885   1.00 30.48 ? 75  LYS A CD  1 
ATOM   555 C CE  . LYS A 1 74  ? 8.711   10.478  3.606   1.00 28.09 ? 75  LYS A CE  1 
ATOM   556 N NZ  . LYS A 1 74  ? 8.408   10.794  2.173   1.00 25.00 ? 75  LYS A NZ  1 
ATOM   557 N N   . THR A 1 75  ? 14.099  12.355  7.464   1.00 40.54 ? 76  THR A N   1 
ATOM   558 C CA  . THR A 1 75  ? 15.446  12.913  7.565   1.00 43.77 ? 76  THR A CA  1 
ATOM   559 C C   . THR A 1 75  ? 16.092  12.627  8.922   1.00 44.97 ? 76  THR A C   1 
ATOM   560 O O   . THR A 1 75  ? 15.697  11.700  9.632   1.00 44.57 ? 76  THR A O   1 
ATOM   561 C CB  . THR A 1 75  ? 15.444  14.439  7.307   1.00 44.91 ? 76  THR A CB  1 
ATOM   562 O OG1 . THR A 1 75  ? 14.501  15.075  8.181   1.00 39.05 ? 76  THR A OG1 1 
ATOM   563 C CG2 . THR A 1 75  ? 15.062  14.737  5.863   1.00 35.89 ? 76  THR A CG2 1 
ATOM   564 N N   . VAL A 1 82  ? 12.963  0.549   7.263   1.00 37.90 ? 83  VAL A N   1 
ATOM   565 C CA  . VAL A 1 82  ? 12.377  1.243   8.403   1.00 40.49 ? 83  VAL A CA  1 
ATOM   566 C C   . VAL A 1 82  ? 11.258  0.403   9.031   1.00 33.27 ? 83  VAL A C   1 
ATOM   567 O O   . VAL A 1 82  ? 10.415  -0.145  8.317   1.00 33.81 ? 83  VAL A O   1 
ATOM   568 C CB  . VAL A 1 82  ? 11.882  2.663   8.007   1.00 37.94 ? 83  VAL A CB  1 
ATOM   569 C CG1 . VAL A 1 82  ? 10.871  2.599   6.865   1.00 32.40 ? 83  VAL A CG1 1 
ATOM   570 C CG2 . VAL A 1 82  ? 11.316  3.396   9.209   1.00 28.12 ? 83  VAL A CG2 1 
ATOM   571 N N   . ASP A 1 83  ? 11.274  0.265   10.356  1.00 31.86 ? 84  ASP A N   1 
ATOM   572 C CA  . ASP A 1 83  ? 10.227  -0.487  11.047  1.00 22.04 ? 84  ASP A CA  1 
ATOM   573 C C   . ASP A 1 83  ? 9.118   0.460   11.482  1.00 20.13 ? 84  ASP A C   1 
ATOM   574 O O   . ASP A 1 83  ? 9.218   1.122   12.516  1.00 18.94 ? 84  ASP A O   1 
ATOM   575 C CB  . ASP A 1 83  ? 10.791  -1.265  12.248  1.00 24.68 ? 84  ASP A CB  1 
ATOM   576 C CG  . ASP A 1 83  ? 9.761   -2.189  12.896  1.00 23.40 ? 84  ASP A CG  1 
ATOM   577 O OD1 . ASP A 1 83  ? 8.636   -2.323  12.365  1.00 20.46 ? 84  ASP A OD1 1 
ATOM   578 O OD2 . ASP A 1 83  ? 10.087  -2.802  13.935  1.00 26.18 ? 84  ASP A OD2 1 
ATOM   579 N N   . LEU A 1 84  ? 8.054   0.508   10.687  1.00 15.56 ? 85  LEU A N   1 
ATOM   580 C CA  . LEU A 1 84  ? 6.939   1.411   10.944  1.00 19.30 ? 85  LEU A CA  1 
ATOM   581 C C   . LEU A 1 84  ? 6.139   1.042   12.188  1.00 17.88 ? 85  LEU A C   1 
ATOM   582 O O   . LEU A 1 84  ? 5.433   1.887   12.741  1.00 14.52 ? 85  LEU A O   1 
ATOM   583 C CB  . LEU A 1 84  ? 6.021   1.483   9.720   1.00 20.74 ? 85  LEU A CB  1 
ATOM   584 C CG  . LEU A 1 84  ? 6.673   2.076   8.471   1.00 20.43 ? 85  LEU A CG  1 
ATOM   585 C CD1 . LEU A 1 84  ? 5.728   2.036   7.286   1.00 18.92 ? 85  LEU A CD1 1 
ATOM   586 C CD2 . LEU A 1 84  ? 7.150   3.500   8.740   1.00 18.03 ? 85  LEU A CD2 1 
ATOM   587 N N   . THR A 1 85  ? 6.255   -0.210  12.630  1.00 14.22 ? 86  THR A N   1 
ATOM   588 C CA  . THR A 1 85  ? 5.528   -0.676  13.810  1.00 16.54 ? 86  THR A CA  1 
ATOM   589 C C   . THR A 1 85  ? 5.991   0.053   15.065  1.00 16.71 ? 86  THR A C   1 
ATOM   590 O O   . THR A 1 85  ? 5.319   0.028   16.096  1.00 16.52 ? 86  THR A O   1 
ATOM   591 C CB  . THR A 1 85  ? 5.663   -2.211  14.011  1.00 17.58 ? 86  THR A CB  1 
ATOM   592 O OG1 . THR A 1 85  ? 7.022   -2.548  14.311  1.00 22.66 ? 86  THR A OG1 1 
ATOM   593 C CG2 . THR A 1 85  ? 5.228   -2.960  12.761  1.00 14.12 ? 86  THR A CG2 1 
ATOM   594 N N   . THR A 1 86  ? 7.134   0.727   14.967  1.00 11.28 ? 87  THR A N   1 
ATOM   595 C CA  . THR A 1 86  ? 7.652   1.488   16.093  1.00 14.86 ? 87  THR A CA  1 
ATOM   596 C C   . THR A 1 86  ? 7.352   2.980   15.929  1.00 22.95 ? 87  THR A C   1 
ATOM   597 O O   . THR A 1 86  ? 7.821   3.802   16.718  1.00 22.50 ? 87  THR A O   1 
ATOM   598 C CB  . THR A 1 86  ? 9.166   1.284   16.255  1.00 21.39 ? 87  THR A CB  1 
ATOM   599 O OG1 . THR A 1 86  ? 9.840   1.730   15.070  1.00 27.37 ? 87  THR A OG1 1 
ATOM   600 C CG2 . THR A 1 86  ? 9.483   -0.189  16.486  1.00 20.95 ? 87  THR A CG2 1 
ATOM   601 N N   . CYS A 1 87  ? 6.570   3.318   14.903  1.00 16.73 ? 88  CYS A N   1 
ATOM   602 C CA  . CYS A 1 87  ? 6.205   4.711   14.628  1.00 17.77 ? 88  CYS A CA  1 
ATOM   603 C C   . CYS A 1 87  ? 4.739   5.013   14.950  1.00 15.93 ? 88  CYS A C   1 
ATOM   604 O O   . CYS A 1 87  ? 3.833   4.564   14.246  1.00 16.56 ? 88  CYS A O   1 
ATOM   605 C CB  . CYS A 1 87  ? 6.497   5.075   13.169  1.00 18.82 ? 88  CYS A CB  1 
ATOM   606 S SG  . CYS A 1 87  ? 8.242   5.034   12.709  1.00 20.35 ? 88  CYS A SG  1 
ATOM   607 N N   . PRO A 1 88  ? 4.505   5.799   16.013  1.00 17.90 ? 89  PRO A N   1 
ATOM   608 C CA  . PRO A 1 88  ? 3.152   6.118   16.480  1.00 13.75 ? 89  PRO A CA  1 
ATOM   609 C C   . PRO A 1 88  ? 2.415   6.996   15.480  1.00 16.66 ? 89  PRO A C   1 
ATOM   610 O O   . PRO A 1 88  ? 3.060   7.814   14.828  1.00 16.78 ? 89  PRO A O   1 
ATOM   611 C CB  . PRO A 1 88  ? 3.405   6.925   17.764  1.00 19.99 ? 89  PRO A CB  1 
ATOM   612 C CG  . PRO A 1 88  ? 4.869   6.723   18.105  1.00 22.60 ? 89  PRO A CG  1 
ATOM   613 C CD  . PRO A 1 88  ? 5.538   6.508   16.784  1.00 24.40 ? 89  PRO A CD  1 
ATOM   614 N N   . LEU A 1 89  ? 1.100   6.835   15.365  1.00 17.47 ? 90  LEU A N   1 
ATOM   615 C CA  . LEU A 1 89  ? 0.295   7.741   14.553  1.00 16.49 ? 90  LEU A CA  1 
ATOM   616 C C   . LEU A 1 89  ? 0.296   9.118   15.213  1.00 22.35 ? 90  LEU A C   1 
ATOM   617 O O   . LEU A 1 89  ? 0.122   9.228   16.427  1.00 16.92 ? 90  LEU A O   1 
ATOM   618 C CB  . LEU A 1 89  ? -1.138  7.214   14.411  1.00 24.23 ? 90  LEU A CB  1 
ATOM   619 C CG  . LEU A 1 89  ? -1.265  5.861   13.700  1.00 21.71 ? 90  LEU A CG  1 
ATOM   620 C CD1 . LEU A 1 89  ? -2.704  5.379   13.613  1.00 21.14 ? 90  LEU A CD1 1 
ATOM   621 C CD2 . LEU A 1 89  ? -0.649  5.945   12.314  1.00 17.54 ? 90  LEU A CD2 1 
ATOM   622 N N   . ALA A 1 90  ? 0.509   10.165  14.424  1.00 16.96 ? 91  ALA A N   1 
ATOM   623 C CA  . ALA A 1 90  ? 0.490   11.527  14.959  1.00 23.26 ? 91  ALA A CA  1 
ATOM   624 C C   . ALA A 1 90  ? -0.930  11.911  15.363  1.00 20.74 ? 91  ALA A C   1 
ATOM   625 O O   . ALA A 1 90  ? -1.895  11.488  14.726  1.00 24.63 ? 91  ALA A O   1 
ATOM   626 C CB  . ALA A 1 90  ? 1.043   12.513  13.940  1.00 17.65 ? 91  ALA A CB  1 
ATOM   627 N N   . ALA A 1 91  ? -1.051  12.704  16.424  1.00 29.22 ? 92  ALA A N   1 
ATOM   628 C CA  . ALA A 1 91  ? -2.350  13.183  16.885  1.00 24.56 ? 92  ALA A CA  1 
ATOM   629 C C   . ALA A 1 91  ? -2.343  14.704  16.925  1.00 26.16 ? 92  ALA A C   1 
ATOM   630 O O   . ALA A 1 91  ? -1.277  15.322  16.924  1.00 22.85 ? 92  ALA A O   1 
ATOM   631 C CB  . ALA A 1 91  ? -2.676  12.612  18.260  1.00 29.15 ? 92  ALA A CB  1 
ATOM   632 N N   . GLY A 1 92  ? -3.525  15.309  16.961  1.00 26.11 ? 93  GLY A N   1 
ATOM   633 C CA  . GLY A 1 92  ? -3.626  16.757  16.999  1.00 32.98 ? 93  GLY A CA  1 
ATOM   634 C C   . GLY A 1 92  ? -3.114  17.450  15.748  1.00 27.28 ? 93  GLY A C   1 
ATOM   635 O O   . GLY A 1 92  ? -3.530  17.131  14.635  1.00 27.02 ? 93  GLY A O   1 
ATOM   636 N N   . ALA A 1 93  ? -2.195  18.394  15.939  1.00 27.57 ? 94  ALA A N   1 
ATOM   637 C CA  . ALA A 1 93  ? -1.704  19.262  14.867  1.00 26.44 ? 94  ALA A CA  1 
ATOM   638 C C   . ALA A 1 93  ? -1.048  18.555  13.672  1.00 27.14 ? 94  ALA A C   1 
ATOM   639 O O   . ALA A 1 93  ? -1.143  19.033  12.537  1.00 27.54 ? 94  ALA A O   1 
ATOM   640 C CB  . ALA A 1 93  ? -0.752  20.312  15.444  1.00 29.87 ? 94  ALA A CB  1 
ATOM   641 N N   . GLN A 1 94  ? -0.366  17.442  13.927  1.00 25.96 ? 95  GLN A N   1 
ATOM   642 C CA  . GLN A 1 94  ? 0.363   16.743  12.868  1.00 22.67 ? 95  GLN A CA  1 
ATOM   643 C C   . GLN A 1 94  ? -0.445  15.614  12.245  1.00 27.46 ? 95  GLN A C   1 
ATOM   644 O O   . GLN A 1 94  ? -0.018  15.004  11.261  1.00 21.59 ? 95  GLN A O   1 
ATOM   645 C CB  . GLN A 1 94  ? 1.690   16.189  13.395  1.00 27.21 ? 95  GLN A CB  1 
ATOM   646 C CG  . GLN A 1 94  ? 2.664   17.244  13.907  1.00 36.39 ? 95  GLN A CG  1 
ATOM   647 C CD  . GLN A 1 94  ? 3.948   16.632  14.439  1.00 41.46 ? 95  GLN A CD  1 
ATOM   648 O OE1 . GLN A 1 94  ? 4.223   15.451  14.215  1.00 42.80 ? 95  GLN A OE1 1 
ATOM   649 N NE2 . GLN A 1 94  ? 4.739   17.429  15.150  1.00 40.87 ? 95  GLN A NE2 1 
ATOM   650 N N   . GLN A 1 95  ? -1.611  15.337  12.819  1.00 20.12 ? 96  GLN A N   1 
ATOM   651 C CA  . GLN A 1 95  ? -2.455  14.250  12.333  1.00 22.06 ? 96  GLN A CA  1 
ATOM   652 C C   . GLN A 1 95  ? -2.934  14.491  10.907  1.00 29.80 ? 96  GLN A C   1 
ATOM   653 O O   . GLN A 1 95  ? -3.446  15.564  10.583  1.00 22.30 ? 96  GLN A O   1 
ATOM   654 C CB  . GLN A 1 95  ? -3.662  14.050  13.250  1.00 22.13 ? 96  GLN A CB  1 
ATOM   655 C CG  . GLN A 1 95  ? -4.491  12.826  12.892  1.00 27.63 ? 96  GLN A CG  1 
ATOM   656 C CD  . GLN A 1 95  ? -5.701  12.645  13.793  1.00 43.86 ? 96  GLN A CD  1 
ATOM   657 O OE1 . GLN A 1 95  ? -6.410  13.603  14.098  1.00 45.13 ? 96  GLN A OE1 1 
ATOM   658 N NE2 . GLN A 1 95  ? -5.939  11.410  14.225  1.00 43.23 ? 96  GLN A NE2 1 
ATOM   659 N N   . GLU A 1 96  ? -2.752  13.483  10.061  1.00 20.25 ? 97  GLU A N   1 
ATOM   660 C CA  . GLU A 1 96  ? -3.237  13.515  8.691   1.00 15.77 ? 97  GLU A CA  1 
ATOM   661 C C   . GLU A 1 96  ? -3.657  12.105  8.307   1.00 22.30 ? 97  GLU A C   1 
ATOM   662 O O   . GLU A 1 96  ? -2.934  11.143  8.580   1.00 14.87 ? 97  GLU A O   1 
ATOM   663 C CB  . GLU A 1 96  ? -2.141  14.024  7.749   1.00 20.19 ? 97  GLU A CB  1 
ATOM   664 C CG  . GLU A 1 96  ? -2.513  14.004  6.270   1.00 20.31 ? 97  GLU A CG  1 
ATOM   665 C CD  . GLU A 1 96  ? -1.415  14.570  5.393   1.00 31.48 ? 97  GLU A CD  1 
ATOM   666 O OE1 . GLU A 1 96  ? -0.397  15.038  5.945   1.00 26.09 ? 97  GLU A OE1 1 
ATOM   667 O OE2 . GLU A 1 96  ? -1.568  14.551  4.153   1.00 29.54 ? 97  GLU A OE2 1 
ATOM   668 N N   . LYS A 1 97  ? -4.831  11.978  7.695   1.00 24.96 ? 98  LYS A N   1 
ATOM   669 C CA  . LYS A 1 97  ? -5.302  10.683  7.223   1.00 20.89 ? 98  LYS A CA  1 
ATOM   670 C C   . LYS A 1 97  ? -5.521  10.707  5.714   1.00 19.27 ? 98  LYS A C   1 
ATOM   671 O O   . LYS A 1 97  ? -6.015  11.697  5.164   1.00 16.36 ? 98  LYS A O   1 
ATOM   672 C CB  . LYS A 1 97  ? -6.599  10.279  7.929   1.00 23.34 ? 98  LYS A CB  1 
ATOM   673 C CG  . LYS A 1 97  ? -6.493  10.191  9.444   1.00 36.49 ? 98  LYS A CG  1 
ATOM   674 C CD  . LYS A 1 97  ? -7.560  9.266   10.009  1.00 44.03 ? 98  LYS A CD  1 
ATOM   675 C CE  . LYS A 1 97  ? -7.563  9.267   11.532  1.00 48.47 ? 98  LYS A CE  1 
ATOM   676 N NZ  . LYS A 1 97  ? -7.939  10.599  12.082  1.00 47.13 ? 98  LYS A NZ  1 
ATOM   677 N N   . LEU A 1 98  ? -5.145  9.617   5.052   1.00 17.68 ? 99  LEU A N   1 
ATOM   678 C CA  . LEU A 1 98  ? -5.346  9.477   3.615   1.00 17.80 ? 99  LEU A CA  1 
ATOM   679 C C   . LEU A 1 98  ? -6.209  8.260   3.324   1.00 18.17 ? 99  LEU A C   1 
ATOM   680 O O   . LEU A 1 98  ? -6.223  7.293   4.092   1.00 17.18 ? 99  LEU A O   1 
ATOM   681 C CB  . LEU A 1 98  ? -4.008  9.298   2.895   1.00 19.37 ? 99  LEU A CB  1 
ATOM   682 C CG  . LEU A 1 98  ? -2.904  10.344  3.005   1.00 18.28 ? 99  LEU A CG  1 
ATOM   683 C CD1 . LEU A 1 98  ? -1.668  9.854   2.270   1.00 13.18 ? 99  LEU A CD1 1 
ATOM   684 C CD2 . LEU A 1 98  ? -3.368  11.676  2.444   1.00 16.51 ? 99  LEU A CD2 1 
ATOM   685 N N   . ARG A 1 99  ? -6.933  8.303   2.214   1.00 10.48 ? 100 ARG A N   1 
ATOM   686 C CA  . ARG A 1 99  ? -7.551  7.097   1.681   1.00 14.62 ? 100 ARG A CA  1 
ATOM   687 C C   . ARG A 1 99  ? -6.950  6.901   0.299   1.00 17.60 ? 100 ARG A C   1 
ATOM   688 O O   . ARG A 1 99  ? -7.010  7.802   -0.535  1.00 16.96 ? 100 ARG A O   1 
ATOM   689 C CB  . ARG A 1 99  ? -9.072  7.243   1.597   1.00 17.92 ? 100 ARG A CB  1 
ATOM   690 C CG  . ARG A 1 99  ? -9.792  5.947   1.228   1.00 26.75 ? 100 ARG A CG  1 
ATOM   691 C CD  . ARG A 1 99  ? -11.255 6.193   0.882   1.00 39.63 ? 100 ARG A CD  1 
ATOM   692 N NE  . ARG A 1 99  ? -12.028 4.956   0.904   1.00 38.75 ? 100 ARG A NE  1 
ATOM   693 C CZ  . ARG A 1 99  ? -12.573 4.449   2.003   1.00 42.86 ? 100 ARG A CZ  1 
ATOM   694 N NH1 . ARG A 1 99  ? -12.416 5.070   3.167   1.00 40.68 ? 100 ARG A NH1 1 
ATOM   695 N NH2 . ARG A 1 99  ? -13.258 3.315   1.949   1.00 40.18 ? 100 ARG A NH2 1 
ATOM   696 N N   . CYS A 1 100 ? -6.353  5.735   0.065   1.00 21.91 ? 101 CYS A N   1 
ATOM   697 C CA  . CYS A 1 100 ? -5.583  5.510   -1.155  1.00 18.33 ? 101 CYS A CA  1 
ATOM   698 C C   . CYS A 1 100 ? -6.026  4.278   -1.943  1.00 24.86 ? 101 CYS A C   1 
ATOM   699 O O   . CYS A 1 100 ? -6.438  3.263   -1.373  1.00 18.54 ? 101 CYS A O   1 
ATOM   700 C CB  . CYS A 1 100 ? -4.092  5.365   -0.826  1.00 21.11 ? 101 CYS A CB  1 
ATOM   701 S SG  . CYS A 1 100 ? -3.349  6.726   0.096   1.00 21.04 ? 101 CYS A SG  1 
ATOM   702 N N   . ASP A 1 101 ? -5.931  4.380   -3.264  1.00 23.24 ? 102 ASP A N   1 
ATOM   703 C CA  . ASP A 1 101 ? -6.004  3.209   -4.121  1.00 20.77 ? 102 ASP A CA  1 
ATOM   704 C C   . ASP A 1 101 ? -4.574  2.892   -4.549  1.00 26.77 ? 102 ASP A C   1 
ATOM   705 O O   . ASP A 1 101 ? -3.875  3.769   -5.059  1.00 23.78 ? 102 ASP A O   1 
ATOM   706 C CB  . ASP A 1 101 ? -6.888  3.488   -5.345  1.00 24.35 ? 102 ASP A CB  1 
ATOM   707 C CG  . ASP A 1 101 ? -8.313  3.880   -4.970  1.00 35.69 ? 102 ASP A CG  1 
ATOM   708 O OD1 . ASP A 1 101 ? -8.853  3.311   -3.998  1.00 26.36 ? 102 ASP A OD1 1 
ATOM   709 O OD2 . ASP A 1 101 ? -8.893  4.753   -5.656  1.00 39.04 ? 102 ASP A OD2 1 
ATOM   710 N N   . PHE A 1 102 ? -4.124  1.661   -4.312  1.00 18.15 ? 103 PHE A N   1 
ATOM   711 C CA  . PHE A 1 102 ? -2.803  1.238   -4.772  1.00 15.12 ? 103 PHE A CA  1 
ATOM   712 C C   . PHE A 1 102 ? -2.917  0.074   -5.750  1.00 18.48 ? 103 PHE A C   1 
ATOM   713 O O   . PHE A 1 102 ? -3.742  -0.824  -5.565  1.00 15.54 ? 103 PHE A O   1 
ATOM   714 C CB  . PHE A 1 102 ? -1.917  0.791   -3.601  1.00 17.42 ? 103 PHE A CB  1 
ATOM   715 C CG  . PHE A 1 102 ? -1.564  1.887   -2.636  1.00 22.66 ? 103 PHE A CG  1 
ATOM   716 C CD1 . PHE A 1 102 ? -0.866  3.013   -3.054  1.00 16.37 ? 103 PHE A CD1 1 
ATOM   717 C CD2 . PHE A 1 102 ? -1.897  1.769   -1.297  1.00 21.89 ? 103 PHE A CD2 1 
ATOM   718 C CE1 . PHE A 1 102 ? -0.526  4.015   -2.150  1.00 22.29 ? 103 PHE A CE1 1 
ATOM   719 C CE2 . PHE A 1 102 ? -1.568  2.759   -0.394  1.00 19.10 ? 103 PHE A CE2 1 
ATOM   720 C CZ  . PHE A 1 102 ? -0.880  3.883   -0.817  1.00 13.16 ? 103 PHE A CZ  1 
ATOM   721 N N   . GLU A 1 103 ? -2.090  0.091   -6.792  1.00 17.07 ? 104 GLU A N   1 
ATOM   722 C CA  . GLU A 1 103 ? -1.919  -1.093  -7.630  1.00 14.55 ? 104 GLU A CA  1 
ATOM   723 C C   . GLU A 1 103 ? -0.502  -1.615  -7.456  1.00 20.19 ? 104 GLU A C   1 
ATOM   724 O O   . GLU A 1 103 ? 0.465   -0.920  -7.771  1.00 17.57 ? 104 GLU A O   1 
ATOM   725 C CB  . GLU A 1 103 ? -2.175  -0.789  -9.103  1.00 16.83 ? 104 GLU A CB  1 
ATOM   726 C CG  . GLU A 1 103 ? -1.914  -1.995  -10.011 1.00 15.61 ? 104 GLU A CG  1 
ATOM   727 C CD  . GLU A 1 103 ? -2.195  -1.706  -11.468 1.00 22.51 ? 104 GLU A CD  1 
ATOM   728 O OE1 . GLU A 1 103 ? -2.592  -0.564  -11.777 1.00 22.09 ? 104 GLU A OE1 1 
ATOM   729 O OE2 . GLU A 1 103 ? -2.015  -2.620  -12.303 1.00 23.89 ? 104 GLU A OE2 1 
ATOM   730 N N   . VAL A 1 104 ? -0.375  -2.838  -6.954  1.00 17.13 ? 105 VAL A N   1 
ATOM   731 C CA  . VAL A 1 104 ? 0.941   -3.399  -6.680  1.00 15.75 ? 105 VAL A CA  1 
ATOM   732 C C   . VAL A 1 104 ? 1.244   -4.576  -7.605  1.00 16.89 ? 105 VAL A C   1 
ATOM   733 O O   . VAL A 1 104 ? 0.413   -5.476  -7.771  1.00 14.27 ? 105 VAL A O   1 
ATOM   734 C CB  . VAL A 1 104 ? 1.065   -3.834  -5.207  1.00 13.83 ? 105 VAL A CB  1 
ATOM   735 C CG1 . VAL A 1 104 ? 2.475   -4.303  -4.917  1.00 25.17 ? 105 VAL A CG1 1 
ATOM   736 C CG2 . VAL A 1 104 ? 0.706   -2.687  -4.283  1.00 14.63 ? 105 VAL A CG2 1 
ATOM   737 N N   . LEU A 1 105 ? 2.431   -4.563  -8.209  1.00 14.60 ? 106 LEU A N   1 
ATOM   738 C CA  . LEU A 1 105 ? 2.889   -5.670  -9.046  1.00 18.33 ? 106 LEU A CA  1 
ATOM   739 C C   . LEU A 1 105 ? 3.848   -6.580  -8.274  1.00 20.49 ? 106 LEU A C   1 
ATOM   740 O O   . LEU A 1 105 ? 4.825   -6.110  -7.690  1.00 22.40 ? 106 LEU A O   1 
ATOM   741 C CB  . LEU A 1 105 ? 3.565   -5.136  -10.316 1.00 18.75 ? 106 LEU A CB  1 
ATOM   742 C CG  . LEU A 1 105 ? 4.172   -6.165  -11.270 1.00 27.12 ? 106 LEU A CG  1 
ATOM   743 C CD1 . LEU A 1 105 ? 3.084   -7.051  -11.855 1.00 11.42 ? 106 LEU A CD1 1 
ATOM   744 C CD2 . LEU A 1 105 ? 4.956   -5.477  -12.370 1.00 24.29 ? 106 LEU A CD2 1 
ATOM   745 N N   . VAL A 1 106 ? 3.558   -7.880  -8.260  1.00 13.17 ? 107 VAL A N   1 
ATOM   746 C CA  . VAL A 1 106 ? 4.434   -8.865  -7.631  1.00 15.92 ? 107 VAL A CA  1 
ATOM   747 C C   . VAL A 1 106 ? 4.890   -9.906  -8.656  1.00 20.01 ? 107 VAL A C   1 
ATOM   748 O O   . VAL A 1 106 ? 4.059   -10.537 -9.311  1.00 19.43 ? 107 VAL A O   1 
ATOM   749 C CB  . VAL A 1 106 ? 3.726   -9.585  -6.462  1.00 20.65 ? 107 VAL A CB  1 
ATOM   750 C CG1 . VAL A 1 106 ? 4.647   -10.615 -5.843  1.00 19.42 ? 107 VAL A CG1 1 
ATOM   751 C CG2 . VAL A 1 106 ? 3.261   -8.585  -5.407  1.00 18.57 ? 107 VAL A CG2 1 
ATOM   752 N N   . VAL A 1 107 ? 6.204   -10.073 -8.803  1.00 17.46 ? 108 VAL A N   1 
ATOM   753 C CA  . VAL A 1 107 ? 6.767   -11.080 -9.706  1.00 19.24 ? 108 VAL A CA  1 
ATOM   754 C C   . VAL A 1 107 ? 7.758   -11.976 -8.949  1.00 22.89 ? 108 VAL A C   1 
ATOM   755 O O   . VAL A 1 107 ? 8.489   -11.505 -8.076  1.00 18.62 ? 108 VAL A O   1 
ATOM   756 C CB  . VAL A 1 107 ? 7.436   -10.441 -10.949 1.00 26.64 ? 108 VAL A CB  1 
ATOM   757 C CG1 . VAL A 1 107 ? 6.432   -9.602  -11.732 1.00 19.70 ? 108 VAL A CG1 1 
ATOM   758 C CG2 . VAL A 1 107 ? 8.606   -9.585  -10.539 1.00 28.30 ? 108 VAL A CG2 1 
ATOM   759 N N   . PRO A 1 108 ? 7.778   -13.280 -9.274  1.00 24.16 ? 109 PRO A N   1 
ATOM   760 C CA  . PRO A 1 108 ? 8.564   -14.250 -8.497  1.00 19.81 ? 109 PRO A CA  1 
ATOM   761 C C   . PRO A 1 108 ? 10.078  -14.116 -8.676  1.00 34.09 ? 109 PRO A C   1 
ATOM   762 O O   . PRO A 1 108 ? 10.832  -14.654 -7.862  1.00 36.81 ? 109 PRO A O   1 
ATOM   763 C CB  . PRO A 1 108 ? 8.111   -15.604 -9.063  1.00 35.78 ? 109 PRO A CB  1 
ATOM   764 C CG  . PRO A 1 108 ? 6.873   -15.322 -9.884  1.00 32.29 ? 109 PRO A CG  1 
ATOM   765 C CD  . PRO A 1 108 ? 7.040   -13.925 -10.375 1.00 29.06 ? 109 PRO A CD  1 
ATOM   766 N N   . TRP A 1 109 ? 10.513  -13.430 -9.731  1.00 32.94 ? 110 TRP A N   1 
ATOM   767 C CA  . TRP A 1 109 ? 11.943  -13.264 -9.994  1.00 29.91 ? 110 TRP A CA  1 
ATOM   768 C C   . TRP A 1 109 ? 12.529  -12.007 -9.337  1.00 34.75 ? 110 TRP A C   1 
ATOM   769 O O   . TRP A 1 109 ? 13.746  -11.826 -9.301  1.00 38.17 ? 110 TRP A O   1 
ATOM   770 C CB  . TRP A 1 109 ? 12.240  -13.310 -11.502 1.00 32.38 ? 110 TRP A CB  1 
ATOM   771 C CG  . TRP A 1 109 ? 11.468  -12.323 -12.331 1.00 22.51 ? 110 TRP A CG  1 
ATOM   772 C CD1 . TRP A 1 109 ? 11.786  -11.016 -12.557 1.00 30.47 ? 110 TRP A CD1 1 
ATOM   773 C CD2 . TRP A 1 109 ? 10.260  -12.574 -13.064 1.00 27.49 ? 110 TRP A CD2 1 
ATOM   774 N NE1 . TRP A 1 109 ? 10.847  -10.437 -13.377 1.00 23.65 ? 110 TRP A NE1 1 
ATOM   775 C CE2 . TRP A 1 109 ? 9.899   -11.372 -13.702 1.00 25.56 ? 110 TRP A CE2 1 
ATOM   776 C CE3 . TRP A 1 109 ? 9.448   -13.700 -13.241 1.00 28.93 ? 110 TRP A CE3 1 
ATOM   777 C CZ2 . TRP A 1 109 ? 8.757   -11.261 -14.502 1.00 27.96 ? 110 TRP A CZ2 1 
ATOM   778 C CZ3 . TRP A 1 109 ? 8.313   -13.588 -14.033 1.00 26.94 ? 110 TRP A CZ3 1 
ATOM   779 C CH2 . TRP A 1 109 ? 7.980   -12.378 -14.653 1.00 22.77 ? 110 TRP A CH2 1 
ATOM   780 N N   . GLN A 1 110 ? 11.661  -11.153 -8.799  1.00 33.72 ? 111 GLN A N   1 
ATOM   781 C CA  . GLN A 1 110 ? 12.107  -9.974  -8.056  1.00 36.30 ? 111 GLN A CA  1 
ATOM   782 C C   . GLN A 1 110 ? 11.705  -10.071 -6.592  1.00 42.46 ? 111 GLN A C   1 
ATOM   783 O O   . GLN A 1 110 ? 10.609  -10.534 -6.268  1.00 42.91 ? 111 GLN A O   1 
ATOM   784 C CB  . GLN A 1 110 ? 11.530  -8.691  -8.664  1.00 43.71 ? 111 GLN A CB  1 
ATOM   785 C CG  . GLN A 1 110 ? 12.383  -8.066  -9.762  1.00 34.53 ? 111 GLN A CG  1 
ATOM   786 C CD  . GLN A 1 110 ? 11.665  -6.951  -10.495 1.00 40.63 ? 111 GLN A CD  1 
ATOM   787 O OE1 . GLN A 1 110 ? 10.534  -7.117  -10.950 1.00 50.81 ? 111 GLN A OE1 1 
ATOM   788 N NE2 . GLN A 1 110 ? 12.319  -5.805  -10.615 1.00 36.31 ? 111 GLN A NE2 1 
ATOM   789 N N   . ASN A 1 111 ? 12.593  -9.624  -5.709  1.00 40.64 ? 112 ASN A N   1 
ATOM   790 C CA  . ASN A 1 111 ? 12.312  -9.623  -4.280  1.00 47.49 ? 112 ASN A CA  1 
ATOM   791 C C   . ASN A 1 111 ? 11.426  -8.444  -3.881  1.00 45.48 ? 112 ASN A C   1 
ATOM   792 O O   . ASN A 1 111 ? 10.536  -8.579  -3.039  1.00 41.13 ? 112 ASN A O   1 
ATOM   793 C CB  . ASN A 1 111 ? 13.617  -9.625  -3.475  1.00 46.58 ? 112 ASN A CB  1 
ATOM   794 C CG  . ASN A 1 111 ? 14.424  -10.900 -3.673  1.00 58.81 ? 112 ASN A CG  1 
ATOM   795 O OD1 . ASN A 1 111 ? 14.197  -11.649 -4.622  1.00 58.31 ? 112 ASN A OD1 1 
ATOM   796 N ND2 . ASN A 1 111 ? 15.371  -11.150 -2.775  1.00 61.50 ? 112 ASN A ND2 1 
ATOM   797 N N   . SER A 1 112 ? 11.665  -7.292  -4.498  1.00 45.56 ? 113 SER A N   1 
ATOM   798 C CA  . SER A 1 112 ? 10.878  -6.098  -4.212  1.00 42.40 ? 113 SER A CA  1 
ATOM   799 C C   . SER A 1 112 ? 9.637   -6.025  -5.099  1.00 44.66 ? 113 SER A C   1 
ATOM   800 O O   . SER A 1 112 ? 9.741   -6.003  -6.326  1.00 42.53 ? 113 SER A O   1 
ATOM   801 C CB  . SER A 1 112 ? 11.727  -4.841  -4.407  1.00 44.22 ? 113 SER A CB  1 
ATOM   802 O OG  . SER A 1 112 ? 12.929  -4.919  -3.664  1.00 48.83 ? 113 SER A OG  1 
ATOM   803 N N   . SER A 1 113 ? 8.463   -5.999  -4.472  1.00 37.01 ? 114 SER A N   1 
ATOM   804 C CA  . SER A 1 113 ? 7.218   -5.791  -5.201  1.00 28.72 ? 114 SER A CA  1 
ATOM   805 C C   . SER A 1 113 ? 7.115   -4.324  -5.585  1.00 31.64 ? 114 SER A C   1 
ATOM   806 O O   . SER A 1 113 ? 7.581   -3.458  -4.847  1.00 28.77 ? 114 SER A O   1 
ATOM   807 C CB  . SER A 1 113 ? 6.017   -6.194  -4.349  1.00 30.12 ? 114 SER A CB  1 
ATOM   808 O OG  . SER A 1 113 ? 6.131   -7.531  -3.905  1.00 29.18 ? 114 SER A OG  1 
ATOM   809 N N   . GLN A 1 114 ? 6.503   -4.042  -6.734  1.00 29.33 ? 115 GLN A N   1 
ATOM   810 C CA  . GLN A 1 114 ? 6.468   -2.676  -7.255  1.00 24.30 ? 115 GLN A CA  1 
ATOM   811 C C   . GLN A 1 114 ? 5.088   -2.035  -7.159  1.00 23.59 ? 115 GLN A C   1 
ATOM   812 O O   . GLN A 1 114 ? 4.075   -2.676  -7.463  1.00 23.64 ? 115 GLN A O   1 
ATOM   813 C CB  . GLN A 1 114 ? 6.916   -2.651  -8.719  1.00 30.45 ? 115 GLN A CB  1 
ATOM   814 C CG  . GLN A 1 114 ? 8.333   -3.142  -8.986  1.00 35.45 ? 115 GLN A CG  1 
ATOM   815 C CD  . GLN A 1 114 ? 8.712   -3.024  -10.458 1.00 50.12 ? 115 GLN A CD  1 
ATOM   816 O OE1 . GLN A 1 114 ? 7.845   -3.000  -11.334 1.00 49.80 ? 115 GLN A OE1 1 
ATOM   817 N NE2 . GLN A 1 114 ? 10.010  -2.946  -10.734 1.00 46.74 ? 115 GLN A NE2 1 
ATOM   818 N N   . LEU A 1 115 ? 5.055   -0.770  -6.741  1.00 20.09 ? 116 LEU A N   1 
ATOM   819 C CA  . LEU A 1 115 ? 3.826   0.022   -6.758  1.00 17.61 ? 116 LEU A CA  1 
ATOM   820 C C   . LEU A 1 115 ? 3.685   0.672   -8.128  1.00 25.95 ? 116 LEU A C   1 
ATOM   821 O O   . LEU A 1 115 ? 4.419   1.602   -8.454  1.00 29.12 ? 116 LEU A O   1 
ATOM   822 C CB  . LEU A 1 115 ? 3.848   1.099   -5.660  1.00 22.47 ? 116 LEU A CB  1 
ATOM   823 C CG  . LEU A 1 115 ? 2.598   1.977   -5.522  1.00 25.55 ? 116 LEU A CG  1 
ATOM   824 C CD1 . LEU A 1 115 ? 1.386   1.127   -5.189  1.00 16.41 ? 116 LEU A CD1 1 
ATOM   825 C CD2 . LEU A 1 115 ? 2.779   3.070   -4.477  1.00 19.00 ? 116 LEU A CD2 1 
ATOM   826 N N   . LEU A 1 116 ? 2.752   0.170   -8.936  1.00 18.29 ? 117 LEU A N   1 
ATOM   827 C CA  . LEU A 1 116 ? 2.563   0.680   -10.293 1.00 22.64 ? 117 LEU A CA  1 
ATOM   828 C C   . LEU A 1 116 ? 1.807   2.002   -10.321 1.00 19.76 ? 117 LEU A C   1 
ATOM   829 O O   . LEU A 1 116 ? 2.225   2.948   -10.988 1.00 23.62 ? 117 LEU A O   1 
ATOM   830 C CB  . LEU A 1 116 ? 1.825   -0.339  -11.161 1.00 17.48 ? 117 LEU A CB  1 
ATOM   831 C CG  . LEU A 1 116 ? 2.534   -1.660  -11.459 1.00 18.54 ? 117 LEU A CG  1 
ATOM   832 C CD1 . LEU A 1 116 ? 1.678   -2.542  -12.360 1.00 16.98 ? 117 LEU A CD1 1 
ATOM   833 C CD2 . LEU A 1 116 ? 3.881   -1.407  -12.090 1.00 23.63 ? 117 LEU A CD2 1 
ATOM   834 N N   . LYS A 1 117 ? 0.676   2.053   -9.621  1.00 15.11 ? 118 LYS A N   1 
ATOM   835 C CA  . LYS A 1 117 ? -0.154  3.250   -9.595  1.00 16.40 ? 118 LYS A CA  1 
ATOM   836 C C   . LYS A 1 117 ? -0.574  3.552   -8.173  1.00 20.10 ? 118 LYS A C   1 
ATOM   837 O O   . LYS A 1 117 ? -0.591  2.661   -7.322  1.00 18.14 ? 118 LYS A O   1 
ATOM   838 C CB  . LYS A 1 117 ? -1.409  3.061   -10.455 1.00 16.87 ? 118 LYS A CB  1 
ATOM   839 C CG  . LYS A 1 117 ? -1.129  2.745   -11.911 1.00 25.26 ? 118 LYS A CG  1 
ATOM   840 C CD  . LYS A 1 117 ? -2.418  2.673   -12.715 1.00 29.24 ? 118 LYS A CD  1 
ATOM   841 C CE  . LYS A 1 117 ? -2.128  2.473   -14.197 1.00 37.97 ? 118 LYS A CE  1 
ATOM   842 N NZ  . LYS A 1 117 ? -3.355  2.090   -14.949 1.00 44.28 ? 118 LYS A NZ  1 
ATOM   843 N N   . HIS A 1 118 ? -0.904  4.812   -7.916  1.00 15.81 ? 119 HIS A N   1 
ATOM   844 C CA  . HIS A 1 118 ? -1.509  5.191   -6.648  1.00 19.92 ? 119 HIS A CA  1 
ATOM   845 C C   . HIS A 1 118 ? -2.284  6.495   -6.783  1.00 27.65 ? 119 HIS A C   1 
ATOM   846 O O   . HIS A 1 118 ? -1.905  7.387   -7.548  1.00 24.05 ? 119 HIS A O   1 
ATOM   847 C CB  . HIS A 1 118 ? -0.463  5.297   -5.533  1.00 16.92 ? 119 HIS A CB  1 
ATOM   848 C CG  . HIS A 1 118 ? 0.385   6.528   -5.607  1.00 29.12 ? 119 HIS A CG  1 
ATOM   849 N ND1 . HIS A 1 118 ? 1.620   6.546   -6.216  1.00 27.18 ? 119 HIS A ND1 1 
ATOM   850 C CD2 . HIS A 1 118 ? 0.179   7.782   -5.134  1.00 25.95 ? 119 HIS A CD2 1 
ATOM   851 C CE1 . HIS A 1 118 ? 2.138   7.760   -6.124  1.00 29.72 ? 119 HIS A CE1 1 
ATOM   852 N NE2 . HIS A 1 118 ? 1.282   8.526   -5.471  1.00 35.40 ? 119 HIS A NE2 1 
ATOM   853 N N   . ASN A 1 119 ? -3.385  6.587   -6.050  1.00 23.23 ? 120 ASN A N   1 
ATOM   854 C CA  . ASN A 1 119 ? -4.149  7.818   -5.959  1.00 24.00 ? 120 ASN A CA  1 
ATOM   855 C C   . ASN A 1 119 ? -4.584  7.978   -4.514  1.00 24.84 ? 120 ASN A C   1 
ATOM   856 O O   . ASN A 1 119 ? -5.383  7.187   -4.012  1.00 25.99 ? 120 ASN A O   1 
ATOM   857 C CB  . ASN A 1 119 ? -5.356  7.767   -6.898  1.00 25.68 ? 120 ASN A CB  1 
ATOM   858 C CG  . ASN A 1 119 ? -6.268  8.980   -6.762  1.00 35.05 ? 120 ASN A CG  1 
ATOM   859 O OD1 . ASN A 1 119 ? -5.904  9.994   -6.165  1.00 39.27 ? 120 ASN A OD1 1 
ATOM   860 N ND2 . ASN A 1 119 ? -7.463  8.876   -7.327  1.00 44.91 ? 120 ASN A ND2 1 
ATOM   861 N N   . CYS A 1 120 ? -4.038  8.990   -3.845  1.00 19.63 ? 121 CYS A N   1 
ATOM   862 C CA  . CYS A 1 120 ? -4.392  9.254   -2.456  1.00 20.63 ? 121 CYS A CA  1 
ATOM   863 C C   . CYS A 1 120 ? -5.208  10.532  -2.319  1.00 24.35 ? 121 CYS A C   1 
ATOM   864 O O   . CYS A 1 120 ? -5.165  11.415  -3.181  1.00 27.93 ? 121 CYS A O   1 
ATOM   865 C CB  . CYS A 1 120 ? -3.147  9.311   -1.572  1.00 19.82 ? 121 CYS A CB  1 
ATOM   866 S SG  . CYS A 1 120 ? -2.334  7.706   -1.367  1.00 25.59 ? 121 CYS A SG  1 
ATOM   867 N N   . VAL A 1 121 ? -5.946  10.612  -1.220  1.00 23.60 ? 122 VAL A N   1 
ATOM   868 C CA  . VAL A 1 121 ? -6.928  11.659  -0.998  1.00 21.92 ? 122 VAL A CA  1 
ATOM   869 C C   . VAL A 1 121 ? -6.974  11.950  0.494   1.00 20.11 ? 122 VAL A C   1 
ATOM   870 O O   . VAL A 1 121 ? -7.138  11.032  1.300   1.00 14.22 ? 122 VAL A O   1 
ATOM   871 C CB  . VAL A 1 121 ? -8.311  11.201  -1.507  1.00 28.73 ? 122 VAL A CB  1 
ATOM   872 C CG1 . VAL A 1 121 ? -9.427  11.828  -0.707  1.00 25.88 ? 122 VAL A CG1 1 
ATOM   873 C CG2 . VAL A 1 121 ? -8.463  11.510  -2.992  1.00 28.21 ? 122 VAL A CG2 1 
ATOM   874 N N   . GLN A 1 122 ? -6.809  13.220  0.861   1.00 23.39 ? 123 GLN A N   1 
ATOM   875 C CA  . GLN A 1 122 ? -6.803  13.628  2.264   1.00 16.97 ? 123 GLN A CA  1 
ATOM   876 C C   . GLN A 1 122 ? -8.197  13.544  2.865   1.00 23.83 ? 123 GLN A C   1 
ATOM   877 O O   . GLN A 1 122 ? -9.139  14.124  2.322   1.00 21.43 ? 123 GLN A O   1 
ATOM   878 C CB  . GLN A 1 122 ? -6.288  15.064  2.404   1.00 23.26 ? 123 GLN A CB  1 
ATOM   879 C CG  . GLN A 1 122 ? -4.786  15.211  2.238   1.00 27.81 ? 123 GLN A CG  1 
ATOM   880 C CD  . GLN A 1 122 ? -4.278  16.545  2.755   1.00 39.99 ? 123 GLN A CD  1 
ATOM   881 O OE1 . GLN A 1 122 ? -3.858  17.403  1.980   1.00 38.67 ? 123 GLN A OE1 1 
ATOM   882 N NE2 . GLN A 1 122 ? -4.316  16.723  4.073   1.00 28.56 ? 123 GLN A NE2 1 
ATOM   883 N N   . MET A 1 123 ? -8.321  12.829  3.983   1.00 23.03 ? 124 MET A N   1 
ATOM   884 C CA  . MET A 1 123 ? -9.599  12.678  4.681   1.00 25.70 ? 124 MET A CA  1 
ATOM   885 C C   . MET A 1 123 ? -9.785  13.740  5.758   1.00 27.37 ? 124 MET A C   1 
ATOM   886 O O   . MET A 1 123 ? -8.812  14.203  6.361   1.00 32.57 ? 124 MET A O   1 
ATOM   887 C CB  . MET A 1 123 ? -9.696  11.294  5.328   1.00 21.57 ? 124 MET A CB  1 
ATOM   888 C CG  . MET A 1 123 ? -9.697  10.136  4.350   1.00 24.00 ? 124 MET A CG  1 
ATOM   889 S SD  . MET A 1 123 ? -10.077 8.578   5.175   1.00 29.90 ? 124 MET A SD  1 
ATOM   890 C CE  . MET A 1 123 ? -11.544 9.060   6.079   1.00 33.19 ? 124 MET A CE  1 
ATOM   891 N N   . LEU A 1 124 ? -11.036 14.129  5.998   1.00 29.87 ? 125 LEU A N   1 
ATOM   892 C CA  . LEU A 1 124 ? -11.348 15.097  7.048   1.00 38.13 ? 125 LEU A CA  1 
ATOM   893 C C   . LEU A 1 124 ? -11.200 14.463  8.432   1.00 42.23 ? 125 LEU A C   1 
ATOM   894 O O   . LEU A 1 124 ? -11.618 13.322  8.655   1.00 43.46 ? 125 LEU A O   1 
ATOM   895 C CB  . LEU A 1 124 ? -12.763 15.660  6.869   1.00 32.45 ? 125 LEU A CB  1 
ATOM   896 C CG  . LEU A 1 124 ? -12.912 17.151  6.550   1.00 35.17 ? 125 LEU A CG  1 
ATOM   897 C CD1 . LEU A 1 124 ? -12.482 17.478  5.129   1.00 32.70 ? 125 LEU A CD1 1 
ATOM   898 C CD2 . LEU A 1 124 ? -14.340 17.634  6.812   1.00 34.98 ? 125 LEU A CD2 1 
HETATM 899 O O   . HOH B 2 .   ? 8.005   3.059   4.716   1.00 12.57 ? 201 HOH A O   1 
HETATM 900 O O   . HOH B 2 .   ? 7.855   0.211   5.609   1.00 21.06 ? 202 HOH A O   1 
HETATM 901 O O   . HOH B 2 .   ? -3.142  20.850  11.873  1.00 19.42 ? 203 HOH A O   1 
HETATM 902 O O   . HOH B 2 .   ? 5.541   9.739   3.666   1.00 15.19 ? 204 HOH A O   1 
HETATM 903 O O   . HOH B 2 .   ? -2.037  10.517  12.109  1.00 18.07 ? 205 HOH A O   1 
HETATM 904 O O   . HOH B 2 .   ? 5.946   -1.104  4.677   1.00 21.04 ? 206 HOH A O   1 
HETATM 905 O O   . HOH B 2 .   ? 1.086   16.995  16.809  1.00 28.38 ? 207 HOH A O   1 
HETATM 906 O O   . HOH B 2 .   ? 2.275   -0.710  10.214  1.00 24.71 ? 208 HOH A O   1 
HETATM 907 O O   . HOH B 2 .   ? 9.758   3.535   2.465   1.00 21.10 ? 209 HOH A O   1 
HETATM 908 O O   . HOH B 2 .   ? -4.158  -6.794  -16.180 1.00 21.84 ? 210 HOH A O   1 
HETATM 909 O O   . HOH B 2 .   ? -11.488 -7.239  -0.025  1.00 18.46 ? 211 HOH A O   1 
HETATM 910 O O   . HOH B 2 .   ? -6.627  -14.224 -11.292 1.00 20.48 ? 212 HOH A O   1 
HETATM 911 O O   . HOH B 2 .   ? 7.976   -8.666  -7.037  1.00 30.00 ? 213 HOH A O   1 
HETATM 912 O O   . HOH B 2 .   ? 3.798   13.678  12.068  1.00 26.21 ? 214 HOH A O   1 
HETATM 913 O O   . HOH B 2 .   ? -13.907 -13.061 -10.364 1.00 26.52 ? 215 HOH A O   1 
HETATM 914 O O   . HOH B 2 .   ? 4.127   -7.954  -2.107  1.00 27.34 ? 216 HOH A O   1 
HETATM 915 O O   . HOH B 2 .   ? 12.026  14.173  3.744   1.00 30.21 ? 217 HOH A O   1 
HETATM 916 O O   . HOH B 2 .   ? 0.156   6.777   -9.889  1.00 24.65 ? 218 HOH A O   1 
HETATM 917 O O   . HOH B 2 .   ? -12.088 0.578   -3.546  1.00 26.11 ? 219 HOH A O   1 
HETATM 918 O O   . HOH B 2 .   ? 4.544   -1.779  8.862   1.00 30.19 ? 220 HOH A O   1 
HETATM 919 O O   . HOH B 2 .   ? 4.525   8.671   -2.999  1.00 29.16 ? 221 HOH A O   1 
HETATM 920 O O   . HOH B 2 .   ? 8.127   -1.258  -2.161  1.00 23.90 ? 222 HOH A O   1 
HETATM 921 O O   . HOH B 2 .   ? 7.601   -1.062  8.154   1.00 29.83 ? 223 HOH A O   1 
HETATM 922 O O   . HOH B 2 .   ? 0.238   4.875   17.698  1.00 20.56 ? 224 HOH A O   1 
HETATM 923 O O   . HOH B 2 .   ? 0.203   -5.041  5.718   1.00 23.45 ? 225 HOH A O   1 
HETATM 924 O O   . HOH B 2 .   ? -18.057 -9.380  -5.517  1.00 31.58 ? 226 HOH A O   1 
HETATM 925 O O   . HOH B 2 .   ? 13.272  4.656   5.016   1.00 35.46 ? 227 HOH A O   1 
HETATM 926 O O   . HOH B 2 .   ? -9.361  -2.352  -4.215  1.00 30.11 ? 228 HOH A O   1 
HETATM 927 O O   . HOH B 2 .   ? 10.844  10.527  0.707   1.00 37.85 ? 229 HOH A O   1 
HETATM 928 O O   . HOH B 2 .   ? 7.471   13.967  15.203  1.00 29.20 ? 230 HOH A O   1 
HETATM 929 O O   . HOH B 2 .   ? -4.040  -15.256 -2.048  1.00 32.77 ? 231 HOH A O   1 
HETATM 930 O O   . HOH B 2 .   ? 2.406   -10.013 -2.007  1.00 20.77 ? 232 HOH A O   1 
HETATM 931 O O   . HOH B 2 .   ? 11.692  5.754   2.592   1.00 32.01 ? 233 HOH A O   1 
HETATM 932 O O   . HOH B 2 .   ? -12.211 14.397  11.603  1.00 41.09 ? 234 HOH A O   1 
HETATM 933 O O   . HOH B 2 .   ? 11.453  1.254   2.867   1.00 34.59 ? 235 HOH A O   1 
HETATM 934 O O   . HOH B 2 .   ? 0.370   -1.774  11.980  1.00 30.86 ? 236 HOH A O   1 
HETATM 935 O O   . HOH B 2 .   ? -10.236 13.475  12.257  1.00 39.97 ? 237 HOH A O   1 
HETATM 936 O O   . HOH B 2 .   ? -16.295 -7.235  -5.499  1.00 29.26 ? 238 HOH A O   1 
HETATM 937 O O   . HOH B 2 .   ? -2.037  -0.098  11.066  1.00 29.43 ? 239 HOH A O   1 
HETATM 938 O O   . HOH B 2 .   ? -0.125  14.935  2.297   1.00 38.03 ? 240 HOH A O   1 
HETATM 939 O O   . HOH B 2 .   ? 1.556   -15.290 -12.879 1.00 28.71 ? 241 HOH A O   1 
HETATM 940 O O   . HOH B 2 .   ? 11.746  14.386  6.575   1.00 29.02 ? 242 HOH A O   1 
HETATM 941 O O   . HOH B 2 .   ? -5.692  -6.344  6.998   1.00 27.83 ? 243 HOH A O   1 
HETATM 942 O O   . HOH B 2 .   ? 1.978   15.041  9.675   1.00 26.99 ? 244 HOH A O   1 
HETATM 943 O O   . HOH B 2 .   ? 1.805   -12.457 -3.695  1.00 30.86 ? 245 HOH A O   1 
HETATM 944 O O   . HOH B 2 .   ? -14.013 -12.733 -6.727  1.00 29.84 ? 246 HOH A O   1 
HETATM 945 O O   . HOH B 2 .   ? -2.239  -16.470 0.862   1.00 28.76 ? 247 HOH A O   1 
HETATM 946 O O   . HOH B 2 .   ? -13.026 12.242  6.398   1.00 37.21 ? 248 HOH A O   1 
HETATM 947 O O   . HOH B 2 .   ? -15.751 -5.133  -6.145  1.00 34.68 ? 249 HOH A O   1 
HETATM 948 O O   . HOH B 2 .   ? -12.855 -7.320  -2.250  1.00 30.74 ? 250 HOH A O   1 
HETATM 949 O O   . HOH B 2 .   ? 13.030  1.706   4.525   1.00 40.39 ? 251 HOH A O   1 
HETATM 950 O O   . HOH B 2 .   ? 7.823   -9.456  -3.768  1.00 30.73 ? 252 HOH A O   1 
HETATM 951 O O   . HOH B 2 .   ? 10.632  13.637  1.969   1.00 29.02 ? 253 HOH A O   1 
HETATM 952 O O   . HOH B 2 .   ? 1.871   4.860   19.602  1.00 31.55 ? 254 HOH A O   1 
HETATM 953 O O   . HOH B 2 .   ? -7.802  -14.435 0.114   1.00 34.24 ? 255 HOH A O   1 
HETATM 954 O O   . HOH B 2 .   ? 1.837   14.201  7.370   1.00 32.38 ? 256 HOH A O   1 
HETATM 955 O O   . HOH B 2 .   ? -17.100 -6.213  -2.670  1.00 37.41 ? 257 HOH A O   1 
HETATM 956 O O   . HOH B 2 .   ? 8.313   -3.303  4.300   1.00 31.32 ? 258 HOH A O   1 
HETATM 957 O O   . HOH B 2 .   ? 1.993   13.833  16.935  1.00 26.58 ? 259 HOH A O   1 
HETATM 958 O O   . HOH B 2 .   ? 5.672   7.613   -5.453  1.00 34.56 ? 260 HOH A O   1 
HETATM 959 O O   . HOH B 2 .   ? -6.062  -3.970  7.767   1.00 27.63 ? 261 HOH A O   1 
HETATM 960 O O   . HOH B 2 .   ? 7.959   -4.499  1.687   1.00 34.18 ? 262 HOH A O   1 
HETATM 961 O O   . HOH B 2 .   ? 9.865   -0.132  -1.247  1.00 32.35 ? 263 HOH A O   1 
HETATM 962 O O   . HOH B 2 .   ? 1.084   10.224  18.488  1.00 33.41 ? 264 HOH A O   1 
HETATM 963 O O   . HOH B 2 .   ? -8.533  -13.249 -20.550 1.00 36.07 ? 265 HOH A O   1 
HETATM 964 O O   . HOH B 2 .   ? -6.504  14.408  7.004   1.00 32.63 ? 266 HOH A O   1 
HETATM 965 O O   . HOH B 2 .   ? -10.590 -2.115  -6.454  1.00 36.91 ? 267 HOH A O   1 
HETATM 966 O O   . HOH B 2 .   ? 10.976  0.075   4.851   1.00 41.66 ? 268 HOH A O   1 
HETATM 967 O O   . HOH B 2 .   ? 7.510   -6.366  -9.281  1.00 35.43 ? 269 HOH A O   1 
HETATM 968 O O   . HOH B 2 .   ? -3.612  10.153  16.290  1.00 31.61 ? 270 HOH A O   1 
HETATM 969 O O   . HOH B 2 .   ? 3.832   4.622   -7.540  1.00 24.35 ? 271 HOH A O   1 
HETATM 970 O O   . HOH B 2 .   ? -6.980  -16.691 -12.771 1.00 32.11 ? 272 HOH A O   1 
HETATM 971 O O   . HOH B 2 .   ? 8.884   -3.604  -0.193  1.00 32.32 ? 273 HOH A O   1 
HETATM 972 O O   . HOH B 2 .   ? -7.017  -16.275 2.264   1.00 34.68 ? 274 HOH A O   1 
HETATM 973 O O   . HOH B 2 .   ? 0.208   -3.213  9.566   1.00 40.00 ? 275 HOH A O   1 
HETATM 974 O O   . HOH B 2 .   ? 14.510  7.352   8.309   1.00 35.02 ? 276 HOH A O   1 
HETATM 975 O O   . HOH B 2 .   ? -3.695  7.879   17.298  1.00 35.17 ? 277 HOH A O   1 
HETATM 976 O O   . HOH B 2 .   ? -3.910  -11.913 9.899   1.00 32.12 ? 278 HOH A O   1 
HETATM 977 O O   . HOH B 2 .   ? -7.396  5.565   -8.192  1.00 40.09 ? 279 HOH A O   1 
HETATM 978 O O   . HOH B 2 .   ? 8.919   -3.220  8.530   1.00 33.37 ? 280 HOH A O   1 
HETATM 979 O O   . HOH B 2 .   ? 2.334   10.848  -3.513  1.00 34.55 ? 281 HOH A O   1 
HETATM 980 O O   . HOH B 2 .   ? 2.291   -11.758 5.263   1.00 32.90 ? 282 HOH A O   1 
HETATM 981 O O   . HOH B 2 .   ? -4.796  -9.706  10.199  1.00 39.71 ? 283 HOH A O   1 
HETATM 982 O O   . HOH B 2 .   ? -2.821  -0.034  -16.163 1.00 35.14 ? 284 HOH A O   1 
HETATM 983 O O   . HOH B 2 .   ? -4.617  0.334   -10.971 1.00 34.54 ? 285 HOH A O   1 
HETATM 984 O O   . HOH B 2 .   ? -15.774 11.304  7.117   1.00 42.96 ? 286 HOH A O   1 
HETATM 985 O O   . HOH B 2 .   ? 4.697   -4.301  9.556   1.00 36.48 ? 287 HOH A O   1 
HETATM 986 O O   . HOH B 2 .   ? -3.552  5.698   17.080  1.00 32.57 ? 288 HOH A O   1 
HETATM 987 O O   . HOH B 2 .   ? -5.988  -5.727  -18.276 1.00 37.43 ? 289 HOH A O   1 
HETATM 988 O O   . HOH B 2 .   ? 7.065   -0.060  -11.252 1.00 31.86 ? 290 HOH A O   1 
HETATM 989 O O   . HOH B 2 .   ? 9.426   11.109  -5.491  1.00 32.49 ? 291 HOH A O   1 
# 
